data_5F22
# 
_entry.id   5F22 
# 
_audit_conform.dict_name       mmcif_pdbx.dic 
_audit_conform.dict_version    5.398 
_audit_conform.dict_location   http://mmcif.pdb.org/dictionaries/ascii/mmcif_pdbx.dic 
# 
loop_
_database_2.database_id 
_database_2.database_code 
_database_2.pdbx_database_accession 
_database_2.pdbx_DOI 
PDB   5F22         pdb_00005f22 10.2210/pdb5f22/pdb 
WWPDB D_1000211230 ?            ?                   
# 
loop_
_pdbx_audit_revision_history.ordinal 
_pdbx_audit_revision_history.data_content_type 
_pdbx_audit_revision_history.major_revision 
_pdbx_audit_revision_history.minor_revision 
_pdbx_audit_revision_history.revision_date 
1 'Structure model' 1 0 2016-01-27 
2 'Structure model' 1 1 2016-02-03 
3 'Structure model' 1 2 2024-11-06 
# 
_pdbx_audit_revision_details.ordinal             1 
_pdbx_audit_revision_details.revision_ordinal    1 
_pdbx_audit_revision_details.data_content_type   'Structure model' 
_pdbx_audit_revision_details.provider            repository 
_pdbx_audit_revision_details.type                'Initial release' 
_pdbx_audit_revision_details.description         ? 
_pdbx_audit_revision_details.details             ? 
# 
loop_
_pdbx_audit_revision_group.ordinal 
_pdbx_audit_revision_group.revision_ordinal 
_pdbx_audit_revision_group.data_content_type 
_pdbx_audit_revision_group.group 
1 2 'Structure model' 'Database references'  
2 3 'Structure model' 'Data collection'      
3 3 'Structure model' 'Database references'  
4 3 'Structure model' 'Derived calculations' 
5 3 'Structure model' 'Structure summary'    
# 
loop_
_pdbx_audit_revision_category.ordinal 
_pdbx_audit_revision_category.revision_ordinal 
_pdbx_audit_revision_category.data_content_type 
_pdbx_audit_revision_category.category 
1 3 'Structure model' chem_comp_atom            
2 3 'Structure model' chem_comp_bond            
3 3 'Structure model' database_2                
4 3 'Structure model' pdbx_entry_details        
5 3 'Structure model' pdbx_modification_feature 
6 3 'Structure model' pdbx_struct_oper_list     
# 
loop_
_pdbx_audit_revision_item.ordinal 
_pdbx_audit_revision_item.revision_ordinal 
_pdbx_audit_revision_item.data_content_type 
_pdbx_audit_revision_item.item 
1 3 'Structure model' '_database_2.pdbx_DOI'                      
2 3 'Structure model' '_database_2.pdbx_database_accession'       
3 3 'Structure model' '_pdbx_struct_oper_list.symmetry_operation' 
# 
_pdbx_database_status.status_code                     REL 
_pdbx_database_status.status_code_sf                  REL 
_pdbx_database_status.status_code_mr                  ? 
_pdbx_database_status.entry_id                        5F22 
_pdbx_database_status.recvd_initial_deposition_date   2015-12-01 
_pdbx_database_status.SG_entry                        N 
_pdbx_database_status.deposit_site                    RCSB 
_pdbx_database_status.process_site                    PDBJ 
_pdbx_database_status.status_code_cs                  ? 
_pdbx_database_status.methods_development_category    ? 
_pdbx_database_status.pdb_format_compatible           Y 
_pdbx_database_status.status_code_nmr_data            ? 
# 
_audit_author.name           'Li, S.' 
_audit_author.pdbx_ordinal   1 
# 
loop_
_citation.abstract 
_citation.abstract_id_CAS 
_citation.book_id_ISBN 
_citation.book_publisher 
_citation.book_publisher_city 
_citation.book_title 
_citation.coordinate_linkage 
_citation.country 
_citation.database_id_Medline 
_citation.details 
_citation.id 
_citation.journal_abbrev 
_citation.journal_id_ASTM 
_citation.journal_id_CSD 
_citation.journal_id_ISSN 
_citation.journal_full 
_citation.journal_issue 
_citation.journal_volume 
_citation.language 
_citation.page_first 
_citation.page_last 
_citation.title 
_citation.year 
_citation.database_id_CSD 
_citation.pdbx_database_id_DOI 
_citation.pdbx_database_id_PubMed 
_citation.unpublished_flag 
? ? ? ? ? ? ? ?  ? ? primary 'To Be Published' ? 0353 ?         ? ? ? ? ?   ?   
'C-terminal domain of SARS-CoV nsp8 complex with nsp7'               ?    ? ?                         ?        ? 
? ? ? ? ? ? ? CN ? ? 1       'Protein Cell'    ? ?    1674-8018 ? ? 1 ? 198 204 
'New nsp8 isoform suggests mechanism for tuning viral RNA synthesis' 2010 ? 10.1007/s13238-010-0028-8 21203988 ? 
# 
loop_
_citation_author.citation_id 
_citation_author.name 
_citation_author.ordinal 
_citation_author.identifier_ORCID 
primary 'Li, S.'      1 ? 
1       'Li, S.'      2 ? 
1       'Zhao, Q.'    3 ? 
1       'Zhang, Y.'   4 ? 
1       'Zhang, Y.'   5 ? 
1       'Bartlam, M.' 6 ? 
1       'Li, X.'      7 ? 
1       'Rao, Z.'     8 ? 
# 
loop_
_entity.id 
_entity.type 
_entity.src_method 
_entity.pdbx_description 
_entity.formula_weight 
_entity.pdbx_number_of_molecules 
_entity.pdbx_ec 
_entity.pdbx_mutation 
_entity.pdbx_fragment 
_entity.details 
1 polymer man 'Non-structural protein 7' 9688.271  1 ? ? 'UNP residues 3837-3919' ? 
2 polymer man 'Non-structural protein'   14762.963 1 ? ? 'UNP residues 3989-4117' ? 
3 water   nat water                      18.015    8 ? ? ?                        ? 
# 
loop_
_entity_name_com.entity_id 
_entity_name_com.name 
1 nsp7 
2 nsp8 
# 
loop_
_entity_poly.entity_id 
_entity_poly.type 
_entity_poly.nstd_linkage 
_entity_poly.nstd_monomer 
_entity_poly.pdbx_seq_one_letter_code 
_entity_poly.pdbx_seq_one_letter_code_can 
_entity_poly.pdbx_strand_id 
_entity_poly.pdbx_target_identifier 
1 'polypeptide(L)' no no 
;GPLGSSKMSDVKCTSVVLLSVLQQLRVESSSKLWAQCVQLHNDILLAKDTTEAFEKMVSLLSVLLSMQGAVDINRLCEEM
LDNRATLQ
;
;GPLGSSKMSDVKCTSVVLLSVLQQLRVESSSKLWAQCVQLHNDILLAKDTTEAFEKMVSLLSVLLSMQGAVDINRLCEEM
LDNRATLQ
;
A ? 
2 'polypeptide(L)' no no 
;GPLGSMYKQARSEDKRAKVTSAMQTMLFTMLRKLDNDALNNIINNARDGCVPLNIIPLTTAAKLMVVVPDYGTYKNTCDG
NTFTYASALWEIQQVVDADSKIVQLSEINMDNSPNLAWPLIVTALRANSAVKLQ
;
;GPLGSMYKQARSEDKRAKVTSAMQTMLFTMLRKLDNDALNNIINNARDGCVPLNIIPLTTAAKLMVVVPDYGTYKNTCDG
NTFTYASALWEIQQVVDADSKIVQLSEINMDNSPNLAWPLIVTALRANSAVKLQ
;
B ? 
# 
_pdbx_entity_nonpoly.entity_id   3 
_pdbx_entity_nonpoly.name        water 
_pdbx_entity_nonpoly.comp_id     HOH 
# 
loop_
_entity_poly_seq.entity_id 
_entity_poly_seq.num 
_entity_poly_seq.mon_id 
_entity_poly_seq.hetero 
1 1   GLY n 
1 2   PRO n 
1 3   LEU n 
1 4   GLY n 
1 5   SER n 
1 6   SER n 
1 7   LYS n 
1 8   MET n 
1 9   SER n 
1 10  ASP n 
1 11  VAL n 
1 12  LYS n 
1 13  CYS n 
1 14  THR n 
1 15  SER n 
1 16  VAL n 
1 17  VAL n 
1 18  LEU n 
1 19  LEU n 
1 20  SER n 
1 21  VAL n 
1 22  LEU n 
1 23  GLN n 
1 24  GLN n 
1 25  LEU n 
1 26  ARG n 
1 27  VAL n 
1 28  GLU n 
1 29  SER n 
1 30  SER n 
1 31  SER n 
1 32  LYS n 
1 33  LEU n 
1 34  TRP n 
1 35  ALA n 
1 36  GLN n 
1 37  CYS n 
1 38  VAL n 
1 39  GLN n 
1 40  LEU n 
1 41  HIS n 
1 42  ASN n 
1 43  ASP n 
1 44  ILE n 
1 45  LEU n 
1 46  LEU n 
1 47  ALA n 
1 48  LYS n 
1 49  ASP n 
1 50  THR n 
1 51  THR n 
1 52  GLU n 
1 53  ALA n 
1 54  PHE n 
1 55  GLU n 
1 56  LYS n 
1 57  MET n 
1 58  VAL n 
1 59  SER n 
1 60  LEU n 
1 61  LEU n 
1 62  SER n 
1 63  VAL n 
1 64  LEU n 
1 65  LEU n 
1 66  SER n 
1 67  MET n 
1 68  GLN n 
1 69  GLY n 
1 70  ALA n 
1 71  VAL n 
1 72  ASP n 
1 73  ILE n 
1 74  ASN n 
1 75  ARG n 
1 76  LEU n 
1 77  CYS n 
1 78  GLU n 
1 79  GLU n 
1 80  MET n 
1 81  LEU n 
1 82  ASP n 
1 83  ASN n 
1 84  ARG n 
1 85  ALA n 
1 86  THR n 
1 87  LEU n 
1 88  GLN n 
2 1   GLY n 
2 2   PRO n 
2 3   LEU n 
2 4   GLY n 
2 5   SER n 
2 6   MET n 
2 7   TYR n 
2 8   LYS n 
2 9   GLN n 
2 10  ALA n 
2 11  ARG n 
2 12  SER n 
2 13  GLU n 
2 14  ASP n 
2 15  LYS n 
2 16  ARG n 
2 17  ALA n 
2 18  LYS n 
2 19  VAL n 
2 20  THR n 
2 21  SER n 
2 22  ALA n 
2 23  MET n 
2 24  GLN n 
2 25  THR n 
2 26  MET n 
2 27  LEU n 
2 28  PHE n 
2 29  THR n 
2 30  MET n 
2 31  LEU n 
2 32  ARG n 
2 33  LYS n 
2 34  LEU n 
2 35  ASP n 
2 36  ASN n 
2 37  ASP n 
2 38  ALA n 
2 39  LEU n 
2 40  ASN n 
2 41  ASN n 
2 42  ILE n 
2 43  ILE n 
2 44  ASN n 
2 45  ASN n 
2 46  ALA n 
2 47  ARG n 
2 48  ASP n 
2 49  GLY n 
2 50  CYS n 
2 51  VAL n 
2 52  PRO n 
2 53  LEU n 
2 54  ASN n 
2 55  ILE n 
2 56  ILE n 
2 57  PRO n 
2 58  LEU n 
2 59  THR n 
2 60  THR n 
2 61  ALA n 
2 62  ALA n 
2 63  LYS n 
2 64  LEU n 
2 65  MET n 
2 66  VAL n 
2 67  VAL n 
2 68  VAL n 
2 69  PRO n 
2 70  ASP n 
2 71  TYR n 
2 72  GLY n 
2 73  THR n 
2 74  TYR n 
2 75  LYS n 
2 76  ASN n 
2 77  THR n 
2 78  CYS n 
2 79  ASP n 
2 80  GLY n 
2 81  ASN n 
2 82  THR n 
2 83  PHE n 
2 84  THR n 
2 85  TYR n 
2 86  ALA n 
2 87  SER n 
2 88  ALA n 
2 89  LEU n 
2 90  TRP n 
2 91  GLU n 
2 92  ILE n 
2 93  GLN n 
2 94  GLN n 
2 95  VAL n 
2 96  VAL n 
2 97  ASP n 
2 98  ALA n 
2 99  ASP n 
2 100 SER n 
2 101 LYS n 
2 102 ILE n 
2 103 VAL n 
2 104 GLN n 
2 105 LEU n 
2 106 SER n 
2 107 GLU n 
2 108 ILE n 
2 109 ASN n 
2 110 MET n 
2 111 ASP n 
2 112 ASN n 
2 113 SER n 
2 114 PRO n 
2 115 ASN n 
2 116 LEU n 
2 117 ALA n 
2 118 TRP n 
2 119 PRO n 
2 120 LEU n 
2 121 ILE n 
2 122 VAL n 
2 123 THR n 
2 124 ALA n 
2 125 LEU n 
2 126 ARG n 
2 127 ALA n 
2 128 ASN n 
2 129 SER n 
2 130 ALA n 
2 131 VAL n 
2 132 LYS n 
2 133 LEU n 
2 134 GLN n 
# 
loop_
_entity_src_gen.entity_id 
_entity_src_gen.pdbx_src_id 
_entity_src_gen.pdbx_alt_source_flag 
_entity_src_gen.pdbx_seq_type 
_entity_src_gen.pdbx_beg_seq_num 
_entity_src_gen.pdbx_end_seq_num 
_entity_src_gen.gene_src_common_name 
_entity_src_gen.gene_src_genus 
_entity_src_gen.pdbx_gene_src_gene 
_entity_src_gen.gene_src_species 
_entity_src_gen.gene_src_strain 
_entity_src_gen.gene_src_tissue 
_entity_src_gen.gene_src_tissue_fraction 
_entity_src_gen.gene_src_details 
_entity_src_gen.pdbx_gene_src_fragment 
_entity_src_gen.pdbx_gene_src_scientific_name 
_entity_src_gen.pdbx_gene_src_ncbi_taxonomy_id 
_entity_src_gen.pdbx_gene_src_variant 
_entity_src_gen.pdbx_gene_src_cell_line 
_entity_src_gen.pdbx_gene_src_atcc 
_entity_src_gen.pdbx_gene_src_organ 
_entity_src_gen.pdbx_gene_src_organelle 
_entity_src_gen.pdbx_gene_src_cell 
_entity_src_gen.pdbx_gene_src_cellular_location 
_entity_src_gen.host_org_common_name 
_entity_src_gen.pdbx_host_org_scientific_name 
_entity_src_gen.pdbx_host_org_ncbi_taxonomy_id 
_entity_src_gen.host_org_genus 
_entity_src_gen.pdbx_host_org_gene 
_entity_src_gen.pdbx_host_org_organ 
_entity_src_gen.host_org_species 
_entity_src_gen.pdbx_host_org_tissue 
_entity_src_gen.pdbx_host_org_tissue_fraction 
_entity_src_gen.pdbx_host_org_strain 
_entity_src_gen.pdbx_host_org_variant 
_entity_src_gen.pdbx_host_org_cell_line 
_entity_src_gen.pdbx_host_org_atcc 
_entity_src_gen.pdbx_host_org_culture_collection 
_entity_src_gen.pdbx_host_org_cell 
_entity_src_gen.pdbx_host_org_organelle 
_entity_src_gen.pdbx_host_org_cellular_location 
_entity_src_gen.pdbx_host_org_vector_type 
_entity_src_gen.pdbx_host_org_vector 
_entity_src_gen.host_org_details 
_entity_src_gen.expression_system_id 
_entity_src_gen.plasmid_name 
_entity_src_gen.plasmid_details 
_entity_src_gen.pdbx_description 
1 1 sample 'Biological sequence' 1 88  SARS-CoV ? 1a           ? ? ? ? ? ? 'SARS coronavirus' 227859 ? ? ? ? ? ? ? ? 
'Escherichia coli' 562 ? ? ? ? ? ? ? ? ? ? ? ? ? ? ? ? ? ? ? ? ? 
2 1 sample 'Biological sequence' 1 134 SARS-CoV ? 'rep, 1a-1b' ? ? ? ? ? ? 'SARS coronavirus' 227859 ? ? ? ? ? ? ? ? 
'Escherichia coli' 562 ? ? ? ? ? ? ? ? ? ? ? ? ? ? ? ? ? ? ? ? ? 
# 
loop_
_chem_comp.id 
_chem_comp.type 
_chem_comp.mon_nstd_flag 
_chem_comp.name 
_chem_comp.pdbx_synonyms 
_chem_comp.formula 
_chem_comp.formula_weight 
ALA 'L-peptide linking' y ALANINE         ? 'C3 H7 N O2'     89.093  
ARG 'L-peptide linking' y ARGININE        ? 'C6 H15 N4 O2 1' 175.209 
ASN 'L-peptide linking' y ASPARAGINE      ? 'C4 H8 N2 O3'    132.118 
ASP 'L-peptide linking' y 'ASPARTIC ACID' ? 'C4 H7 N O4'     133.103 
CYS 'L-peptide linking' y CYSTEINE        ? 'C3 H7 N O2 S'   121.158 
GLN 'L-peptide linking' y GLUTAMINE       ? 'C5 H10 N2 O3'   146.144 
GLU 'L-peptide linking' y 'GLUTAMIC ACID' ? 'C5 H9 N O4'     147.129 
GLY 'peptide linking'   y GLYCINE         ? 'C2 H5 N O2'     75.067  
HIS 'L-peptide linking' y HISTIDINE       ? 'C6 H10 N3 O2 1' 156.162 
HOH non-polymer         . WATER           ? 'H2 O'           18.015  
ILE 'L-peptide linking' y ISOLEUCINE      ? 'C6 H13 N O2'    131.173 
LEU 'L-peptide linking' y LEUCINE         ? 'C6 H13 N O2'    131.173 
LYS 'L-peptide linking' y LYSINE          ? 'C6 H15 N2 O2 1' 147.195 
MET 'L-peptide linking' y METHIONINE      ? 'C5 H11 N O2 S'  149.211 
PHE 'L-peptide linking' y PHENYLALANINE   ? 'C9 H11 N O2'    165.189 
PRO 'L-peptide linking' y PROLINE         ? 'C5 H9 N O2'     115.130 
SER 'L-peptide linking' y SERINE          ? 'C3 H7 N O3'     105.093 
THR 'L-peptide linking' y THREONINE       ? 'C4 H9 N O3'     119.119 
TRP 'L-peptide linking' y TRYPTOPHAN      ? 'C11 H12 N2 O2'  204.225 
TYR 'L-peptide linking' y TYROSINE        ? 'C9 H11 N O3'    181.189 
VAL 'L-peptide linking' y VALINE          ? 'C5 H11 N O2'    117.146 
# 
loop_
_pdbx_poly_seq_scheme.asym_id 
_pdbx_poly_seq_scheme.entity_id 
_pdbx_poly_seq_scheme.seq_id 
_pdbx_poly_seq_scheme.mon_id 
_pdbx_poly_seq_scheme.ndb_seq_num 
_pdbx_poly_seq_scheme.pdb_seq_num 
_pdbx_poly_seq_scheme.auth_seq_num 
_pdbx_poly_seq_scheme.pdb_mon_id 
_pdbx_poly_seq_scheme.auth_mon_id 
_pdbx_poly_seq_scheme.pdb_strand_id 
_pdbx_poly_seq_scheme.pdb_ins_code 
_pdbx_poly_seq_scheme.hetero 
A 1 1   GLY 1   1   ?   ?   ?   A . n 
A 1 2   PRO 2   2   ?   ?   ?   A . n 
A 1 3   LEU 3   3   ?   ?   ?   A . n 
A 1 4   GLY 4   4   ?   ?   ?   A . n 
A 1 5   SER 5   5   ?   ?   ?   A . n 
A 1 6   SER 6   6   6   SER SER A . n 
A 1 7   LYS 7   7   7   LYS LYS A . n 
A 1 8   MET 8   8   8   MET MET A . n 
A 1 9   SER 9   9   9   SER SER A . n 
A 1 10  ASP 10  10  10  ASP ASP A . n 
A 1 11  VAL 11  11  11  VAL VAL A . n 
A 1 12  LYS 12  12  12  LYS LYS A . n 
A 1 13  CYS 13  13  13  CYS CYS A . n 
A 1 14  THR 14  14  14  THR THR A . n 
A 1 15  SER 15  15  15  SER SER A . n 
A 1 16  VAL 16  16  16  VAL VAL A . n 
A 1 17  VAL 17  17  17  VAL VAL A . n 
A 1 18  LEU 18  18  18  LEU LEU A . n 
A 1 19  LEU 19  19  19  LEU LEU A . n 
A 1 20  SER 20  20  20  SER SER A . n 
A 1 21  VAL 21  21  21  VAL VAL A . n 
A 1 22  LEU 22  22  22  LEU LEU A . n 
A 1 23  GLN 23  23  23  GLN GLN A . n 
A 1 24  GLN 24  24  24  GLN GLN A . n 
A 1 25  LEU 25  25  25  LEU LEU A . n 
A 1 26  ARG 26  26  26  ARG ARG A . n 
A 1 27  VAL 27  27  27  VAL VAL A . n 
A 1 28  GLU 28  28  28  GLU GLU A . n 
A 1 29  SER 29  29  29  SER SER A . n 
A 1 30  SER 30  30  30  SER SER A . n 
A 1 31  SER 31  31  31  SER SER A . n 
A 1 32  LYS 32  32  32  LYS LYS A . n 
A 1 33  LEU 33  33  33  LEU LEU A . n 
A 1 34  TRP 34  34  34  TRP TRP A . n 
A 1 35  ALA 35  35  35  ALA ALA A . n 
A 1 36  GLN 36  36  36  GLN GLN A . n 
A 1 37  CYS 37  37  37  CYS CYS A . n 
A 1 38  VAL 38  38  38  VAL VAL A . n 
A 1 39  GLN 39  39  39  GLN GLN A . n 
A 1 40  LEU 40  40  40  LEU LEU A . n 
A 1 41  HIS 41  41  41  HIS HIS A . n 
A 1 42  ASN 42  42  42  ASN ASN A . n 
A 1 43  ASP 43  43  43  ASP ASP A . n 
A 1 44  ILE 44  44  44  ILE ILE A . n 
A 1 45  LEU 45  45  45  LEU LEU A . n 
A 1 46  LEU 46  46  46  LEU LEU A . n 
A 1 47  ALA 47  47  47  ALA ALA A . n 
A 1 48  LYS 48  48  48  LYS LYS A . n 
A 1 49  ASP 49  49  49  ASP ASP A . n 
A 1 50  THR 50  50  50  THR THR A . n 
A 1 51  THR 51  51  51  THR THR A . n 
A 1 52  GLU 52  52  52  GLU GLU A . n 
A 1 53  ALA 53  53  53  ALA ALA A . n 
A 1 54  PHE 54  54  54  PHE PHE A . n 
A 1 55  GLU 55  55  55  GLU GLU A . n 
A 1 56  LYS 56  56  56  LYS LYS A . n 
A 1 57  MET 57  57  57  MET MET A . n 
A 1 58  VAL 58  58  58  VAL VAL A . n 
A 1 59  SER 59  59  59  SER SER A . n 
A 1 60  LEU 60  60  60  LEU LEU A . n 
A 1 61  LEU 61  61  61  LEU LEU A . n 
A 1 62  SER 62  62  62  SER SER A . n 
A 1 63  VAL 63  63  63  VAL VAL A . n 
A 1 64  LEU 64  64  64  LEU LEU A . n 
A 1 65  LEU 65  65  65  LEU LEU A . n 
A 1 66  SER 66  66  66  SER SER A . n 
A 1 67  MET 67  67  67  MET MET A . n 
A 1 68  GLN 68  68  68  GLN GLN A . n 
A 1 69  GLY 69  69  69  GLY GLY A . n 
A 1 70  ALA 70  70  70  ALA ALA A . n 
A 1 71  VAL 71  71  71  VAL VAL A . n 
A 1 72  ASP 72  72  72  ASP ASP A . n 
A 1 73  ILE 73  73  73  ILE ILE A . n 
A 1 74  ASN 74  74  74  ASN ASN A . n 
A 1 75  ARG 75  75  75  ARG ARG A . n 
A 1 76  LEU 76  76  76  LEU LEU A . n 
A 1 77  CYS 77  77  77  CYS CYS A . n 
A 1 78  GLU 78  78  78  GLU GLU A . n 
A 1 79  GLU 79  79  79  GLU GLU A . n 
A 1 80  MET 80  80  80  MET MET A . n 
A 1 81  LEU 81  81  81  LEU LEU A . n 
A 1 82  ASP 82  82  82  ASP ASP A . n 
A 1 83  ASN 83  83  83  ASN ASN A . n 
A 1 84  ARG 84  84  84  ARG ARG A . n 
A 1 85  ALA 85  85  ?   ?   ?   A . n 
A 1 86  THR 86  86  ?   ?   ?   A . n 
A 1 87  LEU 87  87  ?   ?   ?   A . n 
A 1 88  GLN 88  88  ?   ?   ?   A . n 
B 2 1   GLY 1   70  ?   ?   ?   B . n 
B 2 2   PRO 2   71  ?   ?   ?   B . n 
B 2 3   LEU 3   72  ?   ?   ?   B . n 
B 2 4   GLY 4   73  ?   ?   ?   B . n 
B 2 5   SER 5   74  ?   ?   ?   B . n 
B 2 6   MET 6   75  ?   ?   ?   B . n 
B 2 7   TYR 7   76  ?   ?   ?   B . n 
B 2 8   LYS 8   77  ?   ?   ?   B . n 
B 2 9   GLN 9   78  ?   ?   ?   B . n 
B 2 10  ALA 10  79  ?   ?   ?   B . n 
B 2 11  ARG 11  80  ?   ?   ?   B . n 
B 2 12  SER 12  81  ?   ?   ?   B . n 
B 2 13  GLU 13  82  82  GLU GLU B . n 
B 2 14  ASP 14  83  83  ASP ASP B . n 
B 2 15  LYS 15  84  84  LYS LYS B . n 
B 2 16  ARG 16  85  85  ARG ARG B . n 
B 2 17  ALA 17  86  86  ALA ALA B . n 
B 2 18  LYS 18  87  87  LYS LYS B . n 
B 2 19  VAL 19  88  88  VAL VAL B . n 
B 2 20  THR 20  89  89  THR THR B . n 
B 2 21  SER 21  90  90  SER SER B . n 
B 2 22  ALA 22  91  91  ALA ALA B . n 
B 2 23  MET 23  92  92  MET MET B . n 
B 2 24  GLN 24  93  93  GLN GLN B . n 
B 2 25  THR 25  94  94  THR THR B . n 
B 2 26  MET 26  95  95  MET MET B . n 
B 2 27  LEU 27  96  96  LEU LEU B . n 
B 2 28  PHE 28  97  97  PHE PHE B . n 
B 2 29  THR 29  98  98  THR THR B . n 
B 2 30  MET 30  99  99  MET MET B . n 
B 2 31  LEU 31  100 100 LEU LEU B . n 
B 2 32  ARG 32  101 101 ARG ARG B . n 
B 2 33  LYS 33  102 102 LYS LYS B . n 
B 2 34  LEU 34  103 103 LEU LEU B . n 
B 2 35  ASP 35  104 104 ASP ASP B . n 
B 2 36  ASN 36  105 105 ASN ASN B . n 
B 2 37  ASP 37  106 106 ASP ASP B . n 
B 2 38  ALA 38  107 107 ALA ALA B . n 
B 2 39  LEU 39  108 108 LEU LEU B . n 
B 2 40  ASN 40  109 109 ASN ASN B . n 
B 2 41  ASN 41  110 110 ASN ASN B . n 
B 2 42  ILE 42  111 111 ILE ILE B . n 
B 2 43  ILE 43  112 112 ILE ILE B . n 
B 2 44  ASN 44  113 113 ASN ASN B . n 
B 2 45  ASN 45  114 114 ASN ASN B . n 
B 2 46  ALA 46  115 115 ALA ALA B . n 
B 2 47  ARG 47  116 116 ARG ARG B . n 
B 2 48  ASP 48  117 117 ASP ASP B . n 
B 2 49  GLY 49  118 118 GLY GLY B . n 
B 2 50  CYS 50  119 119 CYS CYS B . n 
B 2 51  VAL 51  120 120 VAL VAL B . n 
B 2 52  PRO 52  121 121 PRO PRO B . n 
B 2 53  LEU 53  122 122 LEU LEU B . n 
B 2 54  ASN 54  123 123 ASN ASN B . n 
B 2 55  ILE 55  124 124 ILE ILE B . n 
B 2 56  ILE 56  125 125 ILE ILE B . n 
B 2 57  PRO 57  126 126 PRO PRO B . n 
B 2 58  LEU 58  127 127 LEU LEU B . n 
B 2 59  THR 59  128 128 THR THR B . n 
B 2 60  THR 60  129 129 THR THR B . n 
B 2 61  ALA 61  130 130 ALA ALA B . n 
B 2 62  ALA 62  131 131 ALA ALA B . n 
B 2 63  LYS 63  132 132 LYS LYS B . n 
B 2 64  LEU 64  133 133 LEU LEU B . n 
B 2 65  MET 65  134 134 MET MET B . n 
B 2 66  VAL 66  135 135 VAL VAL B . n 
B 2 67  VAL 67  136 136 VAL VAL B . n 
B 2 68  VAL 68  137 137 VAL VAL B . n 
B 2 69  PRO 69  138 138 PRO PRO B . n 
B 2 70  ASP 70  139 139 ASP ASP B . n 
B 2 71  TYR 71  140 140 TYR TYR B . n 
B 2 72  GLY 72  141 141 GLY GLY B . n 
B 2 73  THR 73  142 142 THR THR B . n 
B 2 74  TYR 74  143 143 TYR TYR B . n 
B 2 75  LYS 75  144 144 LYS LYS B . n 
B 2 76  ASN 76  145 145 ASN ASN B . n 
B 2 77  THR 77  146 146 THR THR B . n 
B 2 78  CYS 78  147 147 CYS CYS B . n 
B 2 79  ASP 79  148 148 ASP ASP B . n 
B 2 80  GLY 80  149 149 GLY GLY B . n 
B 2 81  ASN 81  150 150 ASN ASN B . n 
B 2 82  THR 82  151 151 THR THR B . n 
B 2 83  PHE 83  152 152 PHE PHE B . n 
B 2 84  THR 84  153 153 THR THR B . n 
B 2 85  TYR 85  154 154 TYR TYR B . n 
B 2 86  ALA 86  155 155 ALA ALA B . n 
B 2 87  SER 87  156 156 SER SER B . n 
B 2 88  ALA 88  157 157 ALA ALA B . n 
B 2 89  LEU 89  158 158 LEU LEU B . n 
B 2 90  TRP 90  159 159 TRP TRP B . n 
B 2 91  GLU 91  160 160 GLU GLU B . n 
B 2 92  ILE 92  161 161 ILE ILE B . n 
B 2 93  GLN 93  162 162 GLN GLN B . n 
B 2 94  GLN 94  163 163 GLN GLN B . n 
B 2 95  VAL 95  164 164 VAL VAL B . n 
B 2 96  VAL 96  165 165 VAL VAL B . n 
B 2 97  ASP 97  166 166 ASP ASP B . n 
B 2 98  ALA 98  167 167 ALA ALA B . n 
B 2 99  ASP 99  168 168 ASP ASP B . n 
B 2 100 SER 100 169 169 SER SER B . n 
B 2 101 LYS 101 170 170 LYS LYS B . n 
B 2 102 ILE 102 171 171 ILE ILE B . n 
B 2 103 VAL 103 172 172 VAL VAL B . n 
B 2 104 GLN 104 173 173 GLN GLN B . n 
B 2 105 LEU 105 174 174 LEU LEU B . n 
B 2 106 SER 106 175 175 SER SER B . n 
B 2 107 GLU 107 176 176 GLU GLU B . n 
B 2 108 ILE 108 177 177 ILE ILE B . n 
B 2 109 ASN 109 178 178 ASN ASN B . n 
B 2 110 MET 110 179 179 MET MET B . n 
B 2 111 ASP 111 180 180 ASP ASP B . n 
B 2 112 ASN 112 181 181 ASN ASN B . n 
B 2 113 SER 113 182 182 SER SER B . n 
B 2 114 PRO 114 183 183 PRO PRO B . n 
B 2 115 ASN 115 184 184 ASN ASN B . n 
B 2 116 LEU 116 185 185 LEU LEU B . n 
B 2 117 ALA 117 186 186 ALA ALA B . n 
B 2 118 TRP 118 187 187 TRP TRP B . n 
B 2 119 PRO 119 188 188 PRO PRO B . n 
B 2 120 LEU 120 189 189 LEU LEU B . n 
B 2 121 ILE 121 190 190 ILE ILE B . n 
B 2 122 VAL 122 191 191 VAL VAL B . n 
B 2 123 THR 123 192 192 THR THR B . n 
B 2 124 ALA 124 193 193 ALA ALA B . n 
B 2 125 LEU 125 194 194 LEU LEU B . n 
B 2 126 ARG 126 195 195 ARG ARG B . n 
B 2 127 ALA 127 196 196 ALA ALA B . n 
B 2 128 ASN 128 197 ?   ?   ?   B . n 
B 2 129 SER 129 198 ?   ?   ?   B . n 
B 2 130 ALA 130 199 ?   ?   ?   B . n 
B 2 131 VAL 131 200 ?   ?   ?   B . n 
B 2 132 LYS 132 201 ?   ?   ?   B . n 
B 2 133 LEU 133 202 ?   ?   ?   B . n 
B 2 134 GLN 134 203 ?   ?   ?   B . n 
# 
loop_
_pdbx_nonpoly_scheme.asym_id 
_pdbx_nonpoly_scheme.entity_id 
_pdbx_nonpoly_scheme.mon_id 
_pdbx_nonpoly_scheme.ndb_seq_num 
_pdbx_nonpoly_scheme.pdb_seq_num 
_pdbx_nonpoly_scheme.auth_seq_num 
_pdbx_nonpoly_scheme.pdb_mon_id 
_pdbx_nonpoly_scheme.auth_mon_id 
_pdbx_nonpoly_scheme.pdb_strand_id 
_pdbx_nonpoly_scheme.pdb_ins_code 
C 3 HOH 1 101 5 HOH HOH A . 
C 3 HOH 2 102 2 HOH HOH A . 
C 3 HOH 3 103 8 HOH HOH A . 
D 3 HOH 1 301 7 HOH HOH B . 
D 3 HOH 2 302 3 HOH HOH B . 
D 3 HOH 3 303 6 HOH HOH B . 
D 3 HOH 4 304 1 HOH HOH B . 
D 3 HOH 5 305 4 HOH HOH B . 
# 
loop_
_pdbx_unobs_or_zero_occ_atoms.id 
_pdbx_unobs_or_zero_occ_atoms.PDB_model_num 
_pdbx_unobs_or_zero_occ_atoms.polymer_flag 
_pdbx_unobs_or_zero_occ_atoms.occupancy_flag 
_pdbx_unobs_or_zero_occ_atoms.auth_asym_id 
_pdbx_unobs_or_zero_occ_atoms.auth_comp_id 
_pdbx_unobs_or_zero_occ_atoms.auth_seq_id 
_pdbx_unobs_or_zero_occ_atoms.PDB_ins_code 
_pdbx_unobs_or_zero_occ_atoms.auth_atom_id 
_pdbx_unobs_or_zero_occ_atoms.label_alt_id 
_pdbx_unobs_or_zero_occ_atoms.label_asym_id 
_pdbx_unobs_or_zero_occ_atoms.label_comp_id 
_pdbx_unobs_or_zero_occ_atoms.label_seq_id 
_pdbx_unobs_or_zero_occ_atoms.label_atom_id 
1 1 Y 1 A GLN 68  ? CG  ? A GLN 68  CG  
2 1 Y 1 A GLN 68  ? CD  ? A GLN 68  CD  
3 1 Y 1 A GLN 68  ? OE1 ? A GLN 68  OE1 
4 1 Y 1 A GLN 68  ? NE2 ? A GLN 68  NE2 
5 1 Y 1 B GLN 173 ? CG  ? B GLN 104 CG  
6 1 Y 1 B GLN 173 ? CD  ? B GLN 104 CD  
7 1 Y 1 B GLN 173 ? OE1 ? B GLN 104 OE1 
8 1 Y 1 B GLN 173 ? NE2 ? B GLN 104 NE2 
# 
loop_
_software.citation_id 
_software.classification 
_software.compiler_name 
_software.compiler_version 
_software.contact_author 
_software.contact_author_email 
_software.date 
_software.description 
_software.dependencies 
_software.hardware 
_software.language 
_software.location 
_software.mods 
_software.name 
_software.os 
_software.os_version 
_software.type 
_software.version 
_software.pdbx_ordinal 
? refinement       ? ? ? ? ? ? ? ? ? ? ? PHENIX   ? ? ? 1.7_650 1 
? 'data reduction' ? ? ? ? ? ? ? ? ? ? ? HKL-2000 ? ? ? .       2 
? 'data scaling'   ? ? ? ? ? ? ? ? ? ? ? HKL-2000 ? ? ? .       3 
? phasing          ? ? ? ? ? ? ? ? ? ? ? PHASER   ? ? ? .       4 
# 
_cell.entry_id           5F22 
_cell.length_a           50.862 
_cell.length_b           71.439 
_cell.length_c           115.383 
_cell.angle_alpha        90.00 
_cell.angle_beta         90.00 
_cell.angle_gamma        90.00 
_cell.Z_PDB              8 
_cell.pdbx_unique_axis   ? 
# 
_symmetry.entry_id                         5F22 
_symmetry.space_group_name_H-M             'C 2 2 21' 
_symmetry.pdbx_full_space_group_name_H-M   ? 
_symmetry.cell_setting                     ? 
_symmetry.Int_Tables_number                20 
# 
_exptl.absorpt_coefficient_mu     ? 
_exptl.absorpt_correction_T_max   ? 
_exptl.absorpt_correction_T_min   ? 
_exptl.absorpt_correction_type    ? 
_exptl.absorpt_process_details    ? 
_exptl.entry_id                   5F22 
_exptl.crystals_number            ? 
_exptl.details                    ? 
_exptl.method                     'X-RAY DIFFRACTION' 
_exptl.method_details             ? 
# 
_exptl_crystal.colour                      ? 
_exptl_crystal.density_diffrn              ? 
_exptl_crystal.density_Matthews            2.14 
_exptl_crystal.density_method              ? 
_exptl_crystal.density_percent_sol         42.61 
_exptl_crystal.description                 ? 
_exptl_crystal.F_000                       ? 
_exptl_crystal.id                          1 
_exptl_crystal.preparation                 ? 
_exptl_crystal.size_max                    ? 
_exptl_crystal.size_mid                    ? 
_exptl_crystal.size_min                    ? 
_exptl_crystal.size_rad                    ? 
_exptl_crystal.colour_lustre               ? 
_exptl_crystal.colour_modifier             ? 
_exptl_crystal.colour_primary              ? 
_exptl_crystal.density_meas                ? 
_exptl_crystal.density_meas_esd            ? 
_exptl_crystal.density_meas_gt             ? 
_exptl_crystal.density_meas_lt             ? 
_exptl_crystal.density_meas_temp           ? 
_exptl_crystal.density_meas_temp_esd       ? 
_exptl_crystal.density_meas_temp_gt        ? 
_exptl_crystal.density_meas_temp_lt        ? 
_exptl_crystal.pdbx_crystal_image_url      ? 
_exptl_crystal.pdbx_crystal_image_format   ? 
_exptl_crystal.pdbx_mosaicity              ? 
_exptl_crystal.pdbx_mosaicity_esd          ? 
# 
_exptl_crystal_grow.apparatus       ? 
_exptl_crystal_grow.atmosphere      ? 
_exptl_crystal_grow.crystal_id      1 
_exptl_crystal_grow.details         ? 
_exptl_crystal_grow.method          'VAPOR DIFFUSION, HANGING DROP' 
_exptl_crystal_grow.method_ref      ? 
_exptl_crystal_grow.pH              ? 
_exptl_crystal_grow.pressure        ? 
_exptl_crystal_grow.pressure_esd    ? 
_exptl_crystal_grow.seeding         ? 
_exptl_crystal_grow.seeding_ref     ? 
_exptl_crystal_grow.temp            289 
_exptl_crystal_grow.temp_details    ? 
_exptl_crystal_grow.temp_esd        ? 
_exptl_crystal_grow.time            ? 
_exptl_crystal_grow.pdbx_details    
;0.2M magnesium acetate, 
PEG 3350
;
_exptl_crystal_grow.pdbx_pH_range   ? 
# 
_diffrn.ambient_environment    ? 
_diffrn.ambient_temp           100 
_diffrn.ambient_temp_details   ? 
_diffrn.ambient_temp_esd       ? 
_diffrn.crystal_id             1 
_diffrn.crystal_support        ? 
_diffrn.crystal_treatment      ? 
_diffrn.details                ? 
_diffrn.id                     1 
_diffrn.ambient_pressure       ? 
_diffrn.ambient_pressure_esd   ? 
_diffrn.ambient_pressure_gt    ? 
_diffrn.ambient_pressure_lt    ? 
_diffrn.ambient_temp_gt        ? 
_diffrn.ambient_temp_lt        ? 
# 
_diffrn_detector.details                      ? 
_diffrn_detector.detector                     PIXEL 
_diffrn_detector.diffrn_id                    1 
_diffrn_detector.type                         'DECTRIS PILATUS 6M' 
_diffrn_detector.area_resol_mean              ? 
_diffrn_detector.dtime                        ? 
_diffrn_detector.pdbx_frames_total            ? 
_diffrn_detector.pdbx_collection_time_total   ? 
_diffrn_detector.pdbx_collection_date         2015-05-04 
# 
_diffrn_radiation.collimation                      ? 
_diffrn_radiation.diffrn_id                        1 
_diffrn_radiation.filter_edge                      ? 
_diffrn_radiation.inhomogeneity                    ? 
_diffrn_radiation.monochromator                    ? 
_diffrn_radiation.polarisn_norm                    ? 
_diffrn_radiation.polarisn_ratio                   ? 
_diffrn_radiation.probe                            ? 
_diffrn_radiation.type                             ? 
_diffrn_radiation.xray_symbol                      ? 
_diffrn_radiation.wavelength_id                    1 
_diffrn_radiation.pdbx_monochromatic_or_laue_m_l   M 
_diffrn_radiation.pdbx_wavelength_list             ? 
_diffrn_radiation.pdbx_wavelength                  ? 
_diffrn_radiation.pdbx_diffrn_protocol             'SINGLE WAVELENGTH' 
_diffrn_radiation.pdbx_analyzer                    ? 
_diffrn_radiation.pdbx_scattering_type             x-ray 
# 
_diffrn_radiation_wavelength.id           1 
_diffrn_radiation_wavelength.wavelength   0.977 
_diffrn_radiation_wavelength.wt           1.0 
# 
_diffrn_source.current                     ? 
_diffrn_source.details                     ? 
_diffrn_source.diffrn_id                   1 
_diffrn_source.power                       ? 
_diffrn_source.size                        ? 
_diffrn_source.source                      SYNCHROTRON 
_diffrn_source.target                      ? 
_diffrn_source.type                        'SSRF BEAMLINE BL17U' 
_diffrn_source.voltage                     ? 
_diffrn_source.take-off_angle              ? 
_diffrn_source.pdbx_wavelength_list        0.977 
_diffrn_source.pdbx_wavelength             ? 
_diffrn_source.pdbx_synchrotron_beamline   BL17U 
_diffrn_source.pdbx_synchrotron_site       SSRF 
# 
_reflns.B_iso_Wilson_estimate            ? 
_reflns.entry_id                         5F22 
_reflns.data_reduction_details           ? 
_reflns.data_reduction_method            ? 
_reflns.d_resolution_high                1.6 
_reflns.d_resolution_low                 50 
_reflns.details                          ? 
_reflns.limit_h_max                      ? 
_reflns.limit_h_min                      ? 
_reflns.limit_k_max                      ? 
_reflns.limit_k_min                      ? 
_reflns.limit_l_max                      ? 
_reflns.limit_l_min                      ? 
_reflns.number_all                       ? 
_reflns.number_obs                       11223 
_reflns.observed_criterion               ? 
_reflns.observed_criterion_F_max         ? 
_reflns.observed_criterion_F_min         ? 
_reflns.observed_criterion_I_max         ? 
_reflns.observed_criterion_I_min         ? 
_reflns.observed_criterion_sigma_F       ? 
_reflns.observed_criterion_sigma_I       ? 
_reflns.percent_possible_obs             100 
_reflns.R_free_details                   ? 
_reflns.Rmerge_F_all                     ? 
_reflns.Rmerge_F_obs                     ? 
_reflns.Friedel_coverage                 ? 
_reflns.number_gt                        ? 
_reflns.threshold_expression             ? 
_reflns.pdbx_redundancy                  18.2 
_reflns.pdbx_Rmerge_I_obs                ? 
_reflns.pdbx_Rmerge_I_all                ? 
_reflns.pdbx_Rsym_value                  ? 
_reflns.pdbx_netI_over_av_sigmaI         ? 
_reflns.pdbx_netI_over_sigmaI            59.3 
_reflns.pdbx_res_netI_over_av_sigmaI_2   ? 
_reflns.pdbx_res_netI_over_sigmaI_2      ? 
_reflns.pdbx_chi_squared                 ? 
_reflns.pdbx_scaling_rejects             ? 
_reflns.pdbx_d_res_high_opt              ? 
_reflns.pdbx_d_res_low_opt               ? 
_reflns.pdbx_d_res_opt_method            ? 
_reflns.phase_calculation_details        ? 
_reflns.pdbx_Rrim_I_all                  ? 
_reflns.pdbx_Rpim_I_all                  ? 
_reflns.pdbx_d_opt                       ? 
_reflns.pdbx_number_measured_all         ? 
_reflns.pdbx_diffrn_id                   1 
_reflns.pdbx_ordinal                     1 
_reflns.pdbx_CC_half                     ? 
_reflns.pdbx_R_split                     ? 
# 
_refine.pdbx_refine_id                           'X-RAY DIFFRACTION' 
_refine.entry_id                                 5F22 
_refine.pdbx_diffrn_id                           1 
_refine.pdbx_TLS_residual_ADP_flag               ? 
_refine.ls_number_reflns_obs                     11223 
_refine.ls_number_reflns_all                     ? 
_refine.pdbx_ls_sigma_I                          ? 
_refine.pdbx_ls_sigma_F                          0.00 
_refine.pdbx_data_cutoff_high_absF               ? 
_refine.pdbx_data_cutoff_low_absF                ? 
_refine.pdbx_data_cutoff_high_rms_absF           ? 
_refine.ls_d_res_low                             35.719 
_refine.ls_d_res_high                            2.155 
_refine.ls_percent_reflns_obs                    95.74 
_refine.ls_R_factor_obs                          0.2160 
_refine.ls_R_factor_all                          ? 
_refine.ls_R_factor_R_work                       0.2119 
_refine.ls_R_factor_R_free                       0.2523 
_refine.ls_R_factor_R_free_error                 ? 
_refine.ls_R_factor_R_free_error_details         ? 
_refine.ls_percent_reflns_R_free                 10.04 
_refine.ls_number_reflns_R_free                  1127 
_refine.ls_number_parameters                     ? 
_refine.ls_number_restraints                     ? 
_refine.occupancy_min                            ? 
_refine.occupancy_max                            ? 
_refine.correlation_coeff_Fo_to_Fc               ? 
_refine.correlation_coeff_Fo_to_Fc_free          ? 
_refine.B_iso_mean                               ? 
_refine.aniso_B[1][1]                            -2.4809 
_refine.aniso_B[2][2]                            -11.9407 
_refine.aniso_B[3][3]                            14.4216 
_refine.aniso_B[1][2]                            -0.0000 
_refine.aniso_B[1][3]                            0.0000 
_refine.aniso_B[2][3]                            0.0000 
_refine.solvent_model_details                    'FLAT BULK SOLVENT MODEL' 
_refine.solvent_model_param_ksol                 0.398 
_refine.solvent_model_param_bsol                 61.753 
_refine.pdbx_solvent_vdw_probe_radii             1.10 
_refine.pdbx_solvent_ion_probe_radii             ? 
_refine.pdbx_solvent_shrinkage_radii             0.83 
_refine.pdbx_ls_cross_valid_method               'FREE R-VALUE' 
_refine.details                                  ? 
_refine.pdbx_starting_model                      ? 
_refine.pdbx_method_to_determine_struct          'MOLECULAR REPLACEMENT' 
_refine.pdbx_isotropic_thermal_model             ? 
_refine.pdbx_stereochemistry_target_values       ML 
_refine.pdbx_stereochem_target_val_spec_case     ? 
_refine.pdbx_R_Free_selection_details            ? 
_refine.pdbx_overall_ESU_R                       ? 
_refine.pdbx_overall_ESU_R_Free                  ? 
_refine.overall_SU_ML                            0.30 
_refine.pdbx_overall_phase_error                 29.13 
_refine.overall_SU_B                             ? 
_refine.overall_SU_R_Cruickshank_DPI             ? 
_refine.pdbx_overall_SU_R_free_Cruickshank_DPI   ? 
_refine.pdbx_overall_SU_R_Blow_DPI               ? 
_refine.pdbx_overall_SU_R_free_Blow_DPI          ? 
# 
_refine_hist.pdbx_refine_id                   'X-RAY DIFFRACTION' 
_refine_hist.cycle_id                         LAST 
_refine_hist.pdbx_number_atoms_protein        1494 
_refine_hist.pdbx_number_atoms_nucleic_acid   0 
_refine_hist.pdbx_number_atoms_ligand         0 
_refine_hist.number_atoms_solvent             8 
_refine_hist.number_atoms_total               1502 
_refine_hist.d_res_high                       2.155 
_refine_hist.d_res_low                        35.719 
# 
loop_
_refine_ls_restr.type 
_refine_ls_restr.dev_ideal 
_refine_ls_restr.dev_ideal_target 
_refine_ls_restr.weight 
_refine_ls_restr.number 
_refine_ls_restr.pdbx_refine_id 
_refine_ls_restr.pdbx_restraint_function 
f_bond_d           0.020  ? ? 1603 'X-RAY DIFFRACTION' ? 
f_angle_d          1.302  ? ? 2062 'X-RAY DIFFRACTION' ? 
f_dihedral_angle_d 15.372 ? ? 565  'X-RAY DIFFRACTION' ? 
f_chiral_restr     0.083  ? ? 257  'X-RAY DIFFRACTION' ? 
f_plane_restr      0.005  ? ? 260  'X-RAY DIFFRACTION' ? 
# 
loop_
_refine_ls_shell.pdbx_refine_id 
_refine_ls_shell.pdbx_total_number_of_bins_used 
_refine_ls_shell.d_res_high 
_refine_ls_shell.d_res_low 
_refine_ls_shell.number_reflns_R_work 
_refine_ls_shell.R_factor_R_work 
_refine_ls_shell.percent_reflns_obs 
_refine_ls_shell.R_factor_R_free 
_refine_ls_shell.R_factor_R_free_error 
_refine_ls_shell.percent_reflns_R_free 
_refine_ls_shell.number_reflns_R_free 
_refine_ls_shell.number_reflns_all 
_refine_ls_shell.R_factor_all 
'X-RAY DIFFRACTION' . 2.1546 2.2527  1056 0.2938 82.00  0.3885 . . 120 . . 
'X-RAY DIFFRACTION' . 2.2527 2.3714  1215 0.2464 94.00  0.3131 . . 136 . . 
'X-RAY DIFFRACTION' . 2.3714 2.5200  1236 0.2202 95.00  0.3448 . . 135 . . 
'X-RAY DIFFRACTION' . 2.5200 2.7145  1279 0.2243 98.00  0.2674 . . 143 . . 
'X-RAY DIFFRACTION' . 2.7145 2.9875  1289 0.2222 99.00  0.2976 . . 144 . . 
'X-RAY DIFFRACTION' . 2.9875 3.4195  1313 0.2249 99.00  0.2709 . . 146 . . 
'X-RAY DIFFRACTION' . 3.4195 4.3071  1327 0.2010 100.00 0.2396 . . 149 . . 
'X-RAY DIFFRACTION' . 4.3071 35.7244 1381 0.1984 99.00  0.2087 . . 154 . . 
# 
_struct.entry_id                     5F22 
_struct.title                        'C-terminal domain of SARS-CoV nsp8 complex with nsp7' 
_struct.pdbx_model_details           ? 
_struct.pdbx_formula_weight          ? 
_struct.pdbx_formula_weight_method   ? 
_struct.pdbx_model_type_details      ? 
_struct.pdbx_CASP_flag               ? 
# 
_struct_keywords.entry_id        5F22 
_struct_keywords.text            'Complex, primase, HYDROLASE' 
_struct_keywords.pdbx_keywords   HYDROLASE 
# 
loop_
_struct_asym.id 
_struct_asym.pdbx_blank_PDB_chainid_flag 
_struct_asym.pdbx_modified 
_struct_asym.entity_id 
_struct_asym.details 
A N N 1 ? 
B N N 2 ? 
C N N 3 ? 
D N N 3 ? 
# 
loop_
_struct_ref.db_code 
_struct_ref.db_name 
_struct_ref.details 
_struct_ref.entity_id 
_struct_ref.id 
_struct_ref.seq_align 
_struct_ref.seq_dif 
_struct_ref.pdbx_db_accession 
_struct_ref.pdbx_db_isoform 
_struct_ref.pdbx_seq_one_letter_code 
_struct_ref.pdbx_align_begin 
_struct_ref.pdbx_align_end 
R1A_CVHSA  UNP ? 1 1 ? ? P0C6U8 ? 
;SKMSDVKCTSVVLLSVLQQLRVESSSKLWAQCVQLHNDILLAKDTTEAFEKMVSLLSVLLSMQGAVDINRLCEEMLDNRA
TLQ
;
3837 ? 
R1AB_CVHSA UNP ? 2 2 ? ? P0C6X7 ? 
;MYKQARSEDKRAKVTSAMQTMLFTMLRKLDNDALNNIINNARDGCVPLNIIPLTTAAKLMVVVPDYGTYKNTCDGNTFTY
ASALWEIQQVVDADSKIVQLSEINMDNSPNLAWPLIVTALRANSAVKLQ
;
3989 ? 
# 
loop_
_struct_ref_seq.align_id 
_struct_ref_seq.ref_id 
_struct_ref_seq.pdbx_PDB_id_code 
_struct_ref_seq.pdbx_strand_id 
_struct_ref_seq.seq_align_beg 
_struct_ref_seq.pdbx_seq_align_beg_ins_code 
_struct_ref_seq.seq_align_end 
_struct_ref_seq.pdbx_seq_align_end_ins_code 
_struct_ref_seq.pdbx_db_accession 
_struct_ref_seq.db_align_beg 
_struct_ref_seq.pdbx_db_align_beg_ins_code 
_struct_ref_seq.db_align_end 
_struct_ref_seq.pdbx_db_align_end_ins_code 
_struct_ref_seq.pdbx_auth_seq_align_beg 
_struct_ref_seq.pdbx_auth_seq_align_end 
1 1 5F22 A 6 ? 88  ? P0C6U8 3837 ? 3919 ? 6  88  
2 2 5F22 B 6 ? 134 ? P0C6X7 3989 ? 4117 ? 75 203 
# 
loop_
_struct_ref_seq_dif.align_id 
_struct_ref_seq_dif.pdbx_pdb_id_code 
_struct_ref_seq_dif.mon_id 
_struct_ref_seq_dif.pdbx_pdb_strand_id 
_struct_ref_seq_dif.seq_num 
_struct_ref_seq_dif.pdbx_pdb_ins_code 
_struct_ref_seq_dif.pdbx_seq_db_name 
_struct_ref_seq_dif.pdbx_seq_db_accession_code 
_struct_ref_seq_dif.db_mon_id 
_struct_ref_seq_dif.pdbx_seq_db_seq_num 
_struct_ref_seq_dif.details 
_struct_ref_seq_dif.pdbx_auth_seq_num 
_struct_ref_seq_dif.pdbx_ordinal 
1 5F22 GLY A 1 ? UNP P0C6U8 ? ? 'expression tag' 1  1  
1 5F22 PRO A 2 ? UNP P0C6U8 ? ? 'expression tag' 2  2  
1 5F22 LEU A 3 ? UNP P0C6U8 ? ? 'expression tag' 3  3  
1 5F22 GLY A 4 ? UNP P0C6U8 ? ? 'expression tag' 4  4  
1 5F22 SER A 5 ? UNP P0C6U8 ? ? 'expression tag' 5  5  
2 5F22 GLY B 1 ? UNP P0C6X7 ? ? 'expression tag' 70 6  
2 5F22 PRO B 2 ? UNP P0C6X7 ? ? 'expression tag' 71 7  
2 5F22 LEU B 3 ? UNP P0C6X7 ? ? 'expression tag' 72 8  
2 5F22 GLY B 4 ? UNP P0C6X7 ? ? 'expression tag' 73 9  
2 5F22 SER B 5 ? UNP P0C6X7 ? ? 'expression tag' 74 10 
# 
_pdbx_struct_assembly.id                   1 
_pdbx_struct_assembly.details              author_and_software_defined_assembly 
_pdbx_struct_assembly.method_details       PISA 
_pdbx_struct_assembly.oligomeric_details   dimeric 
_pdbx_struct_assembly.oligomeric_count     2 
# 
loop_
_pdbx_struct_assembly_prop.biol_id 
_pdbx_struct_assembly_prop.type 
_pdbx_struct_assembly_prop.value 
_pdbx_struct_assembly_prop.details 
1 'ABSA (A^2)' 2870  ? 
1 MORE         -25   ? 
1 'SSA (A^2)'  10340 ? 
# 
_pdbx_struct_assembly_gen.assembly_id       1 
_pdbx_struct_assembly_gen.oper_expression   1 
_pdbx_struct_assembly_gen.asym_id_list      A,B,C,D 
# 
_pdbx_struct_oper_list.id                   1 
_pdbx_struct_oper_list.type                 'identity operation' 
_pdbx_struct_oper_list.name                 1_555 
_pdbx_struct_oper_list.symmetry_operation   x,y,z 
_pdbx_struct_oper_list.matrix[1][1]         1.0000000000 
_pdbx_struct_oper_list.matrix[1][2]         0.0000000000 
_pdbx_struct_oper_list.matrix[1][3]         0.0000000000 
_pdbx_struct_oper_list.vector[1]            0.0000000000 
_pdbx_struct_oper_list.matrix[2][1]         0.0000000000 
_pdbx_struct_oper_list.matrix[2][2]         1.0000000000 
_pdbx_struct_oper_list.matrix[2][3]         0.0000000000 
_pdbx_struct_oper_list.vector[2]            0.0000000000 
_pdbx_struct_oper_list.matrix[3][1]         0.0000000000 
_pdbx_struct_oper_list.matrix[3][2]         0.0000000000 
_pdbx_struct_oper_list.matrix[3][3]         1.0000000000 
_pdbx_struct_oper_list.vector[3]            0.0000000000 
# 
loop_
_struct_conf.conf_type_id 
_struct_conf.id 
_struct_conf.pdbx_PDB_helix_id 
_struct_conf.beg_label_comp_id 
_struct_conf.beg_label_asym_id 
_struct_conf.beg_label_seq_id 
_struct_conf.pdbx_beg_PDB_ins_code 
_struct_conf.end_label_comp_id 
_struct_conf.end_label_asym_id 
_struct_conf.end_label_seq_id 
_struct_conf.pdbx_end_PDB_ins_code 
_struct_conf.beg_auth_comp_id 
_struct_conf.beg_auth_asym_id 
_struct_conf.beg_auth_seq_id 
_struct_conf.end_auth_comp_id 
_struct_conf.end_auth_asym_id 
_struct_conf.end_auth_seq_id 
_struct_conf.pdbx_PDB_helix_class 
_struct_conf.details 
_struct_conf.pdbx_PDB_helix_length 
HELX_P HELX_P1  AA1 SER A 6   ? LEU A 25  ? SER A 6   LEU A 25  1 ? 20 
HELX_P HELX_P2  AA2 ARG A 26  ? SER A 29  ? ARG A 26  SER A 29  5 ? 4  
HELX_P HELX_P3  AA3 SER A 30  ? ALA A 47  ? SER A 30  ALA A 47  1 ? 18 
HELX_P HELX_P4  AA4 ASP A 49  ? SER A 66  ? ASP A 49  SER A 66  1 ? 18 
HELX_P HELX_P5  AA5 ASP A 72  ? ASN A 83  ? ASP A 72  ASN A 83  1 ? 12 
HELX_P HELX_P6  AA6 ASP B 14  ? ASP B 35  ? ASP B 83  ASP B 104 1 ? 22 
HELX_P HELX_P7  AA7 ASN B 36  ? ASP B 48  ? ASN B 105 ASP B 117 1 ? 13 
HELX_P HELX_P8  AA8 ASP B 70  ? THR B 77  ? ASP B 139 THR B 146 1 ? 8  
HELX_P HELX_P9  AA9 GLN B 104 ? ILE B 108 ? GLN B 173 ILE B 177 5 ? 5  
HELX_P HELX_P10 AB1 ASN B 112 ? LEU B 116 ? ASN B 181 LEU B 185 5 ? 5  
# 
_struct_conf_type.id          HELX_P 
_struct_conf_type.criteria    ? 
_struct_conf_type.reference   ? 
# 
_struct_conn.id                            disulf1 
_struct_conn.conn_type_id                  disulf 
_struct_conn.pdbx_leaving_atom_flag        ? 
_struct_conn.pdbx_PDB_id                   ? 
_struct_conn.ptnr1_label_asym_id           A 
_struct_conn.ptnr1_label_comp_id           CYS 
_struct_conn.ptnr1_label_seq_id            13 
_struct_conn.ptnr1_label_atom_id           SG 
_struct_conn.pdbx_ptnr1_label_alt_id       ? 
_struct_conn.pdbx_ptnr1_PDB_ins_code       ? 
_struct_conn.pdbx_ptnr1_standard_comp_id   ? 
_struct_conn.ptnr1_symmetry                1_555 
_struct_conn.ptnr2_label_asym_id           A 
_struct_conn.ptnr2_label_comp_id           CYS 
_struct_conn.ptnr2_label_seq_id            13 
_struct_conn.ptnr2_label_atom_id           SG 
_struct_conn.pdbx_ptnr2_label_alt_id       ? 
_struct_conn.pdbx_ptnr2_PDB_ins_code       ? 
_struct_conn.ptnr1_auth_asym_id            A 
_struct_conn.ptnr1_auth_comp_id            CYS 
_struct_conn.ptnr1_auth_seq_id             13 
_struct_conn.ptnr2_auth_asym_id            A 
_struct_conn.ptnr2_auth_comp_id            CYS 
_struct_conn.ptnr2_auth_seq_id             13 
_struct_conn.ptnr2_symmetry                4_555 
_struct_conn.pdbx_ptnr3_label_atom_id      ? 
_struct_conn.pdbx_ptnr3_label_seq_id       ? 
_struct_conn.pdbx_ptnr3_label_comp_id      ? 
_struct_conn.pdbx_ptnr3_label_asym_id      ? 
_struct_conn.pdbx_ptnr3_label_alt_id       ? 
_struct_conn.pdbx_ptnr3_PDB_ins_code       ? 
_struct_conn.details                       ? 
_struct_conn.pdbx_dist_value               2.084 
_struct_conn.pdbx_value_order              ? 
_struct_conn.pdbx_role                     ? 
# 
_struct_conn_type.id          disulf 
_struct_conn_type.criteria    ? 
_struct_conn_type.reference   ? 
# 
_pdbx_modification_feature.ordinal                            1 
_pdbx_modification_feature.label_comp_id                      CYS 
_pdbx_modification_feature.label_asym_id                      A 
_pdbx_modification_feature.label_seq_id                       13 
_pdbx_modification_feature.label_alt_id                       ? 
_pdbx_modification_feature.modified_residue_label_comp_id     CYS 
_pdbx_modification_feature.modified_residue_label_asym_id     A 
_pdbx_modification_feature.modified_residue_label_seq_id      13 
_pdbx_modification_feature.modified_residue_label_alt_id      ? 
_pdbx_modification_feature.auth_comp_id                       CYS 
_pdbx_modification_feature.auth_asym_id                       A 
_pdbx_modification_feature.auth_seq_id                        13 
_pdbx_modification_feature.PDB_ins_code                       ? 
_pdbx_modification_feature.symmetry                           1_555 
_pdbx_modification_feature.modified_residue_auth_comp_id      CYS 
_pdbx_modification_feature.modified_residue_auth_asym_id      A 
_pdbx_modification_feature.modified_residue_auth_seq_id       13 
_pdbx_modification_feature.modified_residue_PDB_ins_code      ? 
_pdbx_modification_feature.modified_residue_symmetry          4_555 
_pdbx_modification_feature.comp_id_linking_atom               SG 
_pdbx_modification_feature.modified_residue_id_linking_atom   SG 
_pdbx_modification_feature.modified_residue_id                . 
_pdbx_modification_feature.ref_pcm_id                         . 
_pdbx_modification_feature.ref_comp_id                        . 
_pdbx_modification_feature.type                               None 
_pdbx_modification_feature.category                           'Disulfide bridge' 
# 
_struct_mon_prot_cis.pdbx_id                1 
_struct_mon_prot_cis.label_comp_id          TRP 
_struct_mon_prot_cis.label_seq_id           118 
_struct_mon_prot_cis.label_asym_id          B 
_struct_mon_prot_cis.label_alt_id           . 
_struct_mon_prot_cis.pdbx_PDB_ins_code      ? 
_struct_mon_prot_cis.auth_comp_id           TRP 
_struct_mon_prot_cis.auth_seq_id            187 
_struct_mon_prot_cis.auth_asym_id           B 
_struct_mon_prot_cis.pdbx_label_comp_id_2   PRO 
_struct_mon_prot_cis.pdbx_label_seq_id_2    119 
_struct_mon_prot_cis.pdbx_label_asym_id_2   B 
_struct_mon_prot_cis.pdbx_PDB_ins_code_2    ? 
_struct_mon_prot_cis.pdbx_auth_comp_id_2    PRO 
_struct_mon_prot_cis.pdbx_auth_seq_id_2     188 
_struct_mon_prot_cis.pdbx_auth_asym_id_2    B 
_struct_mon_prot_cis.pdbx_PDB_model_num     1 
_struct_mon_prot_cis.pdbx_omega_angle       -0.85 
# 
_struct_sheet.id               AA1 
_struct_sheet.type             ? 
_struct_sheet.number_strands   5 
_struct_sheet.details          ? 
# 
loop_
_struct_sheet_order.sheet_id 
_struct_sheet_order.range_id_1 
_struct_sheet_order.range_id_2 
_struct_sheet_order.offset 
_struct_sheet_order.sense 
AA1 1 2 ? anti-parallel 
AA1 2 3 ? anti-parallel 
AA1 3 4 ? anti-parallel 
AA1 4 5 ? anti-parallel 
# 
loop_
_struct_sheet_range.sheet_id 
_struct_sheet_range.id 
_struct_sheet_range.beg_label_comp_id 
_struct_sheet_range.beg_label_asym_id 
_struct_sheet_range.beg_label_seq_id 
_struct_sheet_range.pdbx_beg_PDB_ins_code 
_struct_sheet_range.end_label_comp_id 
_struct_sheet_range.end_label_asym_id 
_struct_sheet_range.end_label_seq_id 
_struct_sheet_range.pdbx_end_PDB_ins_code 
_struct_sheet_range.beg_auth_comp_id 
_struct_sheet_range.beg_auth_asym_id 
_struct_sheet_range.beg_auth_seq_id 
_struct_sheet_range.end_auth_comp_id 
_struct_sheet_range.end_auth_asym_id 
_struct_sheet_range.end_auth_seq_id 
AA1 1 LYS B 63  ? VAL B 68  ? LYS B 132 VAL B 137 
AA1 2 LEU B 120 ? ARG B 126 ? LEU B 189 ARG B 195 
AA1 3 ALA B 88  ? VAL B 96  ? ALA B 157 VAL B 165 
AA1 4 THR B 82  ? TYR B 85  ? THR B 151 TYR B 154 
AA1 5 CYS B 78  ? ASP B 79  ? CYS B 147 ASP B 148 
# 
loop_
_pdbx_struct_sheet_hbond.sheet_id 
_pdbx_struct_sheet_hbond.range_id_1 
_pdbx_struct_sheet_hbond.range_id_2 
_pdbx_struct_sheet_hbond.range_1_label_atom_id 
_pdbx_struct_sheet_hbond.range_1_label_comp_id 
_pdbx_struct_sheet_hbond.range_1_label_asym_id 
_pdbx_struct_sheet_hbond.range_1_label_seq_id 
_pdbx_struct_sheet_hbond.range_1_PDB_ins_code 
_pdbx_struct_sheet_hbond.range_1_auth_atom_id 
_pdbx_struct_sheet_hbond.range_1_auth_comp_id 
_pdbx_struct_sheet_hbond.range_1_auth_asym_id 
_pdbx_struct_sheet_hbond.range_1_auth_seq_id 
_pdbx_struct_sheet_hbond.range_2_label_atom_id 
_pdbx_struct_sheet_hbond.range_2_label_comp_id 
_pdbx_struct_sheet_hbond.range_2_label_asym_id 
_pdbx_struct_sheet_hbond.range_2_label_seq_id 
_pdbx_struct_sheet_hbond.range_2_PDB_ins_code 
_pdbx_struct_sheet_hbond.range_2_auth_atom_id 
_pdbx_struct_sheet_hbond.range_2_auth_comp_id 
_pdbx_struct_sheet_hbond.range_2_auth_asym_id 
_pdbx_struct_sheet_hbond.range_2_auth_seq_id 
AA1 1 2 N VAL B 68  ? N VAL B 137 O LEU B 120 ? O LEU B 189 
AA1 2 3 O THR B 123 ? O THR B 192 N GLN B 93  ? N GLN B 162 
AA1 3 4 O TRP B 90  ? O TRP B 159 N PHE B 83  ? N PHE B 152 
AA1 4 5 O THR B 82  ? O THR B 151 N ASP B 79  ? N ASP B 148 
# 
_pdbx_entry_details.entry_id                   5F22 
_pdbx_entry_details.compound_details           ? 
_pdbx_entry_details.source_details             ? 
_pdbx_entry_details.nonpolymer_details         ? 
_pdbx_entry_details.sequence_details           ? 
_pdbx_entry_details.has_ligand_of_interest     ? 
_pdbx_entry_details.has_protein_modification   Y 
# 
_pdbx_validate_rmsd_angle.id                         1 
_pdbx_validate_rmsd_angle.PDB_model_num              1 
_pdbx_validate_rmsd_angle.auth_atom_id_1             N 
_pdbx_validate_rmsd_angle.auth_asym_id_1             A 
_pdbx_validate_rmsd_angle.auth_comp_id_1             ALA 
_pdbx_validate_rmsd_angle.auth_seq_id_1              70 
_pdbx_validate_rmsd_angle.PDB_ins_code_1             ? 
_pdbx_validate_rmsd_angle.label_alt_id_1             ? 
_pdbx_validate_rmsd_angle.auth_atom_id_2             CA 
_pdbx_validate_rmsd_angle.auth_asym_id_2             A 
_pdbx_validate_rmsd_angle.auth_comp_id_2             ALA 
_pdbx_validate_rmsd_angle.auth_seq_id_2              70 
_pdbx_validate_rmsd_angle.PDB_ins_code_2             ? 
_pdbx_validate_rmsd_angle.label_alt_id_2             ? 
_pdbx_validate_rmsd_angle.auth_atom_id_3             CB 
_pdbx_validate_rmsd_angle.auth_asym_id_3             A 
_pdbx_validate_rmsd_angle.auth_comp_id_3             ALA 
_pdbx_validate_rmsd_angle.auth_seq_id_3              70 
_pdbx_validate_rmsd_angle.PDB_ins_code_3             ? 
_pdbx_validate_rmsd_angle.label_alt_id_3             ? 
_pdbx_validate_rmsd_angle.angle_value                144.03 
_pdbx_validate_rmsd_angle.angle_target_value         110.10 
_pdbx_validate_rmsd_angle.angle_deviation            33.93 
_pdbx_validate_rmsd_angle.angle_standard_deviation   1.40 
_pdbx_validate_rmsd_angle.linker_flag                N 
# 
loop_
_pdbx_validate_torsion.id 
_pdbx_validate_torsion.PDB_model_num 
_pdbx_validate_torsion.auth_comp_id 
_pdbx_validate_torsion.auth_asym_id 
_pdbx_validate_torsion.auth_seq_id 
_pdbx_validate_torsion.PDB_ins_code 
_pdbx_validate_torsion.label_alt_id 
_pdbx_validate_torsion.phi 
_pdbx_validate_torsion.psi 
1 1 ARG A 26  ? ? 72.79  31.37  
2 1 ALA A 70  ? ? 134.57 85.10  
3 1 ALA B 130 ? ? 67.52  -10.99 
4 1 SER B 169 ? ? 76.64  -5.02  
# 
loop_
_pdbx_validate_peptide_omega.id 
_pdbx_validate_peptide_omega.PDB_model_num 
_pdbx_validate_peptide_omega.auth_comp_id_1 
_pdbx_validate_peptide_omega.auth_asym_id_1 
_pdbx_validate_peptide_omega.auth_seq_id_1 
_pdbx_validate_peptide_omega.PDB_ins_code_1 
_pdbx_validate_peptide_omega.label_alt_id_1 
_pdbx_validate_peptide_omega.auth_comp_id_2 
_pdbx_validate_peptide_omega.auth_asym_id_2 
_pdbx_validate_peptide_omega.auth_seq_id_2 
_pdbx_validate_peptide_omega.PDB_ins_code_2 
_pdbx_validate_peptide_omega.label_alt_id_2 
_pdbx_validate_peptide_omega.omega 
1 1 ALA A 70 ? ? VAL A 71 ? ? 144.26  
2 1 VAL A 71 ? ? ASP A 72 ? ? -140.78 
# 
loop_
_pdbx_unobs_or_zero_occ_residues.id 
_pdbx_unobs_or_zero_occ_residues.PDB_model_num 
_pdbx_unobs_or_zero_occ_residues.polymer_flag 
_pdbx_unobs_or_zero_occ_residues.occupancy_flag 
_pdbx_unobs_or_zero_occ_residues.auth_asym_id 
_pdbx_unobs_or_zero_occ_residues.auth_comp_id 
_pdbx_unobs_or_zero_occ_residues.auth_seq_id 
_pdbx_unobs_or_zero_occ_residues.PDB_ins_code 
_pdbx_unobs_or_zero_occ_residues.label_asym_id 
_pdbx_unobs_or_zero_occ_residues.label_comp_id 
_pdbx_unobs_or_zero_occ_residues.label_seq_id 
1  1 Y 1 A GLY 1   ? A GLY 1   
2  1 Y 1 A PRO 2   ? A PRO 2   
3  1 Y 1 A LEU 3   ? A LEU 3   
4  1 Y 1 A GLY 4   ? A GLY 4   
5  1 Y 1 A SER 5   ? A SER 5   
6  1 Y 1 A ALA 85  ? A ALA 85  
7  1 Y 1 A THR 86  ? A THR 86  
8  1 Y 1 A LEU 87  ? A LEU 87  
9  1 Y 1 A GLN 88  ? A GLN 88  
10 1 Y 1 B GLY 70  ? B GLY 1   
11 1 Y 1 B PRO 71  ? B PRO 2   
12 1 Y 1 B LEU 72  ? B LEU 3   
13 1 Y 1 B GLY 73  ? B GLY 4   
14 1 Y 1 B SER 74  ? B SER 5   
15 1 Y 1 B MET 75  ? B MET 6   
16 1 Y 1 B TYR 76  ? B TYR 7   
17 1 Y 1 B LYS 77  ? B LYS 8   
18 1 Y 1 B GLN 78  ? B GLN 9   
19 1 Y 1 B ALA 79  ? B ALA 10  
20 1 Y 1 B ARG 80  ? B ARG 11  
21 1 Y 1 B SER 81  ? B SER 12  
22 1 Y 1 B ASN 197 ? B ASN 128 
23 1 Y 1 B SER 198 ? B SER 129 
24 1 Y 1 B ALA 199 ? B ALA 130 
25 1 Y 1 B VAL 200 ? B VAL 131 
26 1 Y 1 B LYS 201 ? B LYS 132 
27 1 Y 1 B LEU 202 ? B LEU 133 
28 1 Y 1 B GLN 203 ? B GLN 134 
# 
loop_
_chem_comp_atom.comp_id 
_chem_comp_atom.atom_id 
_chem_comp_atom.type_symbol 
_chem_comp_atom.pdbx_aromatic_flag 
_chem_comp_atom.pdbx_stereo_config 
_chem_comp_atom.pdbx_ordinal 
ALA N    N N N 1   
ALA CA   C N S 2   
ALA C    C N N 3   
ALA O    O N N 4   
ALA CB   C N N 5   
ALA OXT  O N N 6   
ALA H    H N N 7   
ALA H2   H N N 8   
ALA HA   H N N 9   
ALA HB1  H N N 10  
ALA HB2  H N N 11  
ALA HB3  H N N 12  
ALA HXT  H N N 13  
ARG N    N N N 14  
ARG CA   C N S 15  
ARG C    C N N 16  
ARG O    O N N 17  
ARG CB   C N N 18  
ARG CG   C N N 19  
ARG CD   C N N 20  
ARG NE   N N N 21  
ARG CZ   C N N 22  
ARG NH1  N N N 23  
ARG NH2  N N N 24  
ARG OXT  O N N 25  
ARG H    H N N 26  
ARG H2   H N N 27  
ARG HA   H N N 28  
ARG HB2  H N N 29  
ARG HB3  H N N 30  
ARG HG2  H N N 31  
ARG HG3  H N N 32  
ARG HD2  H N N 33  
ARG HD3  H N N 34  
ARG HE   H N N 35  
ARG HH11 H N N 36  
ARG HH12 H N N 37  
ARG HH21 H N N 38  
ARG HH22 H N N 39  
ARG HXT  H N N 40  
ASN N    N N N 41  
ASN CA   C N S 42  
ASN C    C N N 43  
ASN O    O N N 44  
ASN CB   C N N 45  
ASN CG   C N N 46  
ASN OD1  O N N 47  
ASN ND2  N N N 48  
ASN OXT  O N N 49  
ASN H    H N N 50  
ASN H2   H N N 51  
ASN HA   H N N 52  
ASN HB2  H N N 53  
ASN HB3  H N N 54  
ASN HD21 H N N 55  
ASN HD22 H N N 56  
ASN HXT  H N N 57  
ASP N    N N N 58  
ASP CA   C N S 59  
ASP C    C N N 60  
ASP O    O N N 61  
ASP CB   C N N 62  
ASP CG   C N N 63  
ASP OD1  O N N 64  
ASP OD2  O N N 65  
ASP OXT  O N N 66  
ASP H    H N N 67  
ASP H2   H N N 68  
ASP HA   H N N 69  
ASP HB2  H N N 70  
ASP HB3  H N N 71  
ASP HD2  H N N 72  
ASP HXT  H N N 73  
CYS N    N N N 74  
CYS CA   C N R 75  
CYS C    C N N 76  
CYS O    O N N 77  
CYS CB   C N N 78  
CYS SG   S N N 79  
CYS OXT  O N N 80  
CYS H    H N N 81  
CYS H2   H N N 82  
CYS HA   H N N 83  
CYS HB2  H N N 84  
CYS HB3  H N N 85  
CYS HG   H N N 86  
CYS HXT  H N N 87  
GLN N    N N N 88  
GLN CA   C N S 89  
GLN C    C N N 90  
GLN O    O N N 91  
GLN CB   C N N 92  
GLN CG   C N N 93  
GLN CD   C N N 94  
GLN OE1  O N N 95  
GLN NE2  N N N 96  
GLN OXT  O N N 97  
GLN H    H N N 98  
GLN H2   H N N 99  
GLN HA   H N N 100 
GLN HB2  H N N 101 
GLN HB3  H N N 102 
GLN HG2  H N N 103 
GLN HG3  H N N 104 
GLN HE21 H N N 105 
GLN HE22 H N N 106 
GLN HXT  H N N 107 
GLU N    N N N 108 
GLU CA   C N S 109 
GLU C    C N N 110 
GLU O    O N N 111 
GLU CB   C N N 112 
GLU CG   C N N 113 
GLU CD   C N N 114 
GLU OE1  O N N 115 
GLU OE2  O N N 116 
GLU OXT  O N N 117 
GLU H    H N N 118 
GLU H2   H N N 119 
GLU HA   H N N 120 
GLU HB2  H N N 121 
GLU HB3  H N N 122 
GLU HG2  H N N 123 
GLU HG3  H N N 124 
GLU HE2  H N N 125 
GLU HXT  H N N 126 
GLY N    N N N 127 
GLY CA   C N N 128 
GLY C    C N N 129 
GLY O    O N N 130 
GLY OXT  O N N 131 
GLY H    H N N 132 
GLY H2   H N N 133 
GLY HA2  H N N 134 
GLY HA3  H N N 135 
GLY HXT  H N N 136 
HIS N    N N N 137 
HIS CA   C N S 138 
HIS C    C N N 139 
HIS O    O N N 140 
HIS CB   C N N 141 
HIS CG   C Y N 142 
HIS ND1  N Y N 143 
HIS CD2  C Y N 144 
HIS CE1  C Y N 145 
HIS NE2  N Y N 146 
HIS OXT  O N N 147 
HIS H    H N N 148 
HIS H2   H N N 149 
HIS HA   H N N 150 
HIS HB2  H N N 151 
HIS HB3  H N N 152 
HIS HD1  H N N 153 
HIS HD2  H N N 154 
HIS HE1  H N N 155 
HIS HE2  H N N 156 
HIS HXT  H N N 157 
HOH O    O N N 158 
HOH H1   H N N 159 
HOH H2   H N N 160 
ILE N    N N N 161 
ILE CA   C N S 162 
ILE C    C N N 163 
ILE O    O N N 164 
ILE CB   C N S 165 
ILE CG1  C N N 166 
ILE CG2  C N N 167 
ILE CD1  C N N 168 
ILE OXT  O N N 169 
ILE H    H N N 170 
ILE H2   H N N 171 
ILE HA   H N N 172 
ILE HB   H N N 173 
ILE HG12 H N N 174 
ILE HG13 H N N 175 
ILE HG21 H N N 176 
ILE HG22 H N N 177 
ILE HG23 H N N 178 
ILE HD11 H N N 179 
ILE HD12 H N N 180 
ILE HD13 H N N 181 
ILE HXT  H N N 182 
LEU N    N N N 183 
LEU CA   C N S 184 
LEU C    C N N 185 
LEU O    O N N 186 
LEU CB   C N N 187 
LEU CG   C N N 188 
LEU CD1  C N N 189 
LEU CD2  C N N 190 
LEU OXT  O N N 191 
LEU H    H N N 192 
LEU H2   H N N 193 
LEU HA   H N N 194 
LEU HB2  H N N 195 
LEU HB3  H N N 196 
LEU HG   H N N 197 
LEU HD11 H N N 198 
LEU HD12 H N N 199 
LEU HD13 H N N 200 
LEU HD21 H N N 201 
LEU HD22 H N N 202 
LEU HD23 H N N 203 
LEU HXT  H N N 204 
LYS N    N N N 205 
LYS CA   C N S 206 
LYS C    C N N 207 
LYS O    O N N 208 
LYS CB   C N N 209 
LYS CG   C N N 210 
LYS CD   C N N 211 
LYS CE   C N N 212 
LYS NZ   N N N 213 
LYS OXT  O N N 214 
LYS H    H N N 215 
LYS H2   H N N 216 
LYS HA   H N N 217 
LYS HB2  H N N 218 
LYS HB3  H N N 219 
LYS HG2  H N N 220 
LYS HG3  H N N 221 
LYS HD2  H N N 222 
LYS HD3  H N N 223 
LYS HE2  H N N 224 
LYS HE3  H N N 225 
LYS HZ1  H N N 226 
LYS HZ2  H N N 227 
LYS HZ3  H N N 228 
LYS HXT  H N N 229 
MET N    N N N 230 
MET CA   C N S 231 
MET C    C N N 232 
MET O    O N N 233 
MET CB   C N N 234 
MET CG   C N N 235 
MET SD   S N N 236 
MET CE   C N N 237 
MET OXT  O N N 238 
MET H    H N N 239 
MET H2   H N N 240 
MET HA   H N N 241 
MET HB2  H N N 242 
MET HB3  H N N 243 
MET HG2  H N N 244 
MET HG3  H N N 245 
MET HE1  H N N 246 
MET HE2  H N N 247 
MET HE3  H N N 248 
MET HXT  H N N 249 
PHE N    N N N 250 
PHE CA   C N S 251 
PHE C    C N N 252 
PHE O    O N N 253 
PHE CB   C N N 254 
PHE CG   C Y N 255 
PHE CD1  C Y N 256 
PHE CD2  C Y N 257 
PHE CE1  C Y N 258 
PHE CE2  C Y N 259 
PHE CZ   C Y N 260 
PHE OXT  O N N 261 
PHE H    H N N 262 
PHE H2   H N N 263 
PHE HA   H N N 264 
PHE HB2  H N N 265 
PHE HB3  H N N 266 
PHE HD1  H N N 267 
PHE HD2  H N N 268 
PHE HE1  H N N 269 
PHE HE2  H N N 270 
PHE HZ   H N N 271 
PHE HXT  H N N 272 
PRO N    N N N 273 
PRO CA   C N S 274 
PRO C    C N N 275 
PRO O    O N N 276 
PRO CB   C N N 277 
PRO CG   C N N 278 
PRO CD   C N N 279 
PRO OXT  O N N 280 
PRO H    H N N 281 
PRO HA   H N N 282 
PRO HB2  H N N 283 
PRO HB3  H N N 284 
PRO HG2  H N N 285 
PRO HG3  H N N 286 
PRO HD2  H N N 287 
PRO HD3  H N N 288 
PRO HXT  H N N 289 
SER N    N N N 290 
SER CA   C N S 291 
SER C    C N N 292 
SER O    O N N 293 
SER CB   C N N 294 
SER OG   O N N 295 
SER OXT  O N N 296 
SER H    H N N 297 
SER H2   H N N 298 
SER HA   H N N 299 
SER HB2  H N N 300 
SER HB3  H N N 301 
SER HG   H N N 302 
SER HXT  H N N 303 
THR N    N N N 304 
THR CA   C N S 305 
THR C    C N N 306 
THR O    O N N 307 
THR CB   C N R 308 
THR OG1  O N N 309 
THR CG2  C N N 310 
THR OXT  O N N 311 
THR H    H N N 312 
THR H2   H N N 313 
THR HA   H N N 314 
THR HB   H N N 315 
THR HG1  H N N 316 
THR HG21 H N N 317 
THR HG22 H N N 318 
THR HG23 H N N 319 
THR HXT  H N N 320 
TRP N    N N N 321 
TRP CA   C N S 322 
TRP C    C N N 323 
TRP O    O N N 324 
TRP CB   C N N 325 
TRP CG   C Y N 326 
TRP CD1  C Y N 327 
TRP CD2  C Y N 328 
TRP NE1  N Y N 329 
TRP CE2  C Y N 330 
TRP CE3  C Y N 331 
TRP CZ2  C Y N 332 
TRP CZ3  C Y N 333 
TRP CH2  C Y N 334 
TRP OXT  O N N 335 
TRP H    H N N 336 
TRP H2   H N N 337 
TRP HA   H N N 338 
TRP HB2  H N N 339 
TRP HB3  H N N 340 
TRP HD1  H N N 341 
TRP HE1  H N N 342 
TRP HE3  H N N 343 
TRP HZ2  H N N 344 
TRP HZ3  H N N 345 
TRP HH2  H N N 346 
TRP HXT  H N N 347 
TYR N    N N N 348 
TYR CA   C N S 349 
TYR C    C N N 350 
TYR O    O N N 351 
TYR CB   C N N 352 
TYR CG   C Y N 353 
TYR CD1  C Y N 354 
TYR CD2  C Y N 355 
TYR CE1  C Y N 356 
TYR CE2  C Y N 357 
TYR CZ   C Y N 358 
TYR OH   O N N 359 
TYR OXT  O N N 360 
TYR H    H N N 361 
TYR H2   H N N 362 
TYR HA   H N N 363 
TYR HB2  H N N 364 
TYR HB3  H N N 365 
TYR HD1  H N N 366 
TYR HD2  H N N 367 
TYR HE1  H N N 368 
TYR HE2  H N N 369 
TYR HH   H N N 370 
TYR HXT  H N N 371 
VAL N    N N N 372 
VAL CA   C N S 373 
VAL C    C N N 374 
VAL O    O N N 375 
VAL CB   C N N 376 
VAL CG1  C N N 377 
VAL CG2  C N N 378 
VAL OXT  O N N 379 
VAL H    H N N 380 
VAL H2   H N N 381 
VAL HA   H N N 382 
VAL HB   H N N 383 
VAL HG11 H N N 384 
VAL HG12 H N N 385 
VAL HG13 H N N 386 
VAL HG21 H N N 387 
VAL HG22 H N N 388 
VAL HG23 H N N 389 
VAL HXT  H N N 390 
# 
loop_
_chem_comp_bond.comp_id 
_chem_comp_bond.atom_id_1 
_chem_comp_bond.atom_id_2 
_chem_comp_bond.value_order 
_chem_comp_bond.pdbx_aromatic_flag 
_chem_comp_bond.pdbx_stereo_config 
_chem_comp_bond.pdbx_ordinal 
ALA N   CA   sing N N 1   
ALA N   H    sing N N 2   
ALA N   H2   sing N N 3   
ALA CA  C    sing N N 4   
ALA CA  CB   sing N N 5   
ALA CA  HA   sing N N 6   
ALA C   O    doub N N 7   
ALA C   OXT  sing N N 8   
ALA CB  HB1  sing N N 9   
ALA CB  HB2  sing N N 10  
ALA CB  HB3  sing N N 11  
ALA OXT HXT  sing N N 12  
ARG N   CA   sing N N 13  
ARG N   H    sing N N 14  
ARG N   H2   sing N N 15  
ARG CA  C    sing N N 16  
ARG CA  CB   sing N N 17  
ARG CA  HA   sing N N 18  
ARG C   O    doub N N 19  
ARG C   OXT  sing N N 20  
ARG CB  CG   sing N N 21  
ARG CB  HB2  sing N N 22  
ARG CB  HB3  sing N N 23  
ARG CG  CD   sing N N 24  
ARG CG  HG2  sing N N 25  
ARG CG  HG3  sing N N 26  
ARG CD  NE   sing N N 27  
ARG CD  HD2  sing N N 28  
ARG CD  HD3  sing N N 29  
ARG NE  CZ   sing N N 30  
ARG NE  HE   sing N N 31  
ARG CZ  NH1  sing N N 32  
ARG CZ  NH2  doub N N 33  
ARG NH1 HH11 sing N N 34  
ARG NH1 HH12 sing N N 35  
ARG NH2 HH21 sing N N 36  
ARG NH2 HH22 sing N N 37  
ARG OXT HXT  sing N N 38  
ASN N   CA   sing N N 39  
ASN N   H    sing N N 40  
ASN N   H2   sing N N 41  
ASN CA  C    sing N N 42  
ASN CA  CB   sing N N 43  
ASN CA  HA   sing N N 44  
ASN C   O    doub N N 45  
ASN C   OXT  sing N N 46  
ASN CB  CG   sing N N 47  
ASN CB  HB2  sing N N 48  
ASN CB  HB3  sing N N 49  
ASN CG  OD1  doub N N 50  
ASN CG  ND2  sing N N 51  
ASN ND2 HD21 sing N N 52  
ASN ND2 HD22 sing N N 53  
ASN OXT HXT  sing N N 54  
ASP N   CA   sing N N 55  
ASP N   H    sing N N 56  
ASP N   H2   sing N N 57  
ASP CA  C    sing N N 58  
ASP CA  CB   sing N N 59  
ASP CA  HA   sing N N 60  
ASP C   O    doub N N 61  
ASP C   OXT  sing N N 62  
ASP CB  CG   sing N N 63  
ASP CB  HB2  sing N N 64  
ASP CB  HB3  sing N N 65  
ASP CG  OD1  doub N N 66  
ASP CG  OD2  sing N N 67  
ASP OD2 HD2  sing N N 68  
ASP OXT HXT  sing N N 69  
CYS N   CA   sing N N 70  
CYS N   H    sing N N 71  
CYS N   H2   sing N N 72  
CYS CA  C    sing N N 73  
CYS CA  CB   sing N N 74  
CYS CA  HA   sing N N 75  
CYS C   O    doub N N 76  
CYS C   OXT  sing N N 77  
CYS CB  SG   sing N N 78  
CYS CB  HB2  sing N N 79  
CYS CB  HB3  sing N N 80  
CYS SG  HG   sing N N 81  
CYS OXT HXT  sing N N 82  
GLN N   CA   sing N N 83  
GLN N   H    sing N N 84  
GLN N   H2   sing N N 85  
GLN CA  C    sing N N 86  
GLN CA  CB   sing N N 87  
GLN CA  HA   sing N N 88  
GLN C   O    doub N N 89  
GLN C   OXT  sing N N 90  
GLN CB  CG   sing N N 91  
GLN CB  HB2  sing N N 92  
GLN CB  HB3  sing N N 93  
GLN CG  CD   sing N N 94  
GLN CG  HG2  sing N N 95  
GLN CG  HG3  sing N N 96  
GLN CD  OE1  doub N N 97  
GLN CD  NE2  sing N N 98  
GLN NE2 HE21 sing N N 99  
GLN NE2 HE22 sing N N 100 
GLN OXT HXT  sing N N 101 
GLU N   CA   sing N N 102 
GLU N   H    sing N N 103 
GLU N   H2   sing N N 104 
GLU CA  C    sing N N 105 
GLU CA  CB   sing N N 106 
GLU CA  HA   sing N N 107 
GLU C   O    doub N N 108 
GLU C   OXT  sing N N 109 
GLU CB  CG   sing N N 110 
GLU CB  HB2  sing N N 111 
GLU CB  HB3  sing N N 112 
GLU CG  CD   sing N N 113 
GLU CG  HG2  sing N N 114 
GLU CG  HG3  sing N N 115 
GLU CD  OE1  doub N N 116 
GLU CD  OE2  sing N N 117 
GLU OE2 HE2  sing N N 118 
GLU OXT HXT  sing N N 119 
GLY N   CA   sing N N 120 
GLY N   H    sing N N 121 
GLY N   H2   sing N N 122 
GLY CA  C    sing N N 123 
GLY CA  HA2  sing N N 124 
GLY CA  HA3  sing N N 125 
GLY C   O    doub N N 126 
GLY C   OXT  sing N N 127 
GLY OXT HXT  sing N N 128 
HIS N   CA   sing N N 129 
HIS N   H    sing N N 130 
HIS N   H2   sing N N 131 
HIS CA  C    sing N N 132 
HIS CA  CB   sing N N 133 
HIS CA  HA   sing N N 134 
HIS C   O    doub N N 135 
HIS C   OXT  sing N N 136 
HIS CB  CG   sing N N 137 
HIS CB  HB2  sing N N 138 
HIS CB  HB3  sing N N 139 
HIS CG  ND1  sing Y N 140 
HIS CG  CD2  doub Y N 141 
HIS ND1 CE1  doub Y N 142 
HIS ND1 HD1  sing N N 143 
HIS CD2 NE2  sing Y N 144 
HIS CD2 HD2  sing N N 145 
HIS CE1 NE2  sing Y N 146 
HIS CE1 HE1  sing N N 147 
HIS NE2 HE2  sing N N 148 
HIS OXT HXT  sing N N 149 
HOH O   H1   sing N N 150 
HOH O   H2   sing N N 151 
ILE N   CA   sing N N 152 
ILE N   H    sing N N 153 
ILE N   H2   sing N N 154 
ILE CA  C    sing N N 155 
ILE CA  CB   sing N N 156 
ILE CA  HA   sing N N 157 
ILE C   O    doub N N 158 
ILE C   OXT  sing N N 159 
ILE CB  CG1  sing N N 160 
ILE CB  CG2  sing N N 161 
ILE CB  HB   sing N N 162 
ILE CG1 CD1  sing N N 163 
ILE CG1 HG12 sing N N 164 
ILE CG1 HG13 sing N N 165 
ILE CG2 HG21 sing N N 166 
ILE CG2 HG22 sing N N 167 
ILE CG2 HG23 sing N N 168 
ILE CD1 HD11 sing N N 169 
ILE CD1 HD12 sing N N 170 
ILE CD1 HD13 sing N N 171 
ILE OXT HXT  sing N N 172 
LEU N   CA   sing N N 173 
LEU N   H    sing N N 174 
LEU N   H2   sing N N 175 
LEU CA  C    sing N N 176 
LEU CA  CB   sing N N 177 
LEU CA  HA   sing N N 178 
LEU C   O    doub N N 179 
LEU C   OXT  sing N N 180 
LEU CB  CG   sing N N 181 
LEU CB  HB2  sing N N 182 
LEU CB  HB3  sing N N 183 
LEU CG  CD1  sing N N 184 
LEU CG  CD2  sing N N 185 
LEU CG  HG   sing N N 186 
LEU CD1 HD11 sing N N 187 
LEU CD1 HD12 sing N N 188 
LEU CD1 HD13 sing N N 189 
LEU CD2 HD21 sing N N 190 
LEU CD2 HD22 sing N N 191 
LEU CD2 HD23 sing N N 192 
LEU OXT HXT  sing N N 193 
LYS N   CA   sing N N 194 
LYS N   H    sing N N 195 
LYS N   H2   sing N N 196 
LYS CA  C    sing N N 197 
LYS CA  CB   sing N N 198 
LYS CA  HA   sing N N 199 
LYS C   O    doub N N 200 
LYS C   OXT  sing N N 201 
LYS CB  CG   sing N N 202 
LYS CB  HB2  sing N N 203 
LYS CB  HB3  sing N N 204 
LYS CG  CD   sing N N 205 
LYS CG  HG2  sing N N 206 
LYS CG  HG3  sing N N 207 
LYS CD  CE   sing N N 208 
LYS CD  HD2  sing N N 209 
LYS CD  HD3  sing N N 210 
LYS CE  NZ   sing N N 211 
LYS CE  HE2  sing N N 212 
LYS CE  HE3  sing N N 213 
LYS NZ  HZ1  sing N N 214 
LYS NZ  HZ2  sing N N 215 
LYS NZ  HZ3  sing N N 216 
LYS OXT HXT  sing N N 217 
MET N   CA   sing N N 218 
MET N   H    sing N N 219 
MET N   H2   sing N N 220 
MET CA  C    sing N N 221 
MET CA  CB   sing N N 222 
MET CA  HA   sing N N 223 
MET C   O    doub N N 224 
MET C   OXT  sing N N 225 
MET CB  CG   sing N N 226 
MET CB  HB2  sing N N 227 
MET CB  HB3  sing N N 228 
MET CG  SD   sing N N 229 
MET CG  HG2  sing N N 230 
MET CG  HG3  sing N N 231 
MET SD  CE   sing N N 232 
MET CE  HE1  sing N N 233 
MET CE  HE2  sing N N 234 
MET CE  HE3  sing N N 235 
MET OXT HXT  sing N N 236 
PHE N   CA   sing N N 237 
PHE N   H    sing N N 238 
PHE N   H2   sing N N 239 
PHE CA  C    sing N N 240 
PHE CA  CB   sing N N 241 
PHE CA  HA   sing N N 242 
PHE C   O    doub N N 243 
PHE C   OXT  sing N N 244 
PHE CB  CG   sing N N 245 
PHE CB  HB2  sing N N 246 
PHE CB  HB3  sing N N 247 
PHE CG  CD1  doub Y N 248 
PHE CG  CD2  sing Y N 249 
PHE CD1 CE1  sing Y N 250 
PHE CD1 HD1  sing N N 251 
PHE CD2 CE2  doub Y N 252 
PHE CD2 HD2  sing N N 253 
PHE CE1 CZ   doub Y N 254 
PHE CE1 HE1  sing N N 255 
PHE CE2 CZ   sing Y N 256 
PHE CE2 HE2  sing N N 257 
PHE CZ  HZ   sing N N 258 
PHE OXT HXT  sing N N 259 
PRO N   CA   sing N N 260 
PRO N   CD   sing N N 261 
PRO N   H    sing N N 262 
PRO CA  C    sing N N 263 
PRO CA  CB   sing N N 264 
PRO CA  HA   sing N N 265 
PRO C   O    doub N N 266 
PRO C   OXT  sing N N 267 
PRO CB  CG   sing N N 268 
PRO CB  HB2  sing N N 269 
PRO CB  HB3  sing N N 270 
PRO CG  CD   sing N N 271 
PRO CG  HG2  sing N N 272 
PRO CG  HG3  sing N N 273 
PRO CD  HD2  sing N N 274 
PRO CD  HD3  sing N N 275 
PRO OXT HXT  sing N N 276 
SER N   CA   sing N N 277 
SER N   H    sing N N 278 
SER N   H2   sing N N 279 
SER CA  C    sing N N 280 
SER CA  CB   sing N N 281 
SER CA  HA   sing N N 282 
SER C   O    doub N N 283 
SER C   OXT  sing N N 284 
SER CB  OG   sing N N 285 
SER CB  HB2  sing N N 286 
SER CB  HB3  sing N N 287 
SER OG  HG   sing N N 288 
SER OXT HXT  sing N N 289 
THR N   CA   sing N N 290 
THR N   H    sing N N 291 
THR N   H2   sing N N 292 
THR CA  C    sing N N 293 
THR CA  CB   sing N N 294 
THR CA  HA   sing N N 295 
THR C   O    doub N N 296 
THR C   OXT  sing N N 297 
THR CB  OG1  sing N N 298 
THR CB  CG2  sing N N 299 
THR CB  HB   sing N N 300 
THR OG1 HG1  sing N N 301 
THR CG2 HG21 sing N N 302 
THR CG2 HG22 sing N N 303 
THR CG2 HG23 sing N N 304 
THR OXT HXT  sing N N 305 
TRP N   CA   sing N N 306 
TRP N   H    sing N N 307 
TRP N   H2   sing N N 308 
TRP CA  C    sing N N 309 
TRP CA  CB   sing N N 310 
TRP CA  HA   sing N N 311 
TRP C   O    doub N N 312 
TRP C   OXT  sing N N 313 
TRP CB  CG   sing N N 314 
TRP CB  HB2  sing N N 315 
TRP CB  HB3  sing N N 316 
TRP CG  CD1  doub Y N 317 
TRP CG  CD2  sing Y N 318 
TRP CD1 NE1  sing Y N 319 
TRP CD1 HD1  sing N N 320 
TRP CD2 CE2  doub Y N 321 
TRP CD2 CE3  sing Y N 322 
TRP NE1 CE2  sing Y N 323 
TRP NE1 HE1  sing N N 324 
TRP CE2 CZ2  sing Y N 325 
TRP CE3 CZ3  doub Y N 326 
TRP CE3 HE3  sing N N 327 
TRP CZ2 CH2  doub Y N 328 
TRP CZ2 HZ2  sing N N 329 
TRP CZ3 CH2  sing Y N 330 
TRP CZ3 HZ3  sing N N 331 
TRP CH2 HH2  sing N N 332 
TRP OXT HXT  sing N N 333 
TYR N   CA   sing N N 334 
TYR N   H    sing N N 335 
TYR N   H2   sing N N 336 
TYR CA  C    sing N N 337 
TYR CA  CB   sing N N 338 
TYR CA  HA   sing N N 339 
TYR C   O    doub N N 340 
TYR C   OXT  sing N N 341 
TYR CB  CG   sing N N 342 
TYR CB  HB2  sing N N 343 
TYR CB  HB3  sing N N 344 
TYR CG  CD1  doub Y N 345 
TYR CG  CD2  sing Y N 346 
TYR CD1 CE1  sing Y N 347 
TYR CD1 HD1  sing N N 348 
TYR CD2 CE2  doub Y N 349 
TYR CD2 HD2  sing N N 350 
TYR CE1 CZ   doub Y N 351 
TYR CE1 HE1  sing N N 352 
TYR CE2 CZ   sing Y N 353 
TYR CE2 HE2  sing N N 354 
TYR CZ  OH   sing N N 355 
TYR OH  HH   sing N N 356 
TYR OXT HXT  sing N N 357 
VAL N   CA   sing N N 358 
VAL N   H    sing N N 359 
VAL N   H2   sing N N 360 
VAL CA  C    sing N N 361 
VAL CA  CB   sing N N 362 
VAL CA  HA   sing N N 363 
VAL C   O    doub N N 364 
VAL C   OXT  sing N N 365 
VAL CB  CG1  sing N N 366 
VAL CB  CG2  sing N N 367 
VAL CB  HB   sing N N 368 
VAL CG1 HG11 sing N N 369 
VAL CG1 HG12 sing N N 370 
VAL CG1 HG13 sing N N 371 
VAL CG2 HG21 sing N N 372 
VAL CG2 HG22 sing N N 373 
VAL CG2 HG23 sing N N 374 
VAL OXT HXT  sing N N 375 
# 
loop_
_pdbx_audit_support.funding_organization 
_pdbx_audit_support.country 
_pdbx_audit_support.grant_number 
_pdbx_audit_support.ordinal 
'Project 973 of the Ministry of Science'           China 2006CB806503         1 
'Project 973 of the Ministry of Science'           China 2007CB914301         2 
'the National Natural Science Foundation of China' China '30221003, 30730022' 3 
# 
_atom_sites.entry_id                    5F22 
_atom_sites.fract_transf_matrix[1][1]   0.00797702 
_atom_sites.fract_transf_matrix[1][2]   0.00370588 
_atom_sites.fract_transf_matrix[1][3]   0.01758376 
_atom_sites.fract_transf_matrix[2][1]   0.01236301 
_atom_sites.fract_transf_matrix[2][2]   0.00239379 
_atom_sites.fract_transf_matrix[2][3]   -0.00611309 
_atom_sites.fract_transf_matrix[3][1]   -0.00203897 
_atom_sites.fract_transf_matrix[3][2]   0.00838161 
_atom_sites.fract_transf_matrix[3][3]   -0.00084147 
_atom_sites.fract_transf_vector[1]      -0.105858 
_atom_sites.fract_transf_vector[2]      -0.232752 
_atom_sites.fract_transf_vector[3]      -0.089172 
# 
loop_
_atom_type.symbol 
C 
N 
O 
S 
# 
loop_
_atom_site.group_PDB 
_atom_site.id 
_atom_site.type_symbol 
_atom_site.label_atom_id 
_atom_site.label_alt_id 
_atom_site.label_comp_id 
_atom_site.label_asym_id 
_atom_site.label_entity_id 
_atom_site.label_seq_id 
_atom_site.pdbx_PDB_ins_code 
_atom_site.Cartn_x 
_atom_site.Cartn_y 
_atom_site.Cartn_z 
_atom_site.occupancy 
_atom_site.B_iso_or_equiv 
_atom_site.pdbx_formal_charge 
_atom_site.auth_seq_id 
_atom_site.auth_comp_id 
_atom_site.auth_asym_id 
_atom_site.auth_atom_id 
_atom_site.pdbx_PDB_model_num 
ATOM   1    N N   . SER A 1 6   ? 13.900  4.373   -20.195 1.00 81.35  ? 6   SER A N   1 
ATOM   2    C CA  . SER A 1 6   ? 12.580  4.304   -20.831 1.00 89.88  ? 6   SER A CA  1 
ATOM   3    C C   . SER A 1 6   ? 11.470  4.645   -19.834 1.00 83.85  ? 6   SER A C   1 
ATOM   4    O O   . SER A 1 6   ? 11.324  5.795   -19.408 1.00 80.01  ? 6   SER A O   1 
ATOM   5    C CB  . SER A 1 6   ? 12.345  2.907   -21.422 1.00 92.98  ? 6   SER A CB  1 
ATOM   6    O OG  . SER A 1 6   ? 12.768  1.893   -20.517 1.00 81.64  ? 6   SER A OG  1 
ATOM   7    N N   . LYS A 1 7   ? 10.679  3.643   -19.467 1.00 79.68  ? 7   LYS A N   1 
ATOM   8    C CA  . LYS A 1 7   ? 9.792   3.796   -18.328 1.00 74.83  ? 7   LYS A CA  1 
ATOM   9    C C   . LYS A 1 7   ? 10.608  3.470   -17.080 1.00 71.32  ? 7   LYS A C   1 
ATOM   10   O O   . LYS A 1 7   ? 10.124  3.607   -15.946 1.00 68.74  ? 7   LYS A O   1 
ATOM   11   C CB  . LYS A 1 7   ? 8.559   2.892   -18.434 1.00 80.86  ? 7   LYS A CB  1 
ATOM   12   C CG  . LYS A 1 7   ? 7.338   3.410   -17.657 1.00 73.35  ? 7   LYS A CG  1 
ATOM   13   C CD  . LYS A 1 7   ? 6.861   4.761   -18.200 1.00 74.46  ? 7   LYS A CD  1 
ATOM   14   C CE  . LYS A 1 7   ? 5.932   4.582   -19.393 1.00 83.12  ? 7   LYS A CE  1 
ATOM   15   N NZ  . LYS A 1 7   ? 4.622   3.970   -18.970 1.00 74.32  ? 7   LYS A NZ  1 
ATOM   16   N N   . MET A 1 8   ? 11.853  3.046   -17.299 1.00 62.63  ? 8   MET A N   1 
ATOM   17   C CA  . MET A 1 8   ? 12.766  2.758   -16.202 1.00 56.75  ? 8   MET A CA  1 
ATOM   18   C C   . MET A 1 8   ? 13.177  4.068   -15.531 1.00 59.95  ? 8   MET A C   1 
ATOM   19   O O   . MET A 1 8   ? 13.096  4.210   -14.300 1.00 57.49  ? 8   MET A O   1 
ATOM   20   C CB  . MET A 1 8   ? 13.988  2.005   -16.710 1.00 61.48  ? 8   MET A CB  1 
ATOM   21   C CG  . MET A 1 8   ? 14.854  1.412   -15.620 1.00 68.44  ? 8   MET A CG  1 
ATOM   22   S SD  . MET A 1 8   ? 14.048  0.077   -14.706 1.00 76.57  ? 8   MET A SD  1 
ATOM   23   C CE  . MET A 1 8   ? 15.473  -0.750  -14.001 1.00 65.36  ? 8   MET A CE  1 
ATOM   24   N N   . SER A 1 9   ? 13.600  5.039   -16.334 1.00 55.21  ? 9   SER A N   1 
ATOM   25   C CA  . SER A 1 9   ? 13.882  6.360   -15.780 1.00 61.61  ? 9   SER A CA  1 
ATOM   26   C C   . SER A 1 9   ? 12.655  6.959   -15.060 1.00 55.76  ? 9   SER A C   1 
ATOM   27   O O   . SER A 1 9   ? 12.812  7.650   -14.048 1.00 54.14  ? 9   SER A O   1 
ATOM   28   C CB  . SER A 1 9   ? 14.454  7.325   -16.826 1.00 45.91  ? 9   SER A CB  1 
ATOM   29   O OG  . SER A 1 9   ? 13.507  7.601   -17.842 1.00 54.00  ? 9   SER A OG  1 
ATOM   30   N N   . ASP A 1 10  ? 11.443  6.687   -15.548 1.00 50.73  ? 10  ASP A N   1 
ATOM   31   C CA  . ASP A 1 10  ? 10.239  7.218   -14.880 1.00 51.05  ? 10  ASP A CA  1 
ATOM   32   C C   . ASP A 1 10  ? 9.999   6.597   -13.490 1.00 50.81  ? 10  ASP A C   1 
ATOM   33   O O   . ASP A 1 10  ? 9.707   7.329   -12.530 1.00 41.54  ? 10  ASP A O   1 
ATOM   34   C CB  . ASP A 1 10  ? 8.969   7.108   -15.756 1.00 44.97  ? 10  ASP A CB  1 
ATOM   35   C CG  . ASP A 1 10  ? 8.990   8.074   -16.954 1.00 60.53  ? 10  ASP A CG  1 
ATOM   36   O OD1 . ASP A 1 10  ? 9.606   9.163   -16.846 1.00 61.17  ? 10  ASP A OD1 1 
ATOM   37   O OD2 . ASP A 1 10  ? 8.391   7.746   -18.003 1.00 64.23  ? 10  ASP A OD2 1 
ATOM   38   N N   . VAL A 1 11  ? 10.116  5.269   -13.384 1.00 51.25  ? 11  VAL A N   1 
ATOM   39   C CA  . VAL A 1 11  ? 9.933   4.600   -12.097 1.00 46.33  ? 11  VAL A CA  1 
ATOM   40   C C   . VAL A 1 11  ? 10.983  5.106   -11.123 1.00 51.11  ? 11  VAL A C   1 
ATOM   41   O O   . VAL A 1 11  ? 10.678  5.351   -9.943  1.00 51.75  ? 11  VAL A O   1 
ATOM   42   C CB  . VAL A 1 11  ? 10.116  3.066   -12.129 1.00 48.63  ? 11  VAL A CB  1 
ATOM   43   C CG1 . VAL A 1 11  ? 9.318   2.446   -10.968 1.00 50.63  ? 11  VAL A CG1 1 
ATOM   44   C CG2 . VAL A 1 11  ? 9.657   2.483   -13.419 1.00 63.81  ? 11  VAL A CG2 1 
ATOM   45   N N   . LYS A 1 12  ? 12.214  5.243   -11.615 1.00 44.19  ? 12  LYS A N   1 
ATOM   46   C CA  . LYS A 1 12  ? 13.344  5.621   -10.767 1.00 42.99  ? 12  LYS A CA  1 
ATOM   47   C C   . LYS A 1 12  ? 13.166  7.038   -10.217 1.00 44.73  ? 12  LYS A C   1 
ATOM   48   O O   . LYS A 1 12  ? 13.332  7.297   -8.996  1.00 44.92  ? 12  LYS A O   1 
ATOM   49   C CB  . LYS A 1 12  ? 14.648  5.498   -11.557 1.00 44.46  ? 12  LYS A CB  1 
ATOM   50   C CG  . LYS A 1 12  ? 15.092  4.065   -11.702 1.00 46.88  ? 12  LYS A CG  1 
ATOM   51   C CD  . LYS A 1 12  ? 16.372  3.930   -12.508 1.00 40.82  ? 12  LYS A CD  1 
ATOM   52   C CE  . LYS A 1 12  ? 16.749  2.458   -12.570 1.00 46.70  ? 12  LYS A CE  1 
ATOM   53   N NZ  . LYS A 1 12  ? 18.233  2.284   -12.711 1.00 52.69  ? 12  LYS A NZ  1 
ATOM   54   N N   . CYS A 1 13  ? 12.805  7.940   -11.130 1.00 39.35  ? 13  CYS A N   1 
ATOM   55   C CA  . CYS A 1 13  ? 12.501  9.326   -10.794 1.00 39.81  ? 13  CYS A CA  1 
ATOM   56   C C   . CYS A 1 13  ? 11.384  9.370   -9.735  1.00 44.59  ? 13  CYS A C   1 
ATOM   57   O O   . CYS A 1 13  ? 11.449  10.132  -8.727  1.00 43.00  ? 13  CYS A O   1 
ATOM   58   C CB  . CYS A 1 13  ? 12.069  10.056  -12.073 1.00 46.78  ? 13  CYS A CB  1 
ATOM   59   S SG  . CYS A 1 13  ? 11.701  11.837  -11.943 1.00 64.56  ? 13  CYS A SG  1 
ATOM   60   N N   . THR A 1 14  ? 10.371  8.531   -9.961  1.00 40.15  ? 14  THR A N   1 
ATOM   61   C CA  . THR A 1 14  ? 9.213   8.473   -9.065  1.00 47.95  ? 14  THR A CA  1 
ATOM   62   C C   . THR A 1 14  ? 9.637   8.011   -7.670  1.00 46.77  ? 14  THR A C   1 
ATOM   63   O O   . THR A 1 14  ? 9.119   8.513   -6.680  1.00 43.93  ? 14  THR A O   1 
ATOM   64   C CB  . THR A 1 14  ? 8.093   7.569   -9.623  1.00 47.71  ? 14  THR A CB  1 
ATOM   65   O OG1 . THR A 1 14  ? 7.726   8.020   -10.938 1.00 48.12  ? 14  THR A OG1 1 
ATOM   66   C CG2 . THR A 1 14  ? 6.875   7.654   -8.739  1.00 47.54  ? 14  THR A CG2 1 
ATOM   67   N N   . SER A 1 15  ? 10.598  7.081   -7.607  1.00 46.53  ? 15  SER A N   1 
ATOM   68   C CA  . SER A 1 15  ? 11.091  6.548   -6.342  1.00 40.29  ? 15  SER A CA  1 
ATOM   69   C C   . SER A 1 15  ? 11.781  7.666   -5.586  1.00 38.42  ? 15  SER A C   1 
ATOM   70   O O   . SER A 1 15  ? 11.701  7.756   -4.372  1.00 39.93  ? 15  SER A O   1 
ATOM   71   C CB  . SER A 1 15  ? 12.063  5.375   -6.561  1.00 39.84  ? 15  SER A CB  1 
ATOM   72   O OG  . SER A 1 15  ? 13.394  5.841   -6.847  1.00 39.07  ? 15  SER A OG  1 
ATOM   73   N N   . VAL A 1 16  ? 12.468  8.534   -6.315  1.00 41.69  ? 16  VAL A N   1 
ATOM   74   C CA  . VAL A 1 16  ? 13.131  9.655   -5.631  1.00 43.11  ? 16  VAL A CA  1 
ATOM   75   C C   . VAL A 1 16  ? 12.103  10.657  -5.054  1.00 38.44  ? 16  VAL A C   1 
ATOM   76   O O   . VAL A 1 16  ? 12.296  11.221  -3.954  1.00 39.62  ? 16  VAL A O   1 
ATOM   77   C CB  . VAL A 1 16  ? 14.151  10.391  -6.567  1.00 43.74  ? 16  VAL A CB  1 
ATOM   78   C CG1 . VAL A 1 16  ? 14.657  11.644  -5.901  1.00 37.75  ? 16  VAL A CG1 1 
ATOM   79   C CG2 . VAL A 1 16  ? 15.300  9.456   -6.960  1.00 36.73  ? 16  VAL A CG2 1 
ATOM   80   N N   . VAL A 1 17  ? 11.035  10.906  -5.812  1.00 37.34  ? 17  VAL A N   1 
ATOM   81   C CA  . VAL A 1 17  ? 9.952   11.750  -5.293  1.00 39.49  ? 17  VAL A CA  1 
ATOM   82   C C   . VAL A 1 17  ? 9.277   11.125  -4.059  1.00 41.57  ? 17  VAL A C   1 
ATOM   83   O O   . VAL A 1 17  ? 8.970   11.808  -3.076  1.00 37.92  ? 17  VAL A O   1 
ATOM   84   C CB  . VAL A 1 17  ? 8.894   12.021  -6.370  1.00 42.99  ? 17  VAL A CB  1 
ATOM   85   C CG1 . VAL A 1 17  ? 7.665   12.644  -5.778  1.00 42.51  ? 17  VAL A CG1 1 
ATOM   86   C CG2 . VAL A 1 17  ? 9.493   12.933  -7.440  1.00 46.34  ? 17  VAL A CG2 1 
ATOM   87   N N   . LEU A 1 18  ? 9.052   9.819   -4.123  1.00 42.87  ? 18  LEU A N   1 
ATOM   88   C CA  . LEU A 1 18  ? 8.360   9.107   -3.060  1.00 45.14  ? 18  LEU A CA  1 
ATOM   89   C C   . LEU A 1 18  ? 9.198   9.161   -1.789  1.00 46.12  ? 18  LEU A C   1 
ATOM   90   O O   . LEU A 1 18  ? 8.660   9.416   -0.702  1.00 37.62  ? 18  LEU A O   1 
ATOM   91   C CB  . LEU A 1 18  ? 8.056   7.663   -3.490  1.00 40.89  ? 18  LEU A CB  1 
ATOM   92   C CG  . LEU A 1 18  ? 7.529   6.667   -2.460  1.00 36.12  ? 18  LEU A CG  1 
ATOM   93   C CD1 . LEU A 1 18  ? 6.355   7.253   -1.651  1.00 39.11  ? 18  LEU A CD1 1 
ATOM   94   C CD2 . LEU A 1 18  ? 7.150   5.364   -3.155  1.00 39.92  ? 18  LEU A CD2 1 
ATOM   95   N N   . LEU A 1 19  ? 10.500  8.931   -1.926  1.00 39.70  ? 19  LEU A N   1 
ATOM   96   C CA  . LEU A 1 19  ? 11.402  8.972   -0.784  1.00 39.54  ? 19  LEU A CA  1 
ATOM   97   C C   . LEU A 1 19  ? 11.339  10.357  -0.155  1.00 40.38  ? 19  LEU A C   1 
ATOM   98   O O   . LEU A 1 19  ? 11.542  10.517  1.049   1.00 38.71  ? 19  LEU A O   1 
ATOM   99   C CB  . LEU A 1 19  ? 12.833  8.650   -1.217  1.00 43.67  ? 19  LEU A CB  1 
ATOM   100  C CG  . LEU A 1 19  ? 13.872  8.550   -0.098  1.00 43.63  ? 19  LEU A CG  1 
ATOM   101  C CD1 . LEU A 1 19  ? 13.517  7.428   0.866   1.00 39.41  ? 19  LEU A CD1 1 
ATOM   102  C CD2 . LEU A 1 19  ? 15.264  8.346   -0.675  1.00 41.26  ? 19  LEU A CD2 1 
ATOM   103  N N   . SER A 1 20  ? 11.054  11.357  -0.984  1.00 38.29  ? 20  SER A N   1 
ATOM   104  C CA  . SER A 1 20  ? 10.949  12.733  -0.521  1.00 38.61  ? 20  SER A CA  1 
ATOM   105  C C   . SER A 1 20  ? 9.651   12.914  0.254   1.00 38.92  ? 20  SER A C   1 
ATOM   106  O O   . SER A 1 20  ? 9.654   13.401  1.385   1.00 44.84  ? 20  SER A O   1 
ATOM   107  C CB  . SER A 1 20  ? 10.998  13.703  -1.704  1.00 40.35  ? 20  SER A CB  1 
ATOM   108  O OG  . SER A 1 20  ? 11.216  15.032  -1.264  1.00 39.68  ? 20  SER A OG  1 
ATOM   109  N N   . VAL A 1 21  ? 8.542   12.515  -0.360  1.00 43.95  ? 21  VAL A N   1 
ATOM   110  C CA  . VAL A 1 21  ? 7.238   12.623  0.282   1.00 38.28  ? 21  VAL A CA  1 
ATOM   111  C C   . VAL A 1 21  ? 7.321   12.013  1.674   1.00 40.34  ? 21  VAL A C   1 
ATOM   112  O O   . VAL A 1 21  ? 6.814   12.577  2.643   1.00 40.17  ? 21  VAL A O   1 
ATOM   113  C CB  . VAL A 1 21  ? 6.146   11.899  -0.527  1.00 39.28  ? 21  VAL A CB  1 
ATOM   114  C CG1 . VAL A 1 21  ? 4.831   11.901  0.238   1.00 37.22  ? 21  VAL A CG1 1 
ATOM   115  C CG2 . VAL A 1 21  ? 5.979   12.550  -1.892  1.00 37.71  ? 21  VAL A CG2 1 
ATOM   116  N N   . LEU A 1 22  ? 7.971   10.856  1.762   1.00 40.85  ? 22  LEU A N   1 
ATOM   117  C CA  . LEU A 1 22  ? 8.141   10.166  3.037   1.00 42.38  ? 22  LEU A CA  1 
ATOM   118  C C   . LEU A 1 22  ? 8.946   11.035  4.010   1.00 49.32  ? 22  LEU A C   1 
ATOM   119  O O   . LEU A 1 22  ? 8.548   11.238  5.172   1.00 45.45  ? 22  LEU A O   1 
ATOM   120  C CB  . LEU A 1 22  ? 8.790   8.784   2.814   1.00 40.54  ? 22  LEU A CB  1 
ATOM   121  C CG  . LEU A 1 22  ? 7.885   7.719   2.154   1.00 35.32  ? 22  LEU A CG  1 
ATOM   122  C CD1 . LEU A 1 22  ? 8.642   6.456   1.844   1.00 34.48  ? 22  LEU A CD1 1 
ATOM   123  C CD2 . LEU A 1 22  ? 6.705   7.374   3.075   1.00 39.48  ? 22  LEU A CD2 1 
ATOM   124  N N   . GLN A 1 23  ? 10.076  11.555  3.546   1.00 40.48  ? 23  GLN A N   1 
ATOM   125  C CA  . GLN A 1 23  ? 10.910  12.399  4.391   1.00 43.47  ? 23  GLN A CA  1 
ATOM   126  C C   . GLN A 1 23  ? 10.135  13.639  4.842   1.00 43.27  ? 23  GLN A C   1 
ATOM   127  O O   . GLN A 1 23  ? 10.323  14.133  5.952   1.00 38.83  ? 23  GLN A O   1 
ATOM   128  C CB  . GLN A 1 23  ? 12.226  12.762  3.682   1.00 50.46  ? 23  GLN A CB  1 
ATOM   129  C CG  . GLN A 1 23  ? 12.286  14.142  3.045   1.00 59.20  ? 23  GLN A CG  1 
ATOM   130  C CD  . GLN A 1 23  ? 13.011  15.150  3.917   1.00 59.41  ? 23  GLN A CD  1 
ATOM   131  O OE1 . GLN A 1 23  ? 14.077  14.863  4.458   1.00 67.82  ? 23  GLN A OE1 1 
ATOM   132  N NE2 . GLN A 1 23  ? 12.433  16.335  4.056   1.00 57.77  ? 23  GLN A NE2 1 
ATOM   133  N N   . GLN A 1 24  ? 9.262   14.130  3.968   1.00 42.46  ? 24  GLN A N   1 
ATOM   134  C CA  . GLN A 1 24  ? 8.450   15.302  4.269   1.00 48.63  ? 24  GLN A CA  1 
ATOM   135  C C   . GLN A 1 24  ? 7.427   14.974  5.349   1.00 44.16  ? 24  GLN A C   1 
ATOM   136  O O   . GLN A 1 24  ? 6.978   15.855  6.081   1.00 45.98  ? 24  GLN A O   1 
ATOM   137  C CB  . GLN A 1 24  ? 7.741   15.800  3.009   1.00 41.83  ? 24  GLN A CB  1 
ATOM   138  C CG  . GLN A 1 24  ? 7.936   17.281  2.729   1.00 56.72  ? 24  GLN A CG  1 
ATOM   139  C CD  . GLN A 1 24  ? 7.371   17.699  1.387   1.00 72.39  ? 24  GLN A CD  1 
ATOM   140  O OE1 . GLN A 1 24  ? 6.586   16.974  0.777   1.00 61.80  ? 24  GLN A OE1 1 
ATOM   141  N NE2 . GLN A 1 24  ? 7.770   18.876  0.919   1.00 58.37  ? 24  GLN A NE2 1 
ATOM   142  N N   . LEU A 1 25  ? 7.065   13.700  5.441   1.00 42.45  ? 25  LEU A N   1 
ATOM   143  C CA  . LEU A 1 25  ? 6.102   13.247  6.434   1.00 52.53  ? 25  LEU A CA  1 
ATOM   144  C C   . LEU A 1 25  ? 6.805   12.991  7.761   1.00 50.08  ? 25  LEU A C   1 
ATOM   145  O O   . LEU A 1 25  ? 6.193   12.540  8.727   1.00 57.32  ? 25  LEU A O   1 
ATOM   146  C CB  . LEU A 1 25  ? 5.388   11.983  5.955   1.00 43.73  ? 25  LEU A CB  1 
ATOM   147  C CG  . LEU A 1 25  ? 4.510   12.148  4.713   1.00 49.56  ? 25  LEU A CG  1 
ATOM   148  C CD1 . LEU A 1 25  ? 4.044   10.796  4.198   1.00 45.74  ? 25  LEU A CD1 1 
ATOM   149  C CD2 . LEU A 1 25  ? 3.325   13.053  5.008   1.00 53.45  ? 25  LEU A CD2 1 
ATOM   150  N N   . ARG A 1 26  ? 8.100   13.286  7.794   1.00 46.25  ? 26  ARG A N   1 
ATOM   151  C CA  . ARG A 1 26  ? 8.907   13.108  8.995   1.00 41.30  ? 26  ARG A CA  1 
ATOM   152  C C   . ARG A 1 26  ? 9.202   11.644  9.314   1.00 47.11  ? 26  ARG A C   1 
ATOM   153  O O   . ARG A 1 26  ? 9.338   11.275  10.478  1.00 49.77  ? 26  ARG A O   1 
ATOM   154  C CB  . ARG A 1 26  ? 8.239   13.787  10.191  1.00 48.38  ? 26  ARG A CB  1 
ATOM   155  C CG  . ARG A 1 26  ? 7.768   15.204  9.908   1.00 48.71  ? 26  ARG A CG  1 
ATOM   156  C CD  . ARG A 1 26  ? 7.351   15.921  11.181  1.00 52.72  ? 26  ARG A CD  1 
ATOM   157  N NE  . ARG A 1 26  ? 7.622   17.353  11.112  1.00 55.27  ? 26  ARG A NE  1 
ATOM   158  C CZ  . ARG A 1 26  ? 6.818   18.239  10.533  1.00 59.37  ? 26  ARG A CZ  1 
ATOM   159  N NH1 . ARG A 1 26  ? 5.686   17.841  9.970   1.00 58.74  ? 26  ARG A NH1 1 
ATOM   160  N NH2 . ARG A 1 26  ? 7.145   19.523  10.518  1.00 56.93  ? 26  ARG A NH2 1 
ATOM   161  N N   . VAL A 1 27  ? 9.306   10.815  8.280   1.00 44.08  ? 27  VAL A N   1 
ATOM   162  C CA  . VAL A 1 27  ? 9.598   9.394   8.480   1.00 43.67  ? 27  VAL A CA  1 
ATOM   163  C C   . VAL A 1 27  ? 10.976  9.165   9.109   1.00 51.97  ? 27  VAL A C   1 
ATOM   164  O O   . VAL A 1 27  ? 11.264  8.064   9.603   1.00 48.01  ? 27  VAL A O   1 
ATOM   165  C CB  . VAL A 1 27  ? 9.438   8.569   7.193   1.00 40.72  ? 27  VAL A CB  1 
ATOM   166  C CG1 . VAL A 1 27  ? 10.060  7.183   7.387   1.00 36.42  ? 27  VAL A CG1 1 
ATOM   167  C CG2 . VAL A 1 27  ? 7.948   8.425   6.838   1.00 39.99  ? 27  VAL A CG2 1 
ATOM   168  N N   . GLU A 1 28  ? 11.817  10.205  9.112   1.00 48.60  ? 28  GLU A N   1 
ATOM   169  C CA  . GLU A 1 28  ? 13.161  10.098  9.690   1.00 47.43  ? 28  GLU A CA  1 
ATOM   170  C C   . GLU A 1 28  ? 13.161  9.914   11.203  1.00 57.46  ? 28  GLU A C   1 
ATOM   171  O O   . GLU A 1 28  ? 14.138  9.411   11.760  1.00 47.95  ? 28  GLU A O   1 
ATOM   172  C CB  . GLU A 1 28  ? 13.996  11.332  9.362   1.00 56.69  ? 28  GLU A CB  1 
ATOM   173  C CG  . GLU A 1 28  ? 14.652  11.313  7.993   1.00 49.23  ? 28  GLU A CG  1 
ATOM   174  C CD  . GLU A 1 28  ? 15.245  12.668  7.658   1.00 61.53  ? 28  GLU A CD  1 
ATOM   175  O OE1 . GLU A 1 28  ? 16.489  12.799  7.615   1.00 60.43  ? 28  GLU A OE1 1 
ATOM   176  O OE2 . GLU A 1 28  ? 14.459  13.615  7.453   1.00 54.70  ? 28  GLU A OE2 1 
ATOM   177  N N   . SER A 1 29  ? 12.085  10.327  11.875  1.00 54.01  ? 29  SER A N   1 
ATOM   178  C CA  . SER A 1 29  ? 12.024  10.163  13.324  1.00 60.71  ? 29  SER A CA  1 
ATOM   179  C C   . SER A 1 29  ? 12.070  8.678   13.737  1.00 57.63  ? 29  SER A C   1 
ATOM   180  O O   . SER A 1 29  ? 12.396  8.362   14.885  1.00 63.89  ? 29  SER A O   1 
ATOM   181  C CB  . SER A 1 29  ? 10.843  10.931  13.950  1.00 50.17  ? 29  SER A CB  1 
ATOM   182  O OG  . SER A 1 29  ? 9.658   10.695  13.246  1.00 52.44  ? 29  SER A OG  1 
ATOM   183  N N   . SER A 1 30  ? 11.770  7.772   12.808  1.00 52.02  ? 30  SER A N   1 
ATOM   184  C CA  . SER A 1 30  ? 12.106  6.360   13.015  1.00 50.38  ? 30  SER A CA  1 
ATOM   185  C C   . SER A 1 30  ? 13.352  5.977   12.221  1.00 56.70  ? 30  SER A C   1 
ATOM   186  O O   . SER A 1 30  ? 13.299  5.916   10.991  1.00 45.35  ? 30  SER A O   1 
ATOM   187  C CB  . SER A 1 30  ? 10.973  5.436   12.591  1.00 47.14  ? 30  SER A CB  1 
ATOM   188  O OG  . SER A 1 30  ? 11.485  4.109   12.538  1.00 50.08  ? 30  SER A OG  1 
ATOM   189  N N   . SER A 1 31  ? 14.456  5.701   12.925  1.00 53.67  ? 31  SER A N   1 
ATOM   190  C CA  . SER A 1 31  ? 15.734  5.351   12.286  1.00 60.55  ? 31  SER A CA  1 
ATOM   191  C C   . SER A 1 31  ? 15.611  4.072   11.478  1.00 49.45  ? 31  SER A C   1 
ATOM   192  O O   . SER A 1 31  ? 16.196  3.935   10.399  1.00 44.87  ? 31  SER A O   1 
ATOM   193  C CB  . SER A 1 31  ? 16.854  5.157   13.333  1.00 52.55  ? 31  SER A CB  1 
ATOM   194  O OG  . SER A 1 31  ? 16.918  6.248   14.234  1.00 69.29  ? 31  SER A OG  1 
ATOM   195  N N   . LYS A 1 32  ? 14.859  3.129   12.032  1.00 44.59  ? 32  LYS A N   1 
ATOM   196  C CA  . LYS A 1 32  ? 14.619  1.824   11.410  1.00 54.97  ? 32  LYS A CA  1 
ATOM   197  C C   . LYS A 1 32  ? 13.842  1.929   10.084  1.00 54.18  ? 32  LYS A C   1 
ATOM   198  O O   . LYS A 1 32  ? 14.271  1.420   9.041   1.00 49.37  ? 32  LYS A O   1 
ATOM   199  C CB  . LYS A 1 32  ? 13.861  0.942   12.417  1.00 48.12  ? 32  LYS A CB  1 
ATOM   200  C CG  . LYS A 1 32  ? 13.131  -0.258  11.854  1.00 55.93  ? 32  LYS A CG  1 
ATOM   201  C CD  . LYS A 1 32  ? 14.050  -1.354  11.359  1.00 62.85  ? 32  LYS A CD  1 
ATOM   202  C CE  . LYS A 1 32  ? 13.431  -2.729  11.651  1.00 74.65  ? 32  LYS A CE  1 
ATOM   203  N NZ  . LYS A 1 32  ? 11.929  -2.770  11.499  1.00 70.89  ? 32  LYS A NZ  1 
ATOM   204  N N   . LEU A 1 33  ? 12.695  2.597   10.136  1.00 50.45  ? 33  LEU A N   1 
ATOM   205  C CA  . LEU A 1 33  ? 11.858  2.753   8.963   1.00 45.12  ? 33  LEU A CA  1 
ATOM   206  C C   . LEU A 1 33  ? 12.527  3.623   7.886   1.00 41.74  ? 33  LEU A C   1 
ATOM   207  O O   . LEU A 1 33  ? 12.440  3.326   6.693   1.00 46.62  ? 33  LEU A O   1 
ATOM   208  C CB  . LEU A 1 33  ? 10.504  3.341   9.357   1.00 49.11  ? 33  LEU A CB  1 
ATOM   209  C CG  . LEU A 1 33  ? 9.537   3.483   8.166   1.00 57.12  ? 33  LEU A CG  1 
ATOM   210  C CD1 . LEU A 1 33  ? 9.205   2.133   7.551   1.00 44.40  ? 33  LEU A CD1 1 
ATOM   211  C CD2 . LEU A 1 33  ? 8.298   4.176   8.620   1.00 50.62  ? 33  LEU A CD2 1 
ATOM   212  N N   . TRP A 1 34  ? 13.187  4.696   8.310   1.00 47.78  ? 34  TRP A N   1 
ATOM   213  C CA  . TRP A 1 34  ? 13.908  5.553   7.376   1.00 46.24  ? 34  TRP A CA  1 
ATOM   214  C C   . TRP A 1 34  ? 15.045  4.808   6.657   1.00 40.30  ? 34  TRP A C   1 
ATOM   215  O O   . TRP A 1 34  ? 15.207  4.921   5.436   1.00 42.09  ? 34  TRP A O   1 
ATOM   216  C CB  . TRP A 1 34  ? 14.431  6.799   8.082   1.00 43.62  ? 34  TRP A CB  1 
ATOM   217  C CG  . TRP A 1 34  ? 15.175  7.692   7.145   1.00 50.36  ? 34  TRP A CG  1 
ATOM   218  C CD1 . TRP A 1 34  ? 16.499  7.994   7.185   1.00 44.87  ? 34  TRP A CD1 1 
ATOM   219  C CD2 . TRP A 1 34  ? 14.636  8.379   6.003   1.00 45.96  ? 34  TRP A CD2 1 
ATOM   220  N NE1 . TRP A 1 34  ? 16.817  8.844   6.148   1.00 46.57  ? 34  TRP A NE1 1 
ATOM   221  C CE2 . TRP A 1 34  ? 15.695  9.084   5.402   1.00 50.49  ? 34  TRP A CE2 1 
ATOM   222  C CE3 . TRP A 1 34  ? 13.359  8.466   5.437   1.00 48.90  ? 34  TRP A CE3 1 
ATOM   223  C CZ2 . TRP A 1 34  ? 15.520  9.874   4.266   1.00 51.35  ? 34  TRP A CZ2 1 
ATOM   224  C CZ3 . TRP A 1 34  ? 13.180  9.244   4.311   1.00 47.25  ? 34  TRP A CZ3 1 
ATOM   225  C CH2 . TRP A 1 34  ? 14.260  9.943   3.731   1.00 46.79  ? 34  TRP A CH2 1 
ATOM   226  N N   . ALA A 1 35  ? 15.805  4.017   7.403   1.00 38.06  ? 35  ALA A N   1 
ATOM   227  C CA  . ALA A 1 35  ? 16.853  3.205   6.791   1.00 42.07  ? 35  ALA A CA  1 
ATOM   228  C C   . ALA A 1 35  ? 16.236  2.247   5.785   1.00 46.81  ? 35  ALA A C   1 
ATOM   229  O O   . ALA A 1 35  ? 16.764  2.043   4.680   1.00 47.22  ? 35  ALA A O   1 
ATOM   230  C CB  . ALA A 1 35  ? 17.612  2.432   7.857   1.00 46.34  ? 35  ALA A CB  1 
ATOM   231  N N   . GLN A 1 36  ? 15.101  1.654   6.161   1.00 51.34  ? 36  GLN A N   1 
ATOM   232  C CA  . GLN A 1 36  ? 14.407  0.739   5.253   1.00 45.34  ? 36  GLN A CA  1 
ATOM   233  C C   . GLN A 1 36  ? 14.012  1.435   3.937   1.00 45.70  ? 36  GLN A C   1 
ATOM   234  O O   . GLN A 1 36  ? 14.234  0.906   2.836   1.00 42.60  ? 36  GLN A O   1 
ATOM   235  C CB  . GLN A 1 36  ? 13.186  0.148   5.935   1.00 47.20  ? 36  GLN A CB  1 
ATOM   236  C CG  . GLN A 1 36  ? 13.509  -0.939  6.950   1.00 54.32  ? 36  GLN A CG  1 
ATOM   237  C CD  . GLN A 1 36  ? 12.283  -1.350  7.751   1.00 48.27  ? 36  GLN A CD  1 
ATOM   238  O OE1 . GLN A 1 36  ? 11.547  -0.495  8.250   1.00 56.25  ? 36  GLN A OE1 1 
ATOM   239  N NE2 . GLN A 1 36  ? 12.056  -2.654  7.868   1.00 44.23  ? 36  GLN A NE2 1 
ATOM   240  N N   . CYS A 1 37  ? 13.453  2.637   4.059   1.00 46.72  ? 37  CYS A N   1 
ATOM   241  C CA  . CYS A 1 37  ? 13.040  3.412   2.889   1.00 41.37  ? 37  CYS A CA  1 
ATOM   242  C C   . CYS A 1 37  ? 14.226  3.780   2.010   1.00 41.32  ? 37  CYS A C   1 
ATOM   243  O O   . CYS A 1 37  ? 14.158  3.687   0.776   1.00 39.01  ? 37  CYS A O   1 
ATOM   244  C CB  . CYS A 1 37  ? 12.304  4.680   3.332   1.00 39.16  ? 37  CYS A CB  1 
ATOM   245  S SG  . CYS A 1 37  ? 10.713  4.292   4.179   1.00 41.14  ? 37  CYS A SG  1 
ATOM   246  N N   . VAL A 1 38  ? 15.314  4.203   2.657   1.00 46.39  ? 38  VAL A N   1 
ATOM   247  C CA  . VAL A 1 38  ? 16.507  4.573   1.921   1.00 40.33  ? 38  VAL A CA  1 
ATOM   248  C C   . VAL A 1 38  ? 16.963  3.353   1.129   1.00 40.90  ? 38  VAL A C   1 
ATOM   249  O O   . VAL A 1 38  ? 17.191  3.430   -0.069  1.00 42.61  ? 38  VAL A O   1 
ATOM   250  C CB  . VAL A 1 38  ? 17.631  5.119   2.860   1.00 41.72  ? 38  VAL A CB  1 
ATOM   251  C CG1 . VAL A 1 38  ? 18.925  5.445   2.054   1.00 45.36  ? 38  VAL A CG1 1 
ATOM   252  C CG2 . VAL A 1 38  ? 17.167  6.356   3.556   1.00 33.71  ? 38  VAL A CG2 1 
ATOM   253  N N   . GLN A 1 39  ? 17.070  2.210   1.790   1.00 41.91  ? 39  GLN A N   1 
ATOM   254  C CA  . GLN A 1 39  ? 17.525  1.016   1.087   1.00 47.35  ? 39  GLN A CA  1 
ATOM   255  C C   . GLN A 1 39  ? 16.667  0.630   -0.129  1.00 53.35  ? 39  GLN A C   1 
ATOM   256  O O   . GLN A 1 39  ? 17.200  0.322   -1.218  1.00 38.88  ? 39  GLN A O   1 
ATOM   257  C CB  . GLN A 1 39  ? 17.589  -0.140  2.064   1.00 55.28  ? 39  GLN A CB  1 
ATOM   258  C CG  . GLN A 1 39  ? 18.225  -1.374  1.502   1.00 65.09  ? 39  GLN A CG  1 
ATOM   259  C CD  . GLN A 1 39  ? 18.371  -2.427  2.567   1.00 74.72  ? 39  GLN A CD  1 
ATOM   260  O OE1 . GLN A 1 39  ? 17.410  -3.114  2.898   1.00 72.15  ? 39  GLN A OE1 1 
ATOM   261  N NE2 . GLN A 1 39  ? 19.566  -2.538  3.143   1.00 84.09  ? 39  GLN A NE2 1 
ATOM   262  N N   . LEU A 1 40  ? 15.340  0.634   0.042   1.00 49.63  ? 40  LEU A N   1 
ATOM   263  C CA  . LEU A 1 40  ? 14.469  0.300   -1.100  1.00 48.71  ? 40  LEU A CA  1 
ATOM   264  C C   . LEU A 1 40  ? 14.673  1.287   -2.243  1.00 46.98  ? 40  LEU A C   1 
ATOM   265  O O   . LEU A 1 40  ? 14.697  0.907   -3.412  1.00 43.18  ? 40  LEU A O   1 
ATOM   266  C CB  . LEU A 1 40  ? 12.992  0.309   -0.703  1.00 45.85  ? 40  LEU A CB  1 
ATOM   267  C CG  . LEU A 1 40  ? 12.482  -0.869  0.107   1.00 51.12  ? 40  LEU A CG  1 
ATOM   268  C CD1 . LEU A 1 40  ? 11.171  -0.474  0.780   1.00 50.29  ? 40  LEU A CD1 1 
ATOM   269  C CD2 . LEU A 1 40  ? 12.302  -2.066  -0.808  1.00 48.19  ? 40  LEU A CD2 1 
ATOM   270  N N   . HIS A 1 41  ? 14.768  2.567   -1.890  1.00 44.11  ? 41  HIS A N   1 
ATOM   271  C CA  . HIS A 1 41  ? 15.051  3.620   -2.860  1.00 43.98  ? 41  HIS A CA  1 
ATOM   272  C C   . HIS A 1 41  ? 16.379  3.352   -3.650  1.00 49.13  ? 41  HIS A C   1 
ATOM   273  O O   . HIS A 1 41  ? 16.409  3.387   -4.891  1.00 43.16  ? 41  HIS A O   1 
ATOM   274  C CB  . HIS A 1 41  ? 15.044  4.962   -2.107  1.00 38.04  ? 41  HIS A CB  1 
ATOM   275  C CG  . HIS A 1 41  ? 15.873  6.028   -2.740  1.00 46.18  ? 41  HIS A CG  1 
ATOM   276  N ND1 . HIS A 1 41  ? 17.234  6.132   -2.545  1.00 47.77  ? 41  HIS A ND1 1 
ATOM   277  C CD2 . HIS A 1 41  ? 15.544  7.025   -3.598  1.00 38.87  ? 41  HIS A CD2 1 
ATOM   278  C CE1 . HIS A 1 41  ? 17.708  7.141   -3.254  1.00 53.04  ? 41  HIS A CE1 1 
ATOM   279  N NE2 . HIS A 1 41  ? 16.701  7.701   -3.905  1.00 50.47  ? 41  HIS A NE2 1 
ATOM   280  N N   . ASN A 1 42  ? 17.461  3.057   -2.928  1.00 44.30  ? 42  ASN A N   1 
ATOM   281  C CA  . ASN A 1 42  ? 18.735  2.684   -3.553  1.00 42.65  ? 42  ASN A CA  1 
ATOM   282  C C   . ASN A 1 42  ? 18.604  1.448   -4.442  1.00 46.87  ? 42  ASN A C   1 
ATOM   283  O O   . ASN A 1 42  ? 19.149  1.419   -5.553  1.00 46.82  ? 42  ASN A O   1 
ATOM   284  C CB  . ASN A 1 42  ? 19.833  2.435   -2.501  1.00 41.97  ? 42  ASN A CB  1 
ATOM   285  C CG  . ASN A 1 42  ? 20.174  3.678   -1.673  1.00 40.67  ? 42  ASN A CG  1 
ATOM   286  O OD1 . ASN A 1 42  ? 19.812  4.780   -2.060  1.00 44.19  ? 42  ASN A OD1 1 
ATOM   287  N ND2 . ASN A 1 42  ? 20.869  3.507   -0.546  1.00 36.15  ? 42  ASN A ND2 1 
ATOM   288  N N   . ASP A 1 43  ? 17.857  0.440   -3.973  1.00 45.61  ? 43  ASP A N   1 
ATOM   289  C CA  . ASP A 1 43  ? 17.612  -0.780  -4.768  1.00 47.38  ? 43  ASP A CA  1 
ATOM   290  C C   . ASP A 1 43  ? 16.866  -0.480  -6.077  1.00 51.13  ? 43  ASP A C   1 
ATOM   291  O O   . ASP A 1 43  ? 17.175  -1.030  -7.139  1.00 56.18  ? 43  ASP A O   1 
ATOM   292  C CB  . ASP A 1 43  ? 16.818  -1.828  -3.979  1.00 56.73  ? 43  ASP A CB  1 
ATOM   293  C CG  . ASP A 1 43  ? 17.614  -2.448  -2.833  1.00 69.07  ? 43  ASP A CG  1 
ATOM   294  O OD1 . ASP A 1 43  ? 18.848  -2.250  -2.785  1.00 56.74  ? 43  ASP A OD1 1 
ATOM   295  O OD2 . ASP A 1 43  ? 16.991  -3.150  -1.996  1.00 66.60  ? 43  ASP A OD2 1 
ATOM   296  N N   . ILE A 1 44  ? 15.859  0.376   -5.991  1.00 43.26  ? 44  ILE A N   1 
ATOM   297  C CA  . ILE A 1 44  ? 15.156  0.802   -7.184  1.00 43.89  ? 44  ILE A CA  1 
ATOM   298  C C   . ILE A 1 44  ? 16.147  1.479   -8.141  1.00 44.68  ? 44  ILE A C   1 
ATOM   299  O O   . ILE A 1 44  ? 16.253  1.049   -9.271  1.00 46.28  ? 44  ILE A O   1 
ATOM   300  C CB  . ILE A 1 44  ? 13.953  1.711   -6.860  1.00 44.30  ? 44  ILE A CB  1 
ATOM   301  C CG1 . ILE A 1 44  ? 12.856  0.903   -6.148  1.00 50.96  ? 44  ILE A CG1 1 
ATOM   302  C CG2 . ILE A 1 44  ? 13.406  2.337   -8.124  1.00 38.95  ? 44  ILE A CG2 1 
ATOM   303  C CD1 . ILE A 1 44  ? 11.884  1.733   -5.299  1.00 42.93  ? 44  ILE A CD1 1 
ATOM   304  N N   . LEU A 1 45  ? 16.895  2.491   -7.672  1.00 45.18  ? 45  LEU A N   1 
ATOM   305  C CA  . LEU A 1 45  ? 17.851  3.223   -8.529  1.00 45.39  ? 45  LEU A CA  1 
ATOM   306  C C   . LEU A 1 45  ? 18.902  2.327   -9.172  1.00 44.47  ? 45  LEU A C   1 
ATOM   307  O O   . LEU A 1 45  ? 19.342  2.586   -10.279 1.00 50.68  ? 45  LEU A O   1 
ATOM   308  C CB  . LEU A 1 45  ? 18.552  4.351   -7.759  1.00 47.99  ? 45  LEU A CB  1 
ATOM   309  C CG  . LEU A 1 45  ? 17.608  5.477   -7.325  1.00 53.06  ? 45  LEU A CG  1 
ATOM   310  C CD1 . LEU A 1 45  ? 18.318  6.474   -6.439  1.00 47.44  ? 45  LEU A CD1 1 
ATOM   311  C CD2 . LEU A 1 45  ? 17.033  6.164   -8.560  1.00 52.20  ? 45  LEU A CD2 1 
ATOM   312  N N   . LEU A 1 46  ? 19.308  1.277   -8.466  1.00 47.29  ? 46  LEU A N   1 
ATOM   313  C CA  . LEU A 1 46  ? 20.260  0.311   -9.001  1.00 46.96  ? 46  LEU A CA  1 
ATOM   314  C C   . LEU A 1 46  ? 19.621  -0.836  -9.810  1.00 58.03  ? 46  LEU A C   1 
ATOM   315  O O   . LEU A 1 46  ? 20.333  -1.647  -10.402 1.00 59.09  ? 46  LEU A O   1 
ATOM   316  C CB  . LEU A 1 46  ? 21.089  -0.259  -7.862  1.00 44.19  ? 46  LEU A CB  1 
ATOM   317  C CG  . LEU A 1 46  ? 21.972  0.802   -7.203  1.00 50.10  ? 46  LEU A CG  1 
ATOM   318  C CD1 . LEU A 1 46  ? 22.640  0.273   -5.943  1.00 50.55  ? 46  LEU A CD1 1 
ATOM   319  C CD2 . LEU A 1 46  ? 23.011  1.264   -8.204  1.00 45.54  ? 46  LEU A CD2 1 
ATOM   320  N N   . ALA A 1 47  ? 18.292  -0.920  -9.829  1.00 56.62  ? 47  ALA A N   1 
ATOM   321  C CA  . ALA A 1 47  ? 17.617  -2.012  -10.546 1.00 57.49  ? 47  ALA A CA  1 
ATOM   322  C C   . ALA A 1 47  ? 18.024  -2.060  -12.022 1.00 61.37  ? 47  ALA A C   1 
ATOM   323  O O   . ALA A 1 47  ? 18.058  -1.040  -12.712 1.00 58.69  ? 47  ALA A O   1 
ATOM   324  C CB  . ALA A 1 47  ? 16.104  -1.906  -10.406 1.00 56.81  ? 47  ALA A CB  1 
ATOM   325  N N   . LYS A 1 48  ? 18.332  -3.262  -12.496 1.00 67.68  ? 48  LYS A N   1 
ATOM   326  C CA  . LYS A 1 48  ? 18.738  -3.457  -13.881 1.00 71.28  ? 48  LYS A CA  1 
ATOM   327  C C   . LYS A 1 48  ? 17.546  -3.805  -14.766 1.00 73.44  ? 48  LYS A C   1 
ATOM   328  O O   . LYS A 1 48  ? 17.567  -3.565  -15.972 1.00 75.39  ? 48  LYS A O   1 
ATOM   329  C CB  . LYS A 1 48  ? 19.807  -4.547  -13.979 1.00 72.95  ? 48  LYS A CB  1 
ATOM   330  C CG  . LYS A 1 48  ? 21.170  -4.038  -14.418 1.00 80.01  ? 48  LYS A CG  1 
ATOM   331  C CD  . LYS A 1 48  ? 22.264  -4.488  -13.463 1.00 88.65  ? 48  LYS A CD  1 
ATOM   332  C CE  . LYS A 1 48  ? 23.256  -3.369  -13.192 1.00 78.72  ? 48  LYS A CE  1 
ATOM   333  N NZ  . LYS A 1 48  ? 24.411  -3.413  -14.129 1.00 81.18  ? 48  LYS A NZ  1 
ATOM   334  N N   . ASP A 1 49  ? 16.500  -4.359  -14.160 1.00 68.27  ? 49  ASP A N   1 
ATOM   335  C CA  . ASP A 1 49  ? 15.294  -4.723  -14.898 1.00 73.47  ? 49  ASP A CA  1 
ATOM   336  C C   . ASP A 1 49  ? 14.054  -4.075  -14.282 1.00 69.98  ? 49  ASP A C   1 
ATOM   337  O O   . ASP A 1 49  ? 14.000  -3.840  -13.076 1.00 65.43  ? 49  ASP A O   1 
ATOM   338  C CB  . ASP A 1 49  ? 15.133  -6.244  -14.966 1.00 73.17  ? 49  ASP A CB  1 
ATOM   339  C CG  . ASP A 1 49  ? 14.593  -6.834  -13.681 1.00 73.88  ? 49  ASP A CG  1 
ATOM   340  O OD1 . ASP A 1 49  ? 14.793  -6.222  -12.613 1.00 83.57  ? 49  ASP A OD1 1 
ATOM   341  O OD2 . ASP A 1 49  ? 13.969  -7.913  -13.741 1.00 72.77  ? 49  ASP A OD2 1 
ATOM   342  N N   . THR A 1 50  ? 13.063  -3.783  -15.118 1.00 71.22  ? 50  THR A N   1 
ATOM   343  C CA  . THR A 1 50  ? 11.828  -3.150  -14.661 1.00 66.92  ? 50  THR A CA  1 
ATOM   344  C C   . THR A 1 50  ? 11.156  -3.919  -13.529 1.00 67.87  ? 50  THR A C   1 
ATOM   345  O O   . THR A 1 50  ? 10.693  -3.327  -12.556 1.00 64.93  ? 50  THR A O   1 
ATOM   346  C CB  . THR A 1 50  ? 10.820  -2.977  -15.811 1.00 65.43  ? 50  THR A CB  1 
ATOM   347  O OG1 . THR A 1 50  ? 10.588  -4.242  -16.440 1.00 76.81  ? 50  THR A OG1 1 
ATOM   348  C CG2 . THR A 1 50  ? 11.349  -1.993  -16.840 1.00 77.76  ? 50  THR A CG2 1 
ATOM   349  N N   . THR A 1 51  ? 11.100  -5.240  -13.662 1.00 70.41  ? 51  THR A N   1 
ATOM   350  C CA  . THR A 1 51  ? 10.477  -6.079  -12.646 1.00 65.78  ? 51  THR A CA  1 
ATOM   351  C C   . THR A 1 51  ? 11.001  -5.749  -11.252 1.00 69.51  ? 51  THR A C   1 
ATOM   352  O O   . THR A 1 51  ? 10.227  -5.444  -10.346 1.00 61.57  ? 51  THR A O   1 
ATOM   353  C CB  . THR A 1 51  ? 10.696  -7.575  -12.938 1.00 73.14  ? 51  THR A CB  1 
ATOM   354  O OG1 . THR A 1 51  ? 10.018  -7.930  -14.147 1.00 65.74  ? 51  THR A OG1 1 
ATOM   355  C CG2 . THR A 1 51  ? 10.162  -8.424  -11.796 1.00 63.97  ? 51  THR A CG2 1 
ATOM   356  N N   . GLU A 1 52  ? 12.318  -5.812  -11.085 1.00 62.64  ? 52  GLU A N   1 
ATOM   357  C CA  . GLU A 1 52  ? 12.943  -5.517  -9.801  1.00 60.53  ? 52  GLU A CA  1 
ATOM   358  C C   . GLU A 1 52  ? 12.592  -4.107  -9.337  1.00 49.63  ? 52  GLU A C   1 
ATOM   359  O O   . GLU A 1 52  ? 12.297  -3.882  -8.164  1.00 50.14  ? 52  GLU A O   1 
ATOM   360  C CB  . GLU A 1 52  ? 14.459  -5.678  -9.895  1.00 62.56  ? 52  GLU A CB  1 
ATOM   361  C CG  . GLU A 1 52  ? 15.148  -5.882  -8.555  1.00 79.30  ? 52  GLU A CG  1 
ATOM   362  C CD  . GLU A 1 52  ? 16.658  -5.912  -8.674  1.00 88.14  ? 52  GLU A CD  1 
ATOM   363  O OE1 . GLU A 1 52  ? 17.173  -5.732  -9.798  1.00 82.41  ? 52  GLU A OE1 1 
ATOM   364  O OE2 . GLU A 1 52  ? 17.333  -6.116  -7.643  1.00 93.34  ? 52  GLU A OE2 1 
ATOM   365  N N   . ALA A 1 53  ? 12.626  -3.162  -10.271 1.00 47.16  ? 53  ALA A N   1 
ATOM   366  C CA  . ALA A 1 53  ? 12.310  -1.770  -9.980  1.00 46.41  ? 53  ALA A CA  1 
ATOM   367  C C   . ALA A 1 53  ? 10.882  -1.634  -9.472  1.00 47.73  ? 53  ALA A C   1 
ATOM   368  O O   . ALA A 1 53  ? 10.624  -0.990  -8.437  1.00 46.77  ? 53  ALA A O   1 
ATOM   369  C CB  . ALA A 1 53  ? 12.489  -0.931  -11.233 1.00 40.47  ? 53  ALA A CB  1 
ATOM   370  N N   . PHE A 1 54  ? 9.950   -2.243  -10.197 1.00 45.27  ? 54  PHE A N   1 
ATOM   371  C CA  . PHE A 1 54  ? 8.554   -2.199  -9.766  1.00 47.09  ? 54  PHE A CA  1 
ATOM   372  C C   . PHE A 1 54  ? 8.231   -2.950  -8.460  1.00 45.91  ? 54  PHE A C   1 
ATOM   373  O O   . PHE A 1 54  ? 7.449   -2.460  -7.643  1.00 43.27  ? 54  PHE A O   1 
ATOM   374  C CB  . PHE A 1 54  ? 7.624   -2.603  -10.905 1.00 48.05  ? 54  PHE A CB  1 
ATOM   375  C CG  . PHE A 1 54  ? 7.388   -1.506  -11.911 1.00 44.22  ? 54  PHE A CG  1 
ATOM   376  C CD1 . PHE A 1 54  ? 6.733   -0.339  -11.542 1.00 47.20  ? 54  PHE A CD1 1 
ATOM   377  C CD2 . PHE A 1 54  ? 7.793   -1.648  -13.225 1.00 51.54  ? 54  PHE A CD2 1 
ATOM   378  C CE1 . PHE A 1 54  ? 6.496   0.668   -12.468 1.00 49.44  ? 54  PHE A CE1 1 
ATOM   379  C CE2 . PHE A 1 54  ? 7.556   -0.650  -14.150 1.00 57.97  ? 54  PHE A CE2 1 
ATOM   380  C CZ  . PHE A 1 54  ? 6.911   0.505   -13.774 1.00 54.14  ? 54  PHE A CZ  1 
ATOM   381  N N   . GLU A 1 55  ? 8.819   -4.125  -8.241  1.00 45.94  ? 55  GLU A N   1 
ATOM   382  C CA  . GLU A 1 55  ? 8.608   -4.825  -6.960  1.00 42.48  ? 55  GLU A CA  1 
ATOM   383  C C   . GLU A 1 55  ? 9.134   -4.008  -5.771  1.00 45.76  ? 55  GLU A C   1 
ATOM   384  O O   . GLU A 1 55  ? 8.424   -3.800  -4.759  1.00 48.78  ? 55  GLU A O   1 
ATOM   385  C CB  . GLU A 1 55  ? 9.285   -6.201  -6.987  1.00 50.01  ? 55  GLU A CB  1 
ATOM   386  C CG  . GLU A 1 55  ? 8.567   -7.241  -7.849  1.00 63.42  ? 55  GLU A CG  1 
ATOM   387  C CD  . GLU A 1 55  ? 9.418   -8.484  -8.142  1.00 79.81  ? 55  GLU A CD  1 
ATOM   388  O OE1 . GLU A 1 55  ? 10.660  -8.453  -7.943  1.00 76.82  ? 55  GLU A OE1 1 
ATOM   389  O OE2 . GLU A 1 55  ? 8.831   -9.498  -8.579  1.00 82.18  ? 55  GLU A OE2 1 
ATOM   390  N N   . LYS A 1 56  ? 10.377  -3.528  -5.884  1.00 44.13  ? 56  LYS A N   1 
ATOM   391  C CA  . LYS A 1 56  ? 10.909  -2.690  -4.820  1.00 39.78  ? 56  LYS A CA  1 
ATOM   392  C C   . LYS A 1 56  ? 9.987   -1.473  -4.627  1.00 39.19  ? 56  LYS A C   1 
ATOM   393  O O   . LYS A 1 56  ? 9.708   -1.058  -3.506  1.00 43.75  ? 56  LYS A O   1 
ATOM   394  C CB  . LYS A 1 56  ? 12.360  -2.269  -5.113  1.00 48.68  ? 56  LYS A CB  1 
ATOM   395  C CG  . LYS A 1 56  ? 13.377  -3.425  -5.077  1.00 49.49  ? 56  LYS A CG  1 
ATOM   396  C CD  . LYS A 1 56  ? 13.495  -3.968  -3.652  1.00 59.27  ? 56  LYS A CD  1 
ATOM   397  C CE  . LYS A 1 56  ? 14.290  -5.272  -3.578  1.00 66.19  ? 56  LYS A CE  1 
ATOM   398  N NZ  . LYS A 1 56  ? 15.561  -5.165  -4.346  1.00 68.64  ? 56  LYS A NZ  1 
ATOM   399  N N   . MET A 1 57  ? 9.486   -0.925  -5.732  1.00 42.85  ? 57  MET A N   1 
ATOM   400  C CA  . MET A 1 57  ? 8.583   0.229   -5.672  1.00 42.81  ? 57  MET A CA  1 
ATOM   401  C C   . MET A 1 57  ? 7.245   -0.080  -4.939  1.00 48.40  ? 57  MET A C   1 
ATOM   402  O O   . MET A 1 57  ? 6.695   0.768   -4.239  1.00 43.17  ? 57  MET A O   1 
ATOM   403  C CB  . MET A 1 57  ? 8.338   0.777   -7.096  1.00 48.40  ? 57  MET A CB  1 
ATOM   404  C CG  . MET A 1 57  ? 7.568   2.091   -7.149  1.00 52.13  ? 57  MET A CG  1 
ATOM   405  S SD  . MET A 1 57  ? 8.603   3.498   -6.651  1.00 63.84  ? 57  MET A SD  1 
ATOM   406  C CE  . MET A 1 57  ? 7.342   4.773   -6.535  1.00 58.63  ? 57  MET A CE  1 
ATOM   407  N N   . VAL A 1 58  ? 6.724   -1.294  -5.101  1.00 46.31  ? 58  VAL A N   1 
ATOM   408  C CA  . VAL A 1 58  ? 5.516   -1.717  -4.392  1.00 44.94  ? 58  VAL A CA  1 
ATOM   409  C C   . VAL A 1 58  ? 5.787   -1.700  -2.906  1.00 43.89  ? 58  VAL A C   1 
ATOM   410  O O   . VAL A 1 58  ? 4.932   -1.229  -2.125  1.00 45.83  ? 58  VAL A O   1 
ATOM   411  C CB  . VAL A 1 58  ? 5.083   -3.148  -4.810  1.00 47.45  ? 58  VAL A CB  1 
ATOM   412  C CG1 . VAL A 1 58  ? 4.141   -3.787  -3.760  1.00 45.71  ? 58  VAL A CG1 1 
ATOM   413  C CG2 . VAL A 1 58  ? 4.432   -3.106  -6.145  1.00 40.37  ? 58  VAL A CG2 1 
ATOM   414  N N   . SER A 1 59  ? 6.972   -2.183  -2.504  1.00 46.12  ? 59  SER A N   1 
ATOM   415  C CA  . SER A 1 59  ? 7.321   -2.131  -1.064  1.00 43.54  ? 59  SER A CA  1 
ATOM   416  C C   . SER A 1 59  ? 7.432   -0.712  -0.505  1.00 45.11  ? 59  SER A C   1 
ATOM   417  O O   . SER A 1 59  ? 6.889   -0.377  0.589   1.00 42.35  ? 59  SER A O   1 
ATOM   418  C CB  . SER A 1 59  ? 8.636   -2.849  -0.770  1.00 40.81  ? 59  SER A CB  1 
ATOM   419  O OG  . SER A 1 59  ? 8.528   -4.240  -0.963  1.00 45.55  ? 59  SER A OG  1 
ATOM   420  N N   . LEU A 1 60  ? 8.155   0.122   -1.248  1.00 41.52  ? 60  LEU A N   1 
ATOM   421  C CA  . LEU A 1 60  ? 8.322   1.503   -0.830  1.00 36.89  ? 60  LEU A CA  1 
ATOM   422  C C   . LEU A 1 60  ? 7.000   2.270   -0.795  1.00 38.08  ? 60  LEU A C   1 
ATOM   423  O O   . LEU A 1 60  ? 6.727   3.013   0.151   1.00 41.60  ? 60  LEU A O   1 
ATOM   424  C CB  . LEU A 1 60  ? 9.330   2.234   -1.712  1.00 39.47  ? 60  LEU A CB  1 
ATOM   425  C CG  . LEU A 1 60  ? 9.768   3.657   -1.307  1.00 40.80  ? 60  LEU A CG  1 
ATOM   426  C CD1 . LEU A 1 60  ? 10.481  3.689   0.036   1.00 36.56  ? 60  LEU A CD1 1 
ATOM   427  C CD2 . LEU A 1 60  ? 10.686  4.289   -2.391  1.00 35.67  ? 60  LEU A CD2 1 
ATOM   428  N N   . LEU A 1 61  ? 6.178   2.109   -1.818  1.00 36.73  ? 61  LEU A N   1 
ATOM   429  C CA  . LEU A 1 61  ? 4.906   2.807   -1.834  1.00 40.70  ? 61  LEU A CA  1 
ATOM   430  C C   . LEU A 1 61  ? 4.084   2.334   -0.649  1.00 38.01  ? 61  LEU A C   1 
ATOM   431  O O   . LEU A 1 61  ? 3.395   3.146   -0.011  1.00 40.83  ? 61  LEU A O   1 
ATOM   432  C CB  . LEU A 1 61  ? 4.146   2.596   -3.139  1.00 37.81  ? 61  LEU A CB  1 
ATOM   433  C CG  . LEU A 1 61  ? 2.796   3.341   -3.231  1.00 41.53  ? 61  LEU A CG  1 
ATOM   434  C CD1 . LEU A 1 61  ? 2.926   4.852   -3.010  1.00 35.28  ? 61  LEU A CD1 1 
ATOM   435  C CD2 . LEU A 1 61  ? 2.088   3.046   -4.552  1.00 33.01  ? 61  LEU A CD2 1 
ATOM   436  N N   . SER A 1 62  ? 4.207   1.040   -0.330  1.00 39.79  ? 62  SER A N   1 
ATOM   437  C CA  . SER A 1 62  ? 3.436   0.458   0.777   1.00 45.94  ? 62  SER A CA  1 
ATOM   438  C C   . SER A 1 62  ? 3.763   1.136   2.088   1.00 46.88  ? 62  SER A C   1 
ATOM   439  O O   . SER A 1 62  ? 2.883   1.290   2.928   1.00 42.65  ? 62  SER A O   1 
ATOM   440  C CB  . SER A 1 62  ? 3.588   -1.072  0.878   1.00 44.75  ? 62  SER A CB  1 
ATOM   441  O OG  . SER A 1 62  ? 4.635   -1.466  1.752   1.00 45.10  ? 62  SER A OG  1 
ATOM   442  N N   . VAL A 1 63  ? 5.015   1.562   2.275   1.00 45.36  ? 63  VAL A N   1 
ATOM   443  C CA  . VAL A 1 63  ? 5.302   2.416   3.450   1.00 38.33  ? 63  VAL A CA  1 
ATOM   444  C C   . VAL A 1 63  ? 4.347   3.635   3.553   1.00 42.98  ? 63  VAL A C   1 
ATOM   445  O O   . VAL A 1 63  ? 3.765   3.930   4.611   1.00 46.95  ? 63  VAL A O   1 
ATOM   446  C CB  . VAL A 1 63  ? 6.784   2.962   3.440   1.00 42.85  ? 63  VAL A CB  1 
ATOM   447  C CG1 . VAL A 1 63  ? 7.010   3.970   4.591   1.00 37.38  ? 63  VAL A CG1 1 
ATOM   448  C CG2 . VAL A 1 63  ? 7.792   1.823   3.492   1.00 40.16  ? 63  VAL A CG2 1 
ATOM   449  N N   . LEU A 1 64  ? 4.212   4.367   2.457   1.00 42.32  ? 64  LEU A N   1 
ATOM   450  C CA  . LEU A 1 64  ? 3.356   5.550   2.440   1.00 41.21  ? 64  LEU A CA  1 
ATOM   451  C C   . LEU A 1 64  ? 1.870   5.184   2.659   1.00 51.99  ? 64  LEU A C   1 
ATOM   452  O O   . LEU A 1 64  ? 1.155   5.874   3.391   1.00 46.14  ? 64  LEU A O   1 
ATOM   453  C CB  . LEU A 1 64  ? 3.521   6.310   1.115   1.00 41.17  ? 64  LEU A CB  1 
ATOM   454  C CG  . LEU A 1 64  ? 2.699   7.599   1.022   1.00 47.54  ? 64  LEU A CG  1 
ATOM   455  C CD1 . LEU A 1 64  ? 3.199   8.605   2.045   1.00 51.05  ? 64  LEU A CD1 1 
ATOM   456  C CD2 . LEU A 1 64  ? 2.756   8.214   -0.325  1.00 38.36  ? 64  LEU A CD2 1 
ATOM   457  N N   . LEU A 1 65  ? 1.405   4.103   2.035   1.00 47.51  ? 65  LEU A N   1 
ATOM   458  C CA  . LEU A 1 65  ? -0.008  3.700   2.225   1.00 42.98  ? 65  LEU A CA  1 
ATOM   459  C C   . LEU A 1 65  ? -0.342  3.182   3.641   1.00 53.38  ? 65  LEU A C   1 
ATOM   460  O O   . LEU A 1 65  ? -1.473  3.351   4.121   1.00 60.10  ? 65  LEU A O   1 
ATOM   461  C CB  . LEU A 1 65  ? -0.419  2.647   1.201   1.00 47.18  ? 65  LEU A CB  1 
ATOM   462  C CG  . LEU A 1 65  ? -0.274  2.954   -0.300  1.00 48.68  ? 65  LEU A CG  1 
ATOM   463  C CD1 . LEU A 1 65  ? -0.879  1.809   -1.088  1.00 44.13  ? 65  LEU A CD1 1 
ATOM   464  C CD2 . LEU A 1 65  ? -0.962  4.242   -0.681  1.00 46.85  ? 65  LEU A CD2 1 
ATOM   465  N N   . SER A 1 66  ? 0.632   2.569   4.313   1.00 46.70  ? 66  SER A N   1 
ATOM   466  C CA  . SER A 1 66  ? 0.432   2.057   5.672   1.00 44.91  ? 66  SER A CA  1 
ATOM   467  C C   . SER A 1 66  ? 0.560   3.169   6.696   1.00 56.70  ? 66  SER A C   1 
ATOM   468  O O   . SER A 1 66  ? 0.476   2.912   7.902   1.00 60.01  ? 66  SER A O   1 
ATOM   469  C CB  . SER A 1 66  ? 1.447   0.974   6.035   1.00 52.83  ? 66  SER A CB  1 
ATOM   470  O OG  . SER A 1 66  ? 2.743   1.538   6.274   1.00 51.31  ? 66  SER A OG  1 
ATOM   471  N N   . MET A 1 67  ? 0.800   4.399   6.240   1.00 49.88  ? 67  MET A N   1 
ATOM   472  C CA  . MET A 1 67  ? 0.861   5.491   7.199   1.00 61.91  ? 67  MET A CA  1 
ATOM   473  C C   . MET A 1 67  ? -0.486  6.156   7.277   1.00 69.23  ? 67  MET A C   1 
ATOM   474  O O   . MET A 1 67  ? -0.868  6.912   6.375   1.00 64.76  ? 67  MET A O   1 
ATOM   475  C CB  . MET A 1 67  ? 1.934   6.514   6.837   1.00 48.61  ? 67  MET A CB  1 
ATOM   476  C CG  . MET A 1 67  ? 3.255   6.238   7.525   1.00 70.20  ? 67  MET A CG  1 
ATOM   477  S SD  . MET A 1 67  ? 4.627   6.893   6.561   1.00 54.95  ? 67  MET A SD  1 
ATOM   478  C CE  . MET A 1 67  ? 4.364   8.658   6.786   1.00 51.01  ? 67  MET A CE  1 
ATOM   479  N N   . GLN A 1 68  ? -1.169  5.898   8.392   1.00 74.72  ? 68  GLN A N   1 
ATOM   480  C CA  . GLN A 1 68  ? -2.534  6.357   8.602   1.00 75.47  ? 68  GLN A CA  1 
ATOM   481  C C   . GLN A 1 68  ? -2.511  7.861   8.490   1.00 80.92  ? 68  GLN A C   1 
ATOM   482  O O   . GLN A 1 68  ? -3.405  8.471   7.892   1.00 73.33  ? 68  GLN A O   1 
ATOM   483  C CB  . GLN A 1 68  ? -3.040  5.923   9.980   1.00 84.36  ? 68  GLN A CB  1 
ATOM   484  N N   . GLY A 1 69  ? -1.446  8.447   9.034   1.00 85.98  ? 69  GLY A N   1 
ATOM   485  C CA  . GLY A 1 69  ? -1.224  9.874   8.914   1.00 94.42  ? 69  GLY A CA  1 
ATOM   486  C C   . GLY A 1 69  ? -2.168  10.715  8.079   1.00 90.19  ? 69  GLY A C   1 
ATOM   487  O O   . GLY A 1 69  ? -2.970  11.502  8.602   1.00 85.95  ? 69  GLY A O   1 
ATOM   488  N N   . ALA A 1 70  ? -2.095  10.535  6.769   1.00 87.24  ? 70  ALA A N   1 
ATOM   489  C CA  . ALA A 1 70  ? -2.690  11.518  5.895   1.00 89.46  ? 70  ALA A CA  1 
ATOM   490  C C   . ALA A 1 70  ? -1.548  11.658  4.885   1.00 79.42  ? 70  ALA A C   1 
ATOM   491  O O   . ALA A 1 70  ? -0.657  12.491  5.016   1.00 77.50  ? 70  ALA A O   1 
ATOM   492  C CB  . ALA A 1 70  ? -3.619  12.747  5.850   1.00 83.87  ? 70  ALA A CB  1 
ATOM   493  N N   . VAL A 1 71  ? -1.579  10.752  3.921   1.00 66.42  ? 71  VAL A N   1 
ATOM   494  C CA  . VAL A 1 71  ? -1.199  10.985  2.546   1.00 70.96  ? 71  VAL A CA  1 
ATOM   495  C C   . VAL A 1 71  ? -2.510  11.237  1.798   1.00 84.19  ? 71  VAL A C   1 
ATOM   496  O O   . VAL A 1 71  ? -2.497  11.313  0.566   1.00 89.43  ? 71  VAL A O   1 
ATOM   497  C CB  . VAL A 1 71  ? -0.437  9.801   1.923   1.00 20.00  ? 71  VAL A CB  1 
ATOM   498  C CG1 . VAL A 1 71  ? -0.231  10.026  0.433   1.00 20.00  ? 71  VAL A CG1 1 
ATOM   499  C CG2 . VAL A 1 71  ? 0.896   9.596   2.628   1.00 20.00  ? 71  VAL A CG2 1 
ATOM   500  N N   . ASP A 1 72  ? -3.623  11.398  2.540   1.00 71.96  ? 72  ASP A N   1 
ATOM   501  C CA  . ASP A 1 72  ? -4.941  10.850  2.171   1.00 70.15  ? 72  ASP A CA  1 
ATOM   502  C C   . ASP A 1 72  ? -5.362  10.998  0.707   1.00 66.86  ? 72  ASP A C   1 
ATOM   503  O O   . ASP A 1 72  ? -5.620  12.091  0.184   1.00 59.61  ? 72  ASP A O   1 
ATOM   504  C CB  . ASP A 1 72  ? -6.022  11.518  3.034   1.00 73.82  ? 72  ASP A CB  1 
ATOM   505  C CG  . ASP A 1 72  ? -7.364  10.788  2.967   1.00 83.35  ? 72  ASP A CG  1 
ATOM   506  O OD1 . ASP A 1 72  ? -7.492  9.750   3.653   1.00 76.59  ? 72  ASP A OD1 1 
ATOM   507  O OD2 . ASP A 1 72  ? -8.279  11.243  2.232   1.00 65.95  ? 72  ASP A OD2 1 
ATOM   508  N N   . ILE A 1 73  ? -5.562  9.836   0.098   1.00 62.06  ? 73  ILE A N   1 
ATOM   509  C CA  . ILE A 1 73  ? -5.585  9.728   -1.346  1.00 55.14  ? 73  ILE A CA  1 
ATOM   510  C C   . ILE A 1 73  ? -6.858  10.280  -1.941  1.00 57.92  ? 73  ILE A C   1 
ATOM   511  O O   . ILE A 1 73  ? -6.823  11.002  -2.938  1.00 63.69  ? 73  ILE A O   1 
ATOM   512  C CB  . ILE A 1 73  ? -5.412  8.272   -1.783  1.00 62.06  ? 73  ILE A CB  1 
ATOM   513  C CG1 . ILE A 1 73  ? -4.074  7.736   -1.277  1.00 56.94  ? 73  ILE A CG1 1 
ATOM   514  C CG2 . ILE A 1 73  ? -5.525  8.152   -3.295  1.00 66.52  ? 73  ILE A CG2 1 
ATOM   515  C CD1 . ILE A 1 73  ? -3.792  6.321   -1.693  1.00 51.20  ? 73  ILE A CD1 1 
ATOM   516  N N   . ASN A 1 74  ? -7.989  9.935   -1.341  1.00 57.48  ? 74  ASN A N   1 
ATOM   517  C CA  . ASN A 1 74  ? -9.264  10.415  -1.861  1.00 58.46  ? 74  ASN A CA  1 
ATOM   518  C C   . ASN A 1 74  ? -9.252  11.923  -1.943  1.00 54.60  ? 74  ASN A C   1 
ATOM   519  O O   . ASN A 1 74  ? -9.797  12.491  -2.881  1.00 59.28  ? 74  ASN A O   1 
ATOM   520  C CB  . ASN A 1 74  ? -10.444 9.872   -1.036  1.00 47.25  ? 74  ASN A CB  1 
ATOM   521  C CG  . ASN A 1 74  ? -10.609 8.378   -1.227  1.00 50.00  ? 74  ASN A CG  1 
ATOM   522  O OD1 . ASN A 1 74  ? -10.522 7.894   -2.355  1.00 51.08  ? 74  ASN A OD1 1 
ATOM   523  N ND2 . ASN A 1 74  ? -10.776 7.637   -0.138  1.00 44.29  ? 74  ASN A ND2 1 
ATOM   524  N N   . ARG A 1 75  ? -8.577  12.566  -0.993  1.00 59.97  ? 75  ARG A N   1 
ATOM   525  C CA  . ARG A 1 75  ? -8.485  14.029  -0.993  1.00 59.32  ? 75  ARG A CA  1 
ATOM   526  C C   . ARG A 1 75  ? -7.641  14.584  -2.143  1.00 63.33  ? 75  ARG A C   1 
ATOM   527  O O   . ARG A 1 75  ? -8.000  15.592  -2.772  1.00 65.05  ? 75  ARG A O   1 
ATOM   528  C CB  . ARG A 1 75  ? -7.987  14.544  0.348   1.00 67.74  ? 75  ARG A CB  1 
ATOM   529  C CG  . ARG A 1 75  ? -7.727  16.041  0.353   1.00 87.65  ? 75  ARG A CG  1 
ATOM   530  C CD  . ARG A 1 75  ? -8.916  16.848  -0.199  1.00 87.16  ? 75  ARG A CD  1 
ATOM   531  N NE  . ARG A 1 75  ? -8.674  18.285  -0.076  1.00 92.34  ? 75  ARG A NE  1 
ATOM   532  C CZ  . ARG A 1 75  ? -9.586  19.229  -0.284  1.00 97.37  ? 75  ARG A CZ  1 
ATOM   533  N NH1 . ARG A 1 75  ? -10.829 18.901  -0.628  1.00 92.25  ? 75  ARG A NH1 1 
ATOM   534  N NH2 . ARG A 1 75  ? -9.251  20.506  -0.139  1.00 95.58  ? 75  ARG A NH2 1 
ATOM   535  N N   . LEU A 1 76  ? -6.525  13.929  -2.435  1.00 60.83  ? 76  LEU A N   1 
ATOM   536  C CA  . LEU A 1 76  ? -5.752  14.328  -3.598  1.00 66.28  ? 76  LEU A CA  1 
ATOM   537  C C   . LEU A 1 76  ? -6.603  14.145  -4.843  1.00 62.20  ? 76  LEU A C   1 
ATOM   538  O O   . LEU A 1 76  ? -6.685  15.044  -5.684  1.00 57.89  ? 76  LEU A O   1 
ATOM   539  C CB  . LEU A 1 76  ? -4.470  13.509  -3.743  1.00 71.85  ? 76  LEU A CB  1 
ATOM   540  C CG  . LEU A 1 76  ? -3.310  13.664  -2.768  1.00 68.79  ? 76  LEU A CG  1 
ATOM   541  C CD1 . LEU A 1 76  ? -2.192  12.775  -3.284  1.00 53.57  ? 76  LEU A CD1 1 
ATOM   542  C CD2 . LEU A 1 76  ? -2.849  15.117  -2.655  1.00 66.58  ? 76  LEU A CD2 1 
ATOM   543  N N   . CYS A 1 77  ? -7.227  12.978  -4.980  1.00 58.85  ? 77  CYS A N   1 
ATOM   544  C CA  . CYS A 1 77  ? -8.050  12.742  -6.166  1.00 50.63  ? 77  CYS A CA  1 
ATOM   545  C C   . CYS A 1 77  ? -9.084  13.838  -6.285  1.00 56.42  ? 77  CYS A C   1 
ATOM   546  O O   . CYS A 1 77  ? -9.236  14.390  -7.357  1.00 60.22  ? 77  CYS A O   1 
ATOM   547  C CB  . CYS A 1 77  ? -8.707  11.365  -6.139  1.00 63.49  ? 77  CYS A CB  1 
ATOM   548  S SG  . CYS A 1 77  ? -7.510  10.012  -6.114  1.00 70.87  ? 77  CYS A SG  1 
ATOM   549  N N   . GLU A 1 78  ? -9.767  14.178  -5.182  1.00 50.50  ? 78  GLU A N   1 
ATOM   550  C CA  . GLU A 1 78  ? -10.729 15.287  -5.191  1.00 55.11  ? 78  GLU A CA  1 
ATOM   551  C C   . GLU A 1 78  ? -10.123 16.595  -5.712  1.00 63.40  ? 78  GLU A C   1 
ATOM   552  O O   . GLU A 1 78  ? -10.719 17.253  -6.582  1.00 57.23  ? 78  GLU A O   1 
ATOM   553  C CB  . GLU A 1 78  ? -11.371 15.518  -3.807  1.00 63.17  ? 78  GLU A CB  1 
ATOM   554  C CG  . GLU A 1 78  ? -12.333 16.726  -3.778  1.00 58.95  ? 78  GLU A CG  1 
ATOM   555  C CD  . GLU A 1 78  ? -13.080 16.879  -2.450  1.00 67.20  ? 78  GLU A CD  1 
ATOM   556  O OE1 . GLU A 1 78  ? -12.440 16.694  -1.392  1.00 61.42  ? 78  GLU A OE1 1 
ATOM   557  O OE2 . GLU A 1 78  ? -14.306 17.187  -2.468  1.00 61.57  ? 78  GLU A OE2 1 
ATOM   558  N N   . GLU A 1 79  ? -8.962  16.976  -5.170  1.00 61.34  ? 79  GLU A N   1 
ATOM   559  C CA  . GLU A 1 79  ? -8.190  18.102  -5.720  1.00 70.64  ? 79  GLU A CA  1 
ATOM   560  C C   . GLU A 1 79  ? -7.938  17.996  -7.232  1.00 64.64  ? 79  GLU A C   1 
ATOM   561  O O   . GLU A 1 79  ? -8.087  18.987  -7.947  1.00 65.44  ? 79  GLU A O   1 
ATOM   562  C CB  . GLU A 1 79  ? -6.847  18.265  -5.001  1.00 74.87  ? 79  GLU A CB  1 
ATOM   563  C CG  . GLU A 1 79  ? -6.946  18.685  -3.546  1.00 80.84  ? 79  GLU A CG  1 
ATOM   564  C CD  . GLU A 1 79  ? -5.605  19.153  -2.997  1.00 94.19  ? 79  GLU A CD  1 
ATOM   565  O OE1 . GLU A 1 79  ? -5.599  20.039  -2.110  1.00 102.30 ? 79  GLU A OE1 1 
ATOM   566  O OE2 . GLU A 1 79  ? -4.558  18.637  -3.459  1.00 89.08  ? 79  GLU A OE2 1 
ATOM   567  N N   . MET A 1 80  ? -7.560  16.803  -7.707  1.00 71.31  ? 80  MET A N   1 
ATOM   568  C CA  . MET A 1 80  ? -7.268  16.558  -9.130  1.00 65.13  ? 80  MET A CA  1 
ATOM   569  C C   . MET A 1 80  ? -8.493  16.700  -10.013 1.00 77.22  ? 80  MET A C   1 
ATOM   570  O O   . MET A 1 80  ? -8.437  17.321  -11.077 1.00 84.58  ? 80  MET A O   1 
ATOM   571  C CB  . MET A 1 80  ? -6.722  15.143  -9.359  1.00 72.14  ? 80  MET A CB  1 
ATOM   572  C CG  . MET A 1 80  ? -6.864  14.712  -10.839 1.00 82.79  ? 80  MET A CG  1 
ATOM   573  S SD  . MET A 1 80  ? -6.901  12.937  -11.197 1.00 91.58  ? 80  MET A SD  1 
ATOM   574  C CE  . MET A 1 80  ? -7.978  12.911  -12.634 1.00 80.03  ? 80  MET A CE  1 
ATOM   575  N N   . LEU A 1 81  ? -9.585  16.073  -9.582  1.00 75.10  ? 81  LEU A N   1 
ATOM   576  C CA  . LEU A 1 81  ? -10.856 16.113  -10.282 1.00 65.49  ? 81  LEU A CA  1 
ATOM   577  C C   . LEU A 1 81  ? -11.303 17.553  -10.371 1.00 69.08  ? 81  LEU A C   1 
ATOM   578  O O   . LEU A 1 81  ? -11.617 18.059  -11.449 1.00 73.01  ? 81  LEU A O   1 
ATOM   579  C CB  . LEU A 1 81  ? -11.908 15.297  -9.521  1.00 65.58  ? 81  LEU A CB  1 
ATOM   580  C CG  . LEU A 1 81  ? -11.860 13.768  -9.595  1.00 61.90  ? 81  LEU A CG  1 
ATOM   581  C CD1 . LEU A 1 81  ? -12.977 13.178  -8.795  1.00 60.27  ? 81  LEU A CD1 1 
ATOM   582  C CD2 . LEU A 1 81  ? -11.966 13.303  -11.035 1.00 69.69  ? 81  LEU A CD2 1 
ATOM   583  N N   . ASP A 1 82  ? -11.312 18.216  -9.222  1.00 64.87  ? 82  ASP A N   1 
ATOM   584  C CA  . ASP A 1 82  ? -11.863 19.558  -9.130  1.00 66.14  ? 82  ASP A CA  1 
ATOM   585  C C   . ASP A 1 82  ? -11.130 20.556  -10.032 1.00 77.71  ? 82  ASP A C   1 
ATOM   586  O O   . ASP A 1 82  ? -11.707 21.556  -10.464 1.00 75.73  ? 82  ASP A O   1 
ATOM   587  C CB  . ASP A 1 82  ? -11.946 20.019  -7.666  1.00 69.99  ? 82  ASP A CB  1 
ATOM   588  C CG  . ASP A 1 82  ? -13.071 19.314  -6.894  1.00 71.90  ? 82  ASP A CG  1 
ATOM   589  O OD1 . ASP A 1 82  ? -13.888 18.612  -7.545  1.00 67.24  ? 82  ASP A OD1 1 
ATOM   590  O OD2 . ASP A 1 82  ? -13.151 19.475  -5.652  1.00 63.58  ? 82  ASP A OD2 1 
ATOM   591  N N   . ASN A 1 83  ? -9.862  20.287  -10.330 1.00 81.20  ? 83  ASN A N   1 
ATOM   592  C CA  . ASN A 1 83  ? -9.204  21.030  -11.393 1.00 85.11  ? 83  ASN A CA  1 
ATOM   593  C C   . ASN A 1 83  ? -8.968  20.082  -12.571 1.00 85.26  ? 83  ASN A C   1 
ATOM   594  O O   . ASN A 1 83  ? -8.026  19.286  -12.574 1.00 86.09  ? 83  ASN A O   1 
ATOM   595  C CB  . ASN A 1 83  ? -7.902  21.646  -10.881 1.00 85.09  ? 83  ASN A CB  1 
ATOM   596  C CG  . ASN A 1 83  ? -8.092  22.417  -9.569  1.00 92.31  ? 83  ASN A CG  1 
ATOM   597  O OD1 . ASN A 1 83  ? -7.890  21.878  -8.474  1.00 86.16  ? 83  ASN A OD1 1 
ATOM   598  N ND2 . ASN A 1 83  ? -8.493  23.679  -9.680  1.00 90.73  ? 83  ASN A ND2 1 
ATOM   599  N N   . ARG A 1 84  ? -9.811  20.226  -13.590 1.00 83.94  ? 84  ARG A N   1 
ATOM   600  C CA  . ARG A 1 84  ? -9.858  19.308  -14.731 1.00 88.64  ? 84  ARG A CA  1 
ATOM   601  C C   . ARG A 1 84  ? -10.078 17.828  -14.355 1.00 86.32  ? 84  ARG A C   1 
ATOM   602  O O   . ARG A 1 84  ? -11.217 17.321  -14.345 1.00 80.11  ? 84  ARG A O   1 
ATOM   603  C CB  . ARG A 1 84  ? -8.609  19.482  -15.592 1.00 74.89  ? 84  ARG A CB  1 
ATOM   604  C CG  . ARG A 1 84  ? -8.497  20.875  -16.204 1.00 81.46  ? 84  ARG A CG  1 
ATOM   605  C CD  . ARG A 1 84  ? -8.313  21.945  -15.147 1.00 85.02  ? 84  ARG A CD  1 
ATOM   606  N NE  . ARG A 1 84  ? -8.075  23.266  -15.721 1.00 97.46  ? 84  ARG A NE  1 
ATOM   607  C CZ  . ARG A 1 84  ? -7.902  24.374  -15.001 1.00 98.71  ? 84  ARG A CZ  1 
ATOM   608  N NH1 . ARG A 1 84  ? -7.944  24.322  -13.671 1.00 94.83  ? 84  ARG A NH1 1 
ATOM   609  N NH2 . ARG A 1 84  ? -7.687  25.536  -15.608 1.00 90.02  ? 84  ARG A NH2 1 
ATOM   610  N N   . GLU B 2 13  ? 3.268   27.100  8.837   1.00 70.57  ? 82  GLU B N   1 
ATOM   611  C CA  . GLU B 2 13  ? 3.263   25.772  8.190   1.00 71.55  ? 82  GLU B CA  1 
ATOM   612  C C   . GLU B 2 13  ? 2.638   25.798  6.791   1.00 58.97  ? 82  GLU B C   1 
ATOM   613  O O   . GLU B 2 13  ? 2.545   24.767  6.110   1.00 59.00  ? 82  GLU B O   1 
ATOM   614  C CB  . GLU B 2 13  ? 2.559   24.710  9.072   1.00 70.06  ? 82  GLU B CB  1 
ATOM   615  C CG  . GLU B 2 13  ? 3.348   24.256  10.315  1.00 58.18  ? 82  GLU B CG  1 
ATOM   616  C CD  . GLU B 2 13  ? 4.394   23.177  10.026  1.00 58.33  ? 82  GLU B CD  1 
ATOM   617  O OE1 . GLU B 2 13  ? 4.030   22.082  9.548   1.00 66.98  ? 82  GLU B OE1 1 
ATOM   618  O OE2 . GLU B 2 13  ? 5.587   23.420  10.290  1.00 66.57  ? 82  GLU B OE2 1 
ATOM   619  N N   . ASP B 2 14  ? 2.222   26.972  6.343   1.00 62.03  ? 83  ASP B N   1 
ATOM   620  C CA  . ASP B 2 14  ? 1.489   27.015  5.089   1.00 64.03  ? 83  ASP B CA  1 
ATOM   621  C C   . ASP B 2 14  ? 2.276   26.970  3.765   1.00 58.65  ? 83  ASP B C   1 
ATOM   622  O O   . ASP B 2 14  ? 1.821   26.344  2.803   1.00 59.45  ? 83  ASP B O   1 
ATOM   623  C CB  . ASP B 2 14  ? 0.487   28.139  5.073   1.00 64.72  ? 83  ASP B CB  1 
ATOM   624  C CG  . ASP B 2 14  ? -0.713  27.785  4.266   1.00 66.17  ? 83  ASP B CG  1 
ATOM   625  O OD1 . ASP B 2 14  ? -1.486  26.921  4.727   1.00 73.65  ? 83  ASP B OD1 1 
ATOM   626  O OD2 . ASP B 2 14  ? -0.857  28.334  3.157   1.00 77.07  ? 83  ASP B OD2 1 
ATOM   627  N N   . LYS B 2 15  ? 3.421   27.632  3.682   1.00 52.62  ? 84  LYS B N   1 
ATOM   628  C CA  . LYS B 2 15  ? 4.223   27.504  2.461   1.00 59.73  ? 84  LYS B CA  1 
ATOM   629  C C   . LYS B 2 15  ? 4.644   26.039  2.359   1.00 52.10  ? 84  LYS B C   1 
ATOM   630  O O   . LYS B 2 15  ? 4.479   25.386  1.323   1.00 48.29  ? 84  LYS B O   1 
ATOM   631  C CB  . LYS B 2 15  ? 5.452   28.422  2.492   1.00 59.25  ? 84  LYS B CB  1 
ATOM   632  C CG  . LYS B 2 15  ? 5.130   29.930  2.605   1.00 72.19  ? 84  LYS B CG  1 
ATOM   633  C CD  . LYS B 2 15  ? 3.814   30.293  1.884   1.00 87.55  ? 84  LYS B CD  1 
ATOM   634  C CE  . LYS B 2 15  ? 3.311   31.694  2.263   1.00 93.20  ? 84  LYS B CE  1 
ATOM   635  N NZ  . LYS B 2 15  ? 1.863   31.908  1.925   1.00 85.14  ? 84  LYS B NZ  1 
ATOM   636  N N   . ARG B 2 16  ? 5.159   25.525  3.468   1.00 48.02  ? 85  ARG B N   1 
ATOM   637  C CA  . ARG B 2 16  ? 5.498   24.115  3.582   1.00 53.68  ? 85  ARG B CA  1 
ATOM   638  C C   . ARG B 2 16  ? 4.341   23.165  3.226   1.00 51.36  ? 85  ARG B C   1 
ATOM   639  O O   . ARG B 2 16  ? 4.553   22.126  2.581   1.00 49.12  ? 85  ARG B O   1 
ATOM   640  C CB  . ARG B 2 16  ? 6.047   23.794  4.974   1.00 52.86  ? 85  ARG B CB  1 
ATOM   641  C CG  . ARG B 2 16  ? 6.461   22.347  5.094   1.00 59.29  ? 85  ARG B CG  1 
ATOM   642  C CD  . ARG B 2 16  ? 7.124   21.973  6.406   1.00 68.11  ? 85  ARG B CD  1 
ATOM   643  N NE  . ARG B 2 16  ? 7.023   20.525  6.558   1.00 63.84  ? 85  ARG B NE  1 
ATOM   644  C CZ  . ARG B 2 16  ? 7.902   19.764  7.193   1.00 65.29  ? 85  ARG B CZ  1 
ATOM   645  N NH1 . ARG B 2 16  ? 8.975   20.304  7.770   1.00 63.16  ? 85  ARG B NH1 1 
ATOM   646  N NH2 . ARG B 2 16  ? 7.697   18.455  7.249   1.00 57.50  ? 85  ARG B NH2 1 
ATOM   647  N N   . ALA B 2 17  ? 3.121   23.504  3.628   1.00 48.72  ? 86  ALA B N   1 
ATOM   648  C CA  . ALA B 2 17  ? 1.972   22.674  3.250   1.00 46.98  ? 86  ALA B CA  1 
ATOM   649  C C   . ALA B 2 17  ? 1.686   22.751  1.753   1.00 46.72  ? 86  ALA B C   1 
ATOM   650  O O   . ALA B 2 17  ? 1.358   21.749  1.118   1.00 43.35  ? 86  ALA B O   1 
ATOM   651  C CB  . ALA B 2 17  ? 0.716   23.058  4.053   1.00 53.22  ? 86  ALA B CB  1 
ATOM   652  N N   . LYS B 2 18  ? 1.805   23.942  1.182   1.00 42.63  ? 87  LYS B N   1 
ATOM   653  C CA  . LYS B 2 18  ? 1.609   24.094  -0.248  1.00 50.46  ? 87  LYS B CA  1 
ATOM   654  C C   . LYS B 2 18  ? 2.629   23.250  -1.063  1.00 49.64  ? 87  LYS B C   1 
ATOM   655  O O   . LYS B 2 18  ? 2.255   22.554  -2.013  1.00 43.09  ? 87  LYS B O   1 
ATOM   656  C CB  . LYS B 2 18  ? 1.695   25.572  -0.629  1.00 59.48  ? 87  LYS B CB  1 
ATOM   657  C CG  . LYS B 2 18  ? 0.513   26.398  -0.147  1.00 65.72  ? 87  LYS B CG  1 
ATOM   658  C CD  . LYS B 2 18  ? 0.767   27.886  -0.357  1.00 80.97  ? 87  LYS B CD  1 
ATOM   659  C CE  . LYS B 2 18  ? -0.324  28.748  0.280   1.00 95.79  ? 87  LYS B CE  1 
ATOM   660  N NZ  . LYS B 2 18  ? 0.150   30.130  0.642   1.00 89.15  ? 87  LYS B NZ  1 
ATOM   661  N N   . VAL B 2 19  ? 3.905   23.288  -0.672  1.00 42.25  ? 88  VAL B N   1 
ATOM   662  C CA  . VAL B 2 19  ? 4.913   22.465  -1.343  1.00 49.44  ? 88  VAL B CA  1 
ATOM   663  C C   . VAL B 2 19  ? 4.613   20.975  -1.176  1.00 47.42  ? 88  VAL B C   1 
ATOM   664  O O   . VAL B 2 19  ? 4.605   20.206  -2.150  1.00 38.25  ? 88  VAL B O   1 
ATOM   665  C CB  . VAL B 2 19  ? 6.329   22.746  -0.821  1.00 45.83  ? 88  VAL B CB  1 
ATOM   666  C CG1 . VAL B 2 19  ? 7.309   21.766  -1.440  1.00 44.31  ? 88  VAL B CG1 1 
ATOM   667  C CG2 . VAL B 2 19  ? 6.720   24.196  -1.118  1.00 42.33  ? 88  VAL B CG2 1 
ATOM   668  N N   . THR B 2 20  ? 4.360   20.576  0.066   1.00 52.70  ? 89  THR B N   1 
ATOM   669  C CA  . THR B 2 20  ? 3.961   19.207  0.356   1.00 47.89  ? 89  THR B CA  1 
ATOM   670  C C   . THR B 2 20  ? 2.816   18.722  -0.542  1.00 44.56  ? 89  THR B C   1 
ATOM   671  O O   . THR B 2 20  ? 2.897   17.633  -1.121  1.00 41.70  ? 89  THR B O   1 
ATOM   672  C CB  . THR B 2 20  ? 3.563   19.068  1.822   1.00 52.63  ? 89  THR B CB  1 
ATOM   673  O OG1 . THR B 2 20  ? 4.734   19.186  2.634   1.00 50.63  ? 89  THR B OG1 1 
ATOM   674  C CG2 . THR B 2 20  ? 2.911   17.705  2.068   1.00 57.54  ? 89  THR B CG2 1 
ATOM   675  N N   . SER B 2 21  ? 1.760   19.530  -0.663  1.00 48.34  ? 90  SER B N   1 
ATOM   676  C CA  . SER B 2 21  ? 0.601   19.183  -1.523  1.00 48.78  ? 90  SER B CA  1 
ATOM   677  C C   . SER B 2 21  ? 1.003   19.055  -2.987  1.00 42.99  ? 90  SER B C   1 
ATOM   678  O O   . SER B 2 21  ? 0.633   18.081  -3.669  1.00 45.06  ? 90  SER B O   1 
ATOM   679  C CB  . SER B 2 21  ? -0.523  20.229  -1.420  1.00 39.86  ? 90  SER B CB  1 
ATOM   680  O OG  . SER B 2 21  ? -0.851  20.501  -0.059  1.00 61.57  ? 90  SER B OG  1 
ATOM   681  N N   . ALA B 2 22  ? 1.739   20.051  -3.482  1.00 44.39  ? 91  ALA B N   1 
ATOM   682  C CA  . ALA B 2 22  ? 2.217   19.995  -4.878  1.00 49.89  ? 91  ALA B CA  1 
ATOM   683  C C   . ALA B 2 22  ? 3.077   18.733  -5.169  1.00 42.36  ? 91  ALA B C   1 
ATOM   684  O O   . ALA B 2 22  ? 2.948   18.100  -6.227  1.00 49.37  ? 91  ALA B O   1 
ATOM   685  C CB  . ALA B 2 22  ? 2.947   21.283  -5.250  1.00 43.41  ? 91  ALA B CB  1 
ATOM   686  N N   . MET B 2 23  ? 3.902   18.350  -4.198  1.00 40.89  ? 92  MET B N   1 
ATOM   687  C CA  . MET B 2 23  ? 4.755   17.175  -4.301  1.00 44.62  ? 92  MET B CA  1 
ATOM   688  C C   . MET B 2 23  ? 3.978   15.865  -4.269  1.00 40.26  ? 92  MET B C   1 
ATOM   689  O O   . MET B 2 23  ? 4.233   14.967  -5.077  1.00 44.79  ? 92  MET B O   1 
ATOM   690  C CB  . MET B 2 23  ? 5.834   17.175  -3.205  1.00 40.28  ? 92  MET B CB  1 
ATOM   691  C CG  . MET B 2 23  ? 7.012   16.304  -3.597  1.00 48.68  ? 92  MET B CG  1 
ATOM   692  S SD  . MET B 2 23  ? 8.223   15.900  -2.328  1.00 48.43  ? 92  MET B SD  1 
ATOM   693  C CE  . MET B 2 23  ? 8.941   17.516  -1.975  1.00 44.00  ? 92  MET B CE  1 
ATOM   694  N N   . GLN B 2 24  ? 3.046   15.739  -3.329  1.00 42.41  ? 93  GLN B N   1 
ATOM   695  C CA  . GLN B 2 24  ? 2.174   14.555  -3.264  1.00 44.50  ? 93  GLN B CA  1 
ATOM   696  C C   . GLN B 2 24  ? 1.313   14.415  -4.521  1.00 38.21  ? 93  GLN B C   1 
ATOM   697  O O   . GLN B 2 24  ? 1.073   13.305  -5.044  1.00 45.61  ? 93  GLN B O   1 
ATOM   698  C CB  . GLN B 2 24  ? 1.285   14.627  -2.014  1.00 46.01  ? 93  GLN B CB  1 
ATOM   699  C CG  . GLN B 2 24  ? 2.104   14.687  -0.749  1.00 49.73  ? 93  GLN B CG  1 
ATOM   700  C CD  . GLN B 2 24  ? 1.266   14.689  0.514   1.00 56.95  ? 93  GLN B CD  1 
ATOM   701  O OE1 . GLN B 2 24  ? 0.042   14.804  0.452   1.00 53.29  ? 93  GLN B OE1 1 
ATOM   702  N NE2 . GLN B 2 24  ? 1.911   14.539  1.662   1.00 47.28  ? 93  GLN B NE2 1 
ATOM   703  N N   . THR B 2 25  ? 0.867   15.556  -5.022  1.00 34.77  ? 94  THR B N   1 
ATOM   704  C CA  . THR B 2 25  ? 0.085   15.596  -6.257  1.00 46.91  ? 94  THR B CA  1 
ATOM   705  C C   . THR B 2 25  ? 0.912   15.112  -7.457  1.00 42.99  ? 94  THR B C   1 
ATOM   706  O O   . THR B 2 25  ? 0.516   14.209  -8.205  1.00 40.18  ? 94  THR B O   1 
ATOM   707  C CB  . THR B 2 25  ? -0.457  17.029  -6.487  1.00 51.48  ? 94  THR B CB  1 
ATOM   708  O OG1 . THR B 2 25  ? -1.424  17.337  -5.469  1.00 55.17  ? 94  THR B OG1 1 
ATOM   709  C CG2 . THR B 2 25  ? -1.096  17.163  -7.858  1.00 54.07  ? 94  THR B CG2 1 
ATOM   710  N N   . MET B 2 26  ? 2.091   15.692  -7.626  1.00 44.13  ? 95  MET B N   1 
ATOM   711  C CA  . MET B 2 26  ? 2.955   15.234  -8.700  1.00 41.11  ? 95  MET B CA  1 
ATOM   712  C C   . MET B 2 26  ? 3.258   13.741  -8.558  1.00 38.89  ? 95  MET B C   1 
ATOM   713  O O   . MET B 2 26  ? 3.207   12.997  -9.531  1.00 44.53  ? 95  MET B O   1 
ATOM   714  C CB  . MET B 2 26  ? 4.231   16.100  -8.792  1.00 38.24  ? 95  MET B CB  1 
ATOM   715  C CG  . MET B 2 26  ? 5.253   15.594  -9.812  1.00 49.51  ? 95  MET B CG  1 
ATOM   716  S SD  . MET B 2 26  ? 6.564   14.626  -9.041  1.00 51.15  ? 95  MET B SD  1 
ATOM   717  C CE  . MET B 2 26  ? 7.318   15.858  -7.970  1.00 41.16  ? 95  MET B CE  1 
ATOM   718  N N   . LEU B 2 27  ? 3.552   13.301  -7.342  1.00 39.91  ? 96  LEU B N   1 
ATOM   719  C CA  . LEU B 2 27  ? 3.856   11.889  -7.075  1.00 43.01  ? 96  LEU B CA  1 
ATOM   720  C C   . LEU B 2 27  ? 2.748   10.951  -7.574  1.00 47.23  ? 96  LEU B C   1 
ATOM   721  O O   . LEU B 2 27  ? 3.015   9.960   -8.278  1.00 45.35  ? 96  LEU B O   1 
ATOM   722  C CB  . LEU B 2 27  ? 4.063   11.665  -5.566  1.00 38.06  ? 96  LEU B CB  1 
ATOM   723  C CG  . LEU B 2 27  ? 4.137   10.206  -5.118  1.00 41.85  ? 96  LEU B CG  1 
ATOM   724  C CD1 . LEU B 2 27  ? 5.376   9.524   -5.686  1.00 42.30  ? 96  LEU B CD1 1 
ATOM   725  C CD2 . LEU B 2 27  ? 4.116   10.092  -3.577  1.00 38.05  ? 96  LEU B CD2 1 
ATOM   726  N N   . PHE B 2 28  ? 1.499   11.236  -7.201  1.00 43.61  ? 97  PHE B N   1 
ATOM   727  C CA  . PHE B 2 28  ? 0.426   10.323  -7.623  1.00 41.82  ? 97  PHE B CA  1 
ATOM   728  C C   . PHE B 2 28  ? 0.119   10.446  -9.103  1.00 44.47  ? 97  PHE B C   1 
ATOM   729  O O   . PHE B 2 28  ? -0.282  9.474   -9.727  1.00 44.87  ? 97  PHE B O   1 
ATOM   730  C CB  . PHE B 2 28  ? -0.806  10.381  -6.713  1.00 39.59  ? 97  PHE B CB  1 
ATOM   731  C CG  . PHE B 2 28  ? -0.573  9.676   -5.395  1.00 49.15  ? 97  PHE B CG  1 
ATOM   732  C CD1 . PHE B 2 28  ? 0.128   10.302  -4.373  1.00 44.95  ? 97  PHE B CD1 1 
ATOM   733  C CD2 . PHE B 2 28  ? -0.957  8.363   -5.216  1.00 41.95  ? 97  PHE B CD2 1 
ATOM   734  C CE1 . PHE B 2 28  ? 0.391   9.646   -3.174  1.00 44.68  ? 97  PHE B CE1 1 
ATOM   735  C CE2 . PHE B 2 28  ? -0.692  7.704   -4.031  1.00 43.80  ? 97  PHE B CE2 1 
ATOM   736  C CZ  . PHE B 2 28  ? -0.011  8.345   -3.007  1.00 47.25  ? 97  PHE B CZ  1 
ATOM   737  N N   . THR B 2 29  ? 0.383   11.617  -9.676  1.00 46.40  ? 98  THR B N   1 
ATOM   738  C CA  . THR B 2 29  ? 0.307   11.758  -11.128 1.00 40.94  ? 98  THR B CA  1 
ATOM   739  C C   . THR B 2 29  ? 1.336   10.868  -11.831 1.00 52.17  ? 98  THR B C   1 
ATOM   740  O O   . THR B 2 29  ? 0.988   10.156  -12.778 1.00 47.81  ? 98  THR B O   1 
ATOM   741  C CB  . THR B 2 29  ? 0.501   13.206  -11.567 1.00 46.93  ? 98  THR B CB  1 
ATOM   742  O OG1 . THR B 2 29  ? -0.378  14.049  -10.816 1.00 53.44  ? 98  THR B OG1 1 
ATOM   743  C CG2 . THR B 2 29  ? 0.186   13.347  -13.032 1.00 44.04  ? 98  THR B CG2 1 
ATOM   744  N N   . MET B 2 30  ? 2.594   10.916  -11.371 1.00 42.89  ? 99  MET B N   1 
ATOM   745  C CA  . MET B 2 30  ? 3.643   10.045  -11.902 1.00 45.06  ? 99  MET B CA  1 
ATOM   746  C C   . MET B 2 30  ? 3.260   8.582   -11.730 1.00 42.02  ? 99  MET B C   1 
ATOM   747  O O   . MET B 2 30  ? 3.494   7.779   -12.625 1.00 40.66  ? 99  MET B O   1 
ATOM   748  C CB  . MET B 2 30  ? 4.989   10.289  -11.194 1.00 48.14  ? 99  MET B CB  1 
ATOM   749  C CG  . MET B 2 30  ? 5.653   11.634  -11.501 1.00 41.98  ? 99  MET B CG  1 
ATOM   750  S SD  . MET B 2 30  ? 5.966   11.881  -13.276 1.00 50.13  ? 99  MET B SD  1 
ATOM   751  C CE  . MET B 2 30  ? 7.368   10.774  -13.590 1.00 53.18  ? 99  MET B CE  1 
ATOM   752  N N   . LEU B 2 31  ? 2.685   8.232   -10.576 1.00 46.73  ? 100 LEU B N   1 
ATOM   753  C CA  . LEU B 2 31  ? 2.234   6.847   -10.344 1.00 47.58  ? 100 LEU B CA  1 
ATOM   754  C C   . LEU B 2 31  ? 1.163   6.408   -11.354 1.00 49.18  ? 100 LEU B C   1 
ATOM   755  O O   . LEU B 2 31  ? 1.237   5.306   -11.902 1.00 52.87  ? 100 LEU B O   1 
ATOM   756  C CB  . LEU B 2 31  ? 1.752   6.623   -8.894  1.00 47.65  ? 100 LEU B CB  1 
ATOM   757  C CG  . LEU B 2 31  ? 2.832   6.773   -7.811  1.00 48.20  ? 100 LEU B CG  1 
ATOM   758  C CD1 . LEU B 2 31  ? 2.203   6.860   -6.434  1.00 40.97  ? 100 LEU B CD1 1 
ATOM   759  C CD2 . LEU B 2 31  ? 3.831   5.640   -7.871  1.00 39.70  ? 100 LEU B CD2 1 
ATOM   760  N N   . ARG B 2 32  ? 0.176   7.275   -11.585 1.00 49.15  ? 101 ARG B N   1 
ATOM   761  C CA  . ARG B 2 32  ? -0.813  7.059   -12.640 1.00 48.11  ? 101 ARG B CA  1 
ATOM   762  C C   . ARG B 2 32  ? -0.114  6.831   -13.995 1.00 49.14  ? 101 ARG B C   1 
ATOM   763  O O   . ARG B 2 32  ? -0.359  5.822   -14.650 1.00 49.92  ? 101 ARG B O   1 
ATOM   764  C CB  . ARG B 2 32  ? -1.794  8.236   -12.721 1.00 50.57  ? 101 ARG B CB  1 
ATOM   765  C CG  . ARG B 2 32  ? -2.661  8.426   -11.448 1.00 68.15  ? 101 ARG B CG  1 
ATOM   766  C CD  . ARG B 2 32  ? -3.526  9.701   -11.482 1.00 69.19  ? 101 ARG B CD  1 
ATOM   767  N NE  . ARG B 2 32  ? -4.505  9.680   -12.575 1.00 90.64  ? 101 ARG B NE  1 
ATOM   768  C CZ  . ARG B 2 32  ? -5.749  9.197   -12.484 1.00 87.15  ? 101 ARG B CZ  1 
ATOM   769  N NH1 . ARG B 2 32  ? -6.205  8.674   -11.344 1.00 65.46  ? 101 ARG B NH1 1 
ATOM   770  N NH2 . ARG B 2 32  ? -6.548  9.232   -13.545 1.00 82.15  ? 101 ARG B NH2 1 
ATOM   771  N N   . LYS B 2 33  ? 0.764   7.756   -14.396 1.00 56.75  ? 102 LYS B N   1 
ATOM   772  C CA  . LYS B 2 33  ? 1.487   7.666   -15.685 1.00 51.93  ? 102 LYS B CA  1 
ATOM   773  C C   . LYS B 2 33  ? 2.268   6.348   -15.864 1.00 52.64  ? 102 LYS B C   1 
ATOM   774  O O   . LYS B 2 33  ? 2.302   5.779   -16.957 1.00 60.54  ? 102 LYS B O   1 
ATOM   775  C CB  . LYS B 2 33  ? 2.400   8.882   -15.878 1.00 50.10  ? 102 LYS B CB  1 
ATOM   776  C CG  . LYS B 2 33  ? 3.545   8.687   -16.891 1.00 72.62  ? 102 LYS B CG  1 
ATOM   777  C CD  . LYS B 2 33  ? 4.458   9.929   -16.984 1.00 72.15  ? 102 LYS B CD  1 
ATOM   778  C CE  . LYS B 2 33  ? 5.844   9.600   -17.566 1.00 68.59  ? 102 LYS B CE  1 
ATOM   779  N NZ  . LYS B 2 33  ? 5.800   8.909   -18.894 1.00 77.70  ? 102 LYS B NZ  1 
ATOM   780  N N   . LEU B 2 34  ? 2.897   5.868   -14.792 1.00 48.34  ? 103 LEU B N   1 
ATOM   781  C CA  . LEU B 2 34  ? 3.588   4.586   -14.838 1.00 53.37  ? 103 LEU B CA  1 
ATOM   782  C C   . LEU B 2 34  ? 2.619   3.469   -15.243 1.00 50.30  ? 103 LEU B C   1 
ATOM   783  O O   . LEU B 2 34  ? 3.003   2.513   -15.950 1.00 48.88  ? 103 LEU B O   1 
ATOM   784  C CB  . LEU B 2 34  ? 4.235   4.251   -13.481 1.00 48.11  ? 103 LEU B CB  1 
ATOM   785  C CG  . LEU B 2 34  ? 5.382   5.105   -12.948 1.00 46.94  ? 103 LEU B CG  1 
ATOM   786  C CD1 . LEU B 2 34  ? 5.978   4.452   -11.697 1.00 41.36  ? 103 LEU B CD1 1 
ATOM   787  C CD2 . LEU B 2 34  ? 6.457   5.321   -14.036 1.00 43.70  ? 103 LEU B CD2 1 
ATOM   788  N N   . ASP B 2 35  ? 1.381   3.588   -14.760 1.00 56.27  ? 104 ASP B N   1 
ATOM   789  C CA  . ASP B 2 35  ? 0.287   2.637   -15.039 1.00 50.71  ? 104 ASP B CA  1 
ATOM   790  C C   . ASP B 2 35  ? 0.690   1.175   -14.811 1.00 52.80  ? 104 ASP B C   1 
ATOM   791  O O   . ASP B 2 35  ? 0.549   0.318   -15.697 1.00 58.36  ? 104 ASP B O   1 
ATOM   792  C CB  . ASP B 2 35  ? -0.294  2.840   -16.446 1.00 56.09  ? 104 ASP B CB  1 
ATOM   793  C CG  . ASP B 2 35  ? -1.556  2.012   -16.687 1.00 71.47  ? 104 ASP B CG  1 
ATOM   794  O OD1 . ASP B 2 35  ? -2.447  1.978   -15.799 1.00 60.10  ? 104 ASP B OD1 1 
ATOM   795  O OD2 . ASP B 2 35  ? -1.646  1.385   -17.768 1.00 75.29  ? 104 ASP B OD2 1 
ATOM   796  N N   . ASN B 2 36  ? 1.207   0.902   -13.618 1.00 48.43  ? 105 ASN B N   1 
ATOM   797  C CA  . ASN B 2 36  ? 1.613   -0.435  -13.246 1.00 47.98  ? 105 ASN B CA  1 
ATOM   798  C C   . ASN B 2 36  ? 0.501   -1.155  -12.499 1.00 49.50  ? 105 ASN B C   1 
ATOM   799  O O   . ASN B 2 36  ? -0.079  -0.596  -11.563 1.00 52.22  ? 105 ASN B O   1 
ATOM   800  C CB  . ASN B 2 36  ? 2.821   -0.346  -12.339 1.00 42.78  ? 105 ASN B CB  1 
ATOM   801  C CG  . ASN B 2 36  ? 3.227   -1.684  -11.789 1.00 46.31  ? 105 ASN B CG  1 
ATOM   802  O OD1 . ASN B 2 36  ? 2.900   -2.013  -10.657 1.00 40.97  ? 105 ASN B OD1 1 
ATOM   803  N ND2 . ASN B 2 36  ? 3.966   -2.462  -12.582 1.00 43.19  ? 105 ASN B ND2 1 
ATOM   804  N N   . ASP B 2 37  ? 0.227   -2.394  -12.899 1.00 50.11  ? 106 ASP B N   1 
ATOM   805  C CA  . ASP B 2 37  ? -0.810  -3.221  -12.267 1.00 50.43  ? 106 ASP B CA  1 
ATOM   806  C C   . ASP B 2 37  ? -0.707  -3.304  -10.750 1.00 48.61  ? 106 ASP B C   1 
ATOM   807  O O   . ASP B 2 37  ? -1.664  -3.038  -10.057 1.00 45.49  ? 106 ASP B O   1 
ATOM   808  C CB  . ASP B 2 37  ? -0.770  -4.633  -12.842 1.00 50.61  ? 106 ASP B CB  1 
ATOM   809  C CG  . ASP B 2 37  ? -1.476  -4.728  -14.174 1.00 60.60  ? 106 ASP B CG  1 
ATOM   810  O OD1 . ASP B 2 37  ? -1.886  -3.670  -14.714 1.00 49.95  ? 106 ASP B OD1 1 
ATOM   811  O OD2 . ASP B 2 37  ? -1.628  -5.868  -14.666 1.00 63.94  ? 106 ASP B OD2 1 
ATOM   812  N N   . ALA B 2 38  ? 0.469   -3.642  -10.228 1.00 49.42  ? 107 ALA B N   1 
ATOM   813  C CA  . ALA B 2 38  ? 0.617   -3.828  -8.787  1.00 42.97  ? 107 ALA B CA  1 
ATOM   814  C C   . ALA B 2 38  ? 0.410   -2.531  -7.995  1.00 43.44  ? 107 ALA B C   1 
ATOM   815  O O   . ALA B 2 38  ? -0.328  -2.507  -6.977  1.00 49.54  ? 107 ALA B O   1 
ATOM   816  C CB  . ALA B 2 38  ? 1.963   -4.474  -8.461  1.00 48.75  ? 107 ALA B CB  1 
ATOM   817  N N   . LEU B 2 39  ? 1.020   -1.448  -8.459  1.00 41.76  ? 108 LEU B N   1 
ATOM   818  C CA  . LEU B 2 39  ? 0.902   -0.171  -7.745  1.00 44.04  ? 108 LEU B CA  1 
ATOM   819  C C   . LEU B 2 39  ? -0.547  0.300   -7.778  1.00 41.62  ? 108 LEU B C   1 
ATOM   820  O O   . LEU B 2 39  ? -1.074  0.783   -6.771  1.00 42.33  ? 108 LEU B O   1 
ATOM   821  C CB  . LEU B 2 39  ? 1.813   0.900   -8.354  1.00 39.02  ? 108 LEU B CB  1 
ATOM   822  C CG  . LEU B 2 39  ? 3.305   0.574   -8.448  1.00 48.15  ? 108 LEU B CG  1 
ATOM   823  C CD1 . LEU B 2 39  ? 4.044   1.669   -9.226  1.00 43.21  ? 108 LEU B CD1 1 
ATOM   824  C CD2 . LEU B 2 39  ? 3.883   0.398   -7.038  1.00 40.83  ? 108 LEU B CD2 1 
ATOM   825  N N   . ASN B 2 40  ? -1.186  0.170   -8.940  1.00 45.59  ? 109 ASN B N   1 
ATOM   826  C CA  . ASN B 2 40  ? -2.613  0.508   -9.067  1.00 47.45  ? 109 ASN B CA  1 
ATOM   827  C C   . ASN B 2 40  ? -3.479  -0.324  -8.109  1.00 41.84  ? 109 ASN B C   1 
ATOM   828  O O   . ASN B 2 40  ? -4.376  0.187   -7.455  1.00 41.17  ? 109 ASN B O   1 
ATOM   829  C CB  . ASN B 2 40  ? -3.116  0.308   -10.505 1.00 46.94  ? 109 ASN B CB  1 
ATOM   830  C CG  . ASN B 2 40  ? -2.502  1.286   -11.492 1.00 53.45  ? 109 ASN B CG  1 
ATOM   831  O OD1 . ASN B 2 40  ? -1.862  2.276   -11.108 1.00 46.31  ? 109 ASN B OD1 1 
ATOM   832  N ND2 . ASN B 2 40  ? -2.714  1.022   -12.781 1.00 53.42  ? 109 ASN B ND2 1 
ATOM   833  N N   . ASN B 2 41  ? -3.214  -1.618  -8.040  1.00 41.35  ? 110 ASN B N   1 
ATOM   834  C CA  . ASN B 2 41  ? -3.912  -2.450  -7.084  1.00 41.76  ? 110 ASN B CA  1 
ATOM   835  C C   . ASN B 2 41  ? -3.792  -1.978  -5.636  1.00 43.76  ? 110 ASN B C   1 
ATOM   836  O O   . ASN B 2 41  ? -4.788  -1.922  -4.907  1.00 42.94  ? 110 ASN B O   1 
ATOM   837  C CB  . ASN B 2 41  ? -3.458  -3.901  -7.187  1.00 39.96  ? 110 ASN B CB  1 
ATOM   838  C CG  . ASN B 2 41  ? -4.136  -4.763  -6.166  1.00 51.54  ? 110 ASN B CG  1 
ATOM   839  O OD1 . ASN B 2 41  ? -3.645  -4.916  -5.058  1.00 47.55  ? 110 ASN B OD1 1 
ATOM   840  N ND2 . ASN B 2 41  ? -5.307  -5.288  -6.513  1.00 48.03  ? 110 ASN B ND2 1 
ATOM   841  N N   . ILE B 2 42  ? -2.581  -1.643  -5.195  1.00 42.18  ? 111 ILE B N   1 
ATOM   842  C CA  . ILE B 2 42  ? -2.441  -1.259  -3.771  1.00 40.87  ? 111 ILE B CA  1 
ATOM   843  C C   . ILE B 2 42  ? -2.946  0.154   -3.495  1.00 37.28  ? 111 ILE B C   1 
ATOM   844  O O   . ILE B 2 42  ? -3.500  0.449   -2.414  1.00 42.93  ? 111 ILE B O   1 
ATOM   845  C CB  . ILE B 2 42  ? -0.996  -1.470  -3.224  1.00 43.15  ? 111 ILE B CB  1 
ATOM   846  C CG1 . ILE B 2 42  ? 0.008   -0.535  -3.896  1.00 41.48  ? 111 ILE B CG1 1 
ATOM   847  C CG2 . ILE B 2 42  ? -0.561  -2.903  -3.435  1.00 42.56  ? 111 ILE B CG2 1 
ATOM   848  C CD1 . ILE B 2 42  ? 1.457   -0.682  -3.329  1.00 37.01  ? 111 ILE B CD1 1 
ATOM   849  N N   . ILE B 2 43  ? -2.806  1.028   -4.491  1.00 38.61  ? 112 ILE B N   1 
ATOM   850  C CA  . ILE B 2 43  ? -3.396  2.361   -4.393  1.00 37.91  ? 112 ILE B CA  1 
ATOM   851  C C   . ILE B 2 43  ? -4.955  2.292   -4.357  1.00 45.03  ? 112 ILE B C   1 
ATOM   852  O O   . ILE B 2 43  ? -5.581  2.885   -3.481  1.00 43.75  ? 112 ILE B O   1 
ATOM   853  C CB  . ILE B 2 43  ? -2.952  3.266   -5.530  1.00 36.76  ? 112 ILE B CB  1 
ATOM   854  C CG1 . ILE B 2 43  ? -1.419  3.451   -5.511  1.00 40.07  ? 112 ILE B CG1 1 
ATOM   855  C CG2 . ILE B 2 43  ? -3.670  4.609   -5.426  1.00 39.96  ? 112 ILE B CG2 1 
ATOM   856  C CD1 . ILE B 2 43  ? -0.887  4.193   -6.702  1.00 33.43  ? 112 ILE B CD1 1 
ATOM   857  N N   . ASN B 2 44  ? -5.558  1.573   -5.306  1.00 38.74  ? 113 ASN B N   1 
ATOM   858  C CA  . ASN B 2 44  ? -7.021  1.396   -5.362  1.00 42.30  ? 113 ASN B CA  1 
ATOM   859  C C   . ASN B 2 44  ? -7.555  0.758   -4.096  1.00 43.12  ? 113 ASN B C   1 
ATOM   860  O O   . ASN B 2 44  ? -8.523  1.248   -3.521  1.00 50.90  ? 113 ASN B O   1 
ATOM   861  C CB  . ASN B 2 44  ? -7.459  0.569   -6.572  1.00 37.58  ? 113 ASN B CB  1 
ATOM   862  C CG  . ASN B 2 44  ? -7.420  1.367   -7.863  1.00 54.07  ? 113 ASN B CG  1 
ATOM   863  O OD1 . ASN B 2 44  ? -7.533  2.595   -7.847  1.00 55.95  ? 113 ASN B OD1 1 
ATOM   864  N ND2 . ASN B 2 44  ? -7.258  0.670   -8.992  1.00 51.30  ? 113 ASN B ND2 1 
ATOM   865  N N   . ASN B 2 45  ? -6.918  -0.330  -3.670  1.00 41.91  ? 114 ASN B N   1 
ATOM   866  C CA  . ASN B 2 45  ? -7.271  -0.946  -2.410  1.00 42.58  ? 114 ASN B CA  1 
ATOM   867  C C   . ASN B 2 45  ? -7.216  0.055   -1.265  1.00 49.44  ? 114 ASN B C   1 
ATOM   868  O O   . ASN B 2 45  ? -8.110  0.071   -0.401  1.00 49.55  ? 114 ASN B O   1 
ATOM   869  C CB  . ASN B 2 45  ? -6.403  -2.168  -2.129  1.00 41.15  ? 114 ASN B CB  1 
ATOM   870  C CG  . ASN B 2 45  ? -6.992  -3.432  -2.714  1.00 48.70  ? 114 ASN B CG  1 
ATOM   871  O OD1 . ASN B 2 45  ? -8.192  -3.703  -2.552  1.00 50.28  ? 114 ASN B OD1 1 
ATOM   872  N ND2 . ASN B 2 45  ? -6.166  -4.208  -3.408  1.00 44.19  ? 114 ASN B ND2 1 
ATOM   873  N N   . ALA B 2 46  ? -6.199  0.915   -1.285  1.00 45.57  ? 115 ALA B N   1 
ATOM   874  C CA  . ALA B 2 46  ? -6.033  1.909   -0.228  1.00 46.45  ? 115 ALA B CA  1 
ATOM   875  C C   . ALA B 2 46  ? -7.120  2.968   -0.257  1.00 49.38  ? 115 ALA B C   1 
ATOM   876  O O   . ALA B 2 46  ? -7.459  3.530   0.790   1.00 45.72  ? 115 ALA B O   1 
ATOM   877  C CB  . ALA B 2 46  ? -4.631  2.570   -0.295  1.00 39.54  ? 115 ALA B CB  1 
ATOM   878  N N   . ARG B 2 47  ? -7.642  3.269   -1.445  1.00 48.07  ? 116 ARG B N   1 
ATOM   879  C CA  . ARG B 2 47  ? -8.749  4.231   -1.572  1.00 51.26  ? 116 ARG B CA  1 
ATOM   880  C C   . ARG B 2 47  ? -10.059 3.697   -0.954  1.00 55.19  ? 116 ARG B C   1 
ATOM   881  O O   . ARG B 2 47  ? -10.873 4.465   -0.436  1.00 45.47  ? 116 ARG B O   1 
ATOM   882  C CB  . ARG B 2 47  ? -8.984  4.596   -3.035  1.00 47.77  ? 116 ARG B CB  1 
ATOM   883  C CG  . ARG B 2 47  ? -7.917  5.482   -3.619  1.00 54.49  ? 116 ARG B CG  1 
ATOM   884  C CD  . ARG B 2 47  ? -8.561  6.716   -4.213  1.00 56.86  ? 116 ARG B CD  1 
ATOM   885  N NE  . ARG B 2 47  ? -8.729  6.574   -5.645  1.00 62.39  ? 116 ARG B NE  1 
ATOM   886  C CZ  . ARG B 2 47  ? -9.498  7.355   -6.400  1.00 63.70  ? 116 ARG B CZ  1 
ATOM   887  N NH1 . ARG B 2 47  ? -10.201 8.351   -5.864  1.00 46.38  ? 116 ARG B NH1 1 
ATOM   888  N NH2 . ARG B 2 47  ? -9.560  7.129   -7.705  1.00 60.46  ? 116 ARG B NH2 1 
ATOM   889  N N   . ASP B 2 48  ? -10.241 2.381   -1.012  1.00 49.96  ? 117 ASP B N   1 
ATOM   890  C CA  . ASP B 2 48  ? -11.392 1.720   -0.395  1.00 53.86  ? 117 ASP B CA  1 
ATOM   891  C C   . ASP B 2 48  ? -11.087 1.347   1.050   1.00 56.19  ? 117 ASP B C   1 
ATOM   892  O O   . ASP B 2 48  ? -11.846 0.607   1.662   1.00 60.42  ? 117 ASP B O   1 
ATOM   893  C CB  . ASP B 2 48  ? -11.787 0.449   -1.158  1.00 55.07  ? 117 ASP B CB  1 
ATOM   894  C CG  . ASP B 2 48  ? -12.029 0.695   -2.639  1.00 58.86  ? 117 ASP B CG  1 
ATOM   895  O OD1 . ASP B 2 48  ? -12.336 1.848   -3.031  1.00 60.69  ? 117 ASP B OD1 1 
ATOM   896  O OD2 . ASP B 2 48  ? -11.899 -0.276  -3.420  1.00 61.22  ? 117 ASP B OD2 1 
ATOM   897  N N   . GLY B 2 49  ? -9.941  1.789   1.565   1.00 57.76  ? 118 GLY B N   1 
ATOM   898  C CA  . GLY B 2 49  ? -9.607  1.584   2.969   1.00 50.75  ? 118 GLY B CA  1 
ATOM   899  C C   . GLY B 2 49  ? -9.106  0.188   3.299   1.00 46.17  ? 118 GLY B C   1 
ATOM   900  O O   . GLY B 2 49  ? -9.094  -0.226  4.473   1.00 51.04  ? 118 GLY B O   1 
ATOM   901  N N   . CYS B 2 50  ? -8.680  -0.526  2.255   1.00 43.38  ? 119 CYS B N   1 
ATOM   902  C CA  . CYS B 2 50  ? -7.888  -1.744  2.402   1.00 45.48  ? 119 CYS B CA  1 
ATOM   903  C C   . CYS B 2 50  ? -6.402  -1.346  2.335   1.00 50.81  ? 119 CYS B C   1 
ATOM   904  O O   . CYS B 2 50  ? -5.851  -1.119  1.245   1.00 46.50  ? 119 CYS B O   1 
ATOM   905  C CB  . CYS B 2 50  ? -8.210  -2.654  1.218   1.00 39.82  ? 119 CYS B CB  1 
ATOM   906  S SG  . CYS B 2 50  ? -7.486  -4.308  1.262   1.00 48.90  ? 119 CYS B SG  1 
ATOM   907  N N   . VAL B 2 51  ? -5.742  -1.340  3.491   1.00 47.75  ? 120 VAL B N   1 
ATOM   908  C CA  . VAL B 2 51  ? -4.388  -0.805  3.606   1.00 42.59  ? 120 VAL B CA  1 
ATOM   909  C C   . VAL B 2 51  ? -3.452  -1.817  4.261   1.00 46.15  ? 120 VAL B C   1 
ATOM   910  O O   . VAL B 2 51  ? -3.864  -2.598  5.094   1.00 52.25  ? 120 VAL B O   1 
ATOM   911  C CB  . VAL B 2 51  ? -4.331  0.520   4.382   1.00 45.27  ? 120 VAL B CB  1 
ATOM   912  C CG1 . VAL B 2 51  ? -4.758  1.675   3.514   1.00 42.52  ? 120 VAL B CG1 1 
ATOM   913  C CG2 . VAL B 2 51  ? -5.171  0.449   5.652   1.00 59.51  ? 120 VAL B CG2 1 
ATOM   914  N N   . PRO B 2 52  ? -2.184  -1.829  3.844   1.00 43.66  ? 121 PRO B N   1 
ATOM   915  C CA  . PRO B 2 52  ? -1.233  -2.736  4.495   1.00 44.37  ? 121 PRO B CA  1 
ATOM   916  C C   . PRO B 2 52  ? -0.847  -2.141  5.863   1.00 47.43  ? 121 PRO B C   1 
ATOM   917  O O   . PRO B 2 52  ? -0.837  -0.925  6.010   1.00 45.97  ? 121 PRO B O   1 
ATOM   918  C CB  . PRO B 2 52  ? -0.054  -2.761  3.519   1.00 47.20  ? 121 PRO B CB  1 
ATOM   919  C CG  . PRO B 2 52  ? -0.105  -1.400  2.802   1.00 42.29  ? 121 PRO B CG  1 
ATOM   920  C CD  . PRO B 2 52  ? -1.566  -0.948  2.835   1.00 43.53  ? 121 PRO B CD  1 
ATOM   921  N N   . LEU B 2 53  ? -0.618  -2.965  6.873   1.00 49.86  ? 122 LEU B N   1 
ATOM   922  C CA  . LEU B 2 53  ? -0.153  -2.442  8.155   1.00 48.08  ? 122 LEU B CA  1 
ATOM   923  C C   . LEU B 2 53  ? 1.358   -2.512  8.281   1.00 53.09  ? 122 LEU B C   1 
ATOM   924  O O   . LEU B 2 53  ? 1.929   -1.970  9.225   1.00 50.70  ? 122 LEU B O   1 
ATOM   925  C CB  . LEU B 2 53  ? -0.731  -3.238  9.301   1.00 45.86  ? 122 LEU B CB  1 
ATOM   926  C CG  . LEU B 2 53  ? -2.247  -3.313  9.359   1.00 59.41  ? 122 LEU B CG  1 
ATOM   927  C CD1 . LEU B 2 53  ? -2.611  -4.358  10.385  1.00 55.59  ? 122 LEU B CD1 1 
ATOM   928  C CD2 . LEU B 2 53  ? -2.818  -1.948  9.703   1.00 51.09  ? 122 LEU B CD2 1 
ATOM   929  N N   . ASN B 2 54  ? 1.987   -3.221  7.354   1.00 49.51  ? 123 ASN B N   1 
ATOM   930  C CA  . ASN B 2 54  ? 3.434   -3.336  7.332   1.00 46.78  ? 123 ASN B CA  1 
ATOM   931  C C   . ASN B 2 54  ? 3.892   -3.274  5.887   1.00 44.87  ? 123 ASN B C   1 
ATOM   932  O O   . ASN B 2 54  ? 3.076   -3.350  4.971   1.00 49.05  ? 123 ASN B O   1 
ATOM   933  C CB  . ASN B 2 54  ? 3.894   -4.642  8.004   1.00 54.40  ? 123 ASN B CB  1 
ATOM   934  C CG  . ASN B 2 54  ? 3.495   -5.888  7.214   1.00 55.87  ? 123 ASN B CG  1 
ATOM   935  O OD1 . ASN B 2 54  ? 2.623   -5.832  6.363   1.00 54.82  ? 123 ASN B OD1 1 
ATOM   936  N ND2 . ASN B 2 54  ? 4.143   -7.013  7.498   1.00 47.27  ? 123 ASN B ND2 1 
ATOM   937  N N   . ILE B 2 55  ? 5.193   -3.130  5.682   1.00 39.71  ? 124 ILE B N   1 
ATOM   938  C CA  . ILE B 2 55  ? 5.745   -3.089  4.336   1.00 45.59  ? 124 ILE B CA  1 
ATOM   939  C C   . ILE B 2 55  ? 5.432   -4.368  3.584   1.00 45.34  ? 124 ILE B C   1 
ATOM   940  O O   . ILE B 2 55  ? 5.647   -5.463  4.089   1.00 45.77  ? 124 ILE B O   1 
ATOM   941  C CB  . ILE B 2 55  ? 7.289   -2.880  4.354   1.00 41.50  ? 124 ILE B CB  1 
ATOM   942  C CG1 . ILE B 2 55  ? 7.626   -1.598  5.128   1.00 46.50  ? 124 ILE B CG1 1 
ATOM   943  C CG2 . ILE B 2 55  ? 7.850   -2.866  2.931   1.00 36.65  ? 124 ILE B CG2 1 
ATOM   944  C CD1 . ILE B 2 55  ? 9.119   -1.288  5.192   1.00 53.91  ? 124 ILE B CD1 1 
ATOM   945  N N   . ILE B 2 56  ? 4.942   -4.234  2.359   1.00 47.00  ? 125 ILE B N   1 
ATOM   946  C CA  . ILE B 2 56  ? 4.667   -5.409  1.559   1.00 42.24  ? 125 ILE B CA  1 
ATOM   947  C C   . ILE B 2 56  ? 5.962   -6.148  1.251   1.00 46.93  ? 125 ILE B C   1 
ATOM   948  O O   . ILE B 2 56  ? 6.833   -5.607  0.561   1.00 54.11  ? 125 ILE B O   1 
ATOM   949  C CB  . ILE B 2 56  ? 3.955   -5.002  0.268   1.00 45.48  ? 125 ILE B CB  1 
ATOM   950  C CG1 . ILE B 2 56  ? 2.667   -4.246  0.619   1.00 39.73  ? 125 ILE B CG1 1 
ATOM   951  C CG2 . ILE B 2 56  ? 3.720   -6.220  -0.627  1.00 44.83  ? 125 ILE B CG2 1 
ATOM   952  C CD1 . ILE B 2 56  ? 1.763   -3.887  -0.578  1.00 38.65  ? 125 ILE B CD1 1 
ATOM   953  N N   . PRO B 2 57  ? 6.095   -7.391  1.756   1.00 51.71  ? 126 PRO B N   1 
ATOM   954  C CA  . PRO B 2 57  ? 7.306   -8.204  1.540   1.00 54.56  ? 126 PRO B CA  1 
ATOM   955  C C   . PRO B 2 57  ? 7.401   -8.766  0.137   1.00 57.92  ? 126 PRO B C   1 
ATOM   956  O O   . PRO B 2 57  ? 6.376   -9.005  -0.501  1.00 58.94  ? 126 PRO B O   1 
ATOM   957  C CB  . PRO B 2 57  ? 7.128   -9.366  2.516   1.00 60.03  ? 126 PRO B CB  1 
ATOM   958  C CG  . PRO B 2 57  ? 5.649   -9.483  2.692   1.00 51.75  ? 126 PRO B CG  1 
ATOM   959  C CD  . PRO B 2 57  ? 5.136   -8.073  2.645   1.00 54.16  ? 126 PRO B CD  1 
ATOM   960  N N   . LEU B 2 58  ? 8.629   -8.926  -0.343  1.00 65.65  ? 127 LEU B N   1 
ATOM   961  C CA  . LEU B 2 58  ? 8.908   -9.520  -1.657  1.00 66.01  ? 127 LEU B CA  1 
ATOM   962  C C   . LEU B 2 58  ? 9.378   -10.978 -1.631  1.00 60.19  ? 127 LEU B C   1 
ATOM   963  O O   . LEU B 2 58  ? 9.669   -11.540 -2.675  1.00 58.26  ? 127 LEU B O   1 
ATOM   964  C CB  . LEU B 2 58  ? 9.891   -8.633  -2.439  1.00 61.47  ? 127 LEU B CB  1 
ATOM   965  C CG  . LEU B 2 58  ? 9.422   -7.170  -2.395  1.00 62.33  ? 127 LEU B CG  1 
ATOM   966  C CD1 . LEU B 2 58  ? 10.500  -6.181  -2.809  1.00 45.83  ? 127 LEU B CD1 1 
ATOM   967  C CD2 . LEU B 2 58  ? 8.132   -6.981  -3.213  1.00 51.45  ? 127 LEU B CD2 1 
ATOM   968  N N   . THR B 2 59  ? 9.468   -11.579 -0.446  1.00 67.71  ? 128 THR B N   1 
ATOM   969  C CA  . THR B 2 59  ? 10.004  -12.942 -0.317  1.00 69.25  ? 128 THR B CA  1 
ATOM   970  C C   . THR B 2 59  ? 8.990   -13.925 0.271   1.00 67.24  ? 128 THR B C   1 
ATOM   971  O O   . THR B 2 59  ? 8.105   -13.532 1.021   1.00 67.34  ? 128 THR B O   1 
ATOM   972  C CB  . THR B 2 59  ? 11.292  -12.982 0.548   1.00 57.24  ? 128 THR B CB  1 
ATOM   973  O OG1 . THR B 2 59  ? 11.028  -12.389 1.822   1.00 68.09  ? 128 THR B OG1 1 
ATOM   974  C CG2 . THR B 2 59  ? 12.433  -12.238 -0.130  1.00 56.10  ? 128 THR B CG2 1 
ATOM   975  N N   . THR B 2 60  ? 9.147   -15.203 -0.064  1.00 63.99  ? 129 THR B N   1 
ATOM   976  C CA  . THR B 2 60  ? 8.194   -16.249 0.320   1.00 65.67  ? 129 THR B CA  1 
ATOM   977  C C   . THR B 2 60  ? 8.021   -16.410 1.833   1.00 70.67  ? 129 THR B C   1 
ATOM   978  O O   . THR B 2 60  ? 8.956   -16.183 2.619   1.00 75.85  ? 129 THR B O   1 
ATOM   979  C CB  . THR B 2 60  ? 8.576   -17.604 -0.299  1.00 74.61  ? 129 THR B CB  1 
ATOM   980  O OG1 . THR B 2 60  ? 8.461   -17.533 -1.730  1.00 80.09  ? 129 THR B OG1 1 
ATOM   981  C CG2 . THR B 2 60  ? 7.676   -18.706 0.220   1.00 72.25  ? 129 THR B CG2 1 
ATOM   982  N N   . ALA B 2 61  ? 6.804   -16.779 2.227   1.00 75.83  ? 130 ALA B N   1 
ATOM   983  C CA  . ALA B 2 61  ? 6.425   -16.976 3.629   1.00 68.73  ? 130 ALA B CA  1 
ATOM   984  C C   . ALA B 2 61  ? 6.415   -15.678 4.432   1.00 72.26  ? 130 ALA B C   1 
ATOM   985  O O   . ALA B 2 61  ? 5.899   -15.649 5.550   1.00 73.21  ? 130 ALA B O   1 
ATOM   986  C CB  . ALA B 2 61  ? 7.297   -18.042 4.315   1.00 54.99  ? 130 ALA B CB  1 
ATOM   987  N N   . ALA B 2 62  ? 6.954   -14.602 3.855   1.00 66.68  ? 131 ALA B N   1 
ATOM   988  C CA  . ALA B 2 62  ? 7.056   -13.321 4.570   1.00 67.42  ? 131 ALA B CA  1 
ATOM   989  C C   . ALA B 2 62  ? 5.676   -12.801 4.972   1.00 69.11  ? 131 ALA B C   1 
ATOM   990  O O   . ALA B 2 62  ? 4.694   -13.007 4.254   1.00 70.46  ? 131 ALA B O   1 
ATOM   991  C CB  . ALA B 2 62  ? 7.795   -12.300 3.727   1.00 71.57  ? 131 ALA B CB  1 
ATOM   992  N N   . LYS B 2 63  ? 5.590   -12.133 6.117   1.00 62.84  ? 132 LYS B N   1 
ATOM   993  C CA  . LYS B 2 63  ? 4.273   -11.783 6.646   1.00 61.71  ? 132 LYS B CA  1 
ATOM   994  C C   . LYS B 2 63  ? 3.717   -10.449 6.163   1.00 61.37  ? 132 LYS B C   1 
ATOM   995  O O   . LYS B 2 63  ? 4.292   -9.388  6.390   1.00 60.40  ? 132 LYS B O   1 
ATOM   996  C CB  . LYS B 2 63  ? 4.250   -11.847 8.172   1.00 59.96  ? 132 LYS B CB  1 
ATOM   997  C CG  . LYS B 2 63  ? 3.711   -13.139 8.710   1.00 69.07  ? 132 LYS B CG  1 
ATOM   998  C CD  . LYS B 2 63  ? 3.678   -13.111 10.226  1.00 76.77  ? 132 LYS B CD  1 
ATOM   999  C CE  . LYS B 2 63  ? 2.925   -11.900 10.723  1.00 72.35  ? 132 LYS B CE  1 
ATOM   1000 N NZ  . LYS B 2 63  ? 2.935   -11.865 12.197  1.00 77.05  ? 132 LYS B NZ  1 
ATOM   1001 N N   . LEU B 2 64  ? 2.572   -10.519 5.504   1.00 61.58  ? 133 LEU B N   1 
ATOM   1002 C CA  . LEU B 2 64  ? 1.848   -9.333  5.123   1.00 50.26  ? 133 LEU B CA  1 
ATOM   1003 C C   . LEU B 2 64  ? 0.636   -9.233  6.032   1.00 61.43  ? 133 LEU B C   1 
ATOM   1004 O O   . LEU B 2 64  ? -0.061  -10.220 6.290   1.00 59.99  ? 133 LEU B O   1 
ATOM   1005 C CB  . LEU B 2 64  ? 1.442   -9.408  3.653   1.00 53.00  ? 133 LEU B CB  1 
ATOM   1006 C CG  . LEU B 2 64  ? 0.614   -8.255  3.064   1.00 62.52  ? 133 LEU B CG  1 
ATOM   1007 C CD1 . LEU B 2 64  ? 1.271   -6.887  3.282   1.00 52.50  ? 133 LEU B CD1 1 
ATOM   1008 C CD2 . LEU B 2 64  ? 0.363   -8.494  1.573   1.00 56.95  ? 133 LEU B CD2 1 
ATOM   1009 N N   . MET B 2 65  ? 0.400   -8.046  6.561   1.00 54.99  ? 134 MET B N   1 
ATOM   1010 C CA  . MET B 2 65  ? -0.800  -7.829  7.325   1.00 54.03  ? 134 MET B CA  1 
ATOM   1011 C C   . MET B 2 65  ? -1.520  -6.643  6.725   1.00 53.80  ? 134 MET B C   1 
ATOM   1012 O O   . MET B 2 65  ? -0.950  -5.550  6.618   1.00 49.13  ? 134 MET B O   1 
ATOM   1013 C CB  . MET B 2 65  ? -0.459  -7.591  8.783   1.00 65.43  ? 134 MET B CB  1 
ATOM   1014 C CG  . MET B 2 65  ? 0.441   -8.673  9.349   1.00 67.13  ? 134 MET B CG  1 
ATOM   1015 S SD  . MET B 2 65  ? 0.914   -8.263  11.021  1.00 78.66  ? 134 MET B SD  1 
ATOM   1016 C CE  . MET B 2 65  ? -0.616  -7.553  11.609  1.00 68.26  ? 134 MET B CE  1 
ATOM   1017 N N   . VAL B 2 66  ? -2.752  -6.872  6.285   1.00 46.37  ? 135 VAL B N   1 
ATOM   1018 C CA  . VAL B 2 66  ? -3.547  -5.784  5.712   1.00 57.34  ? 135 VAL B CA  1 
ATOM   1019 C C   . VAL B 2 66  ? -4.939  -5.758  6.320   1.00 56.25  ? 135 VAL B C   1 
ATOM   1020 O O   . VAL B 2 66  ? -5.468  -6.800  6.749   1.00 58.67  ? 135 VAL B O   1 
ATOM   1021 C CB  . VAL B 2 66  ? -3.616  -5.782  4.129   1.00 51.32  ? 135 VAL B CB  1 
ATOM   1022 C CG1 . VAL B 2 66  ? -2.659  -6.773  3.526   1.00 52.97  ? 135 VAL B CG1 1 
ATOM   1023 C CG2 . VAL B 2 66  ? -5.016  -6.047  3.632   1.00 58.61  ? 135 VAL B CG2 1 
ATOM   1024 N N   . VAL B 2 67  ? -5.491  -4.547  6.380   1.00 50.60  ? 136 VAL B N   1 
ATOM   1025 C CA  . VAL B 2 67  ? -6.820  -4.279  6.901   1.00 57.28  ? 136 VAL B CA  1 
ATOM   1026 C C   . VAL B 2 67  ? -7.852  -4.499  5.807   1.00 54.28  ? 136 VAL B C   1 
ATOM   1027 O O   . VAL B 2 67  ? -7.673  -4.036  4.688   1.00 49.50  ? 136 VAL B O   1 
ATOM   1028 C CB  . VAL B 2 67  ? -6.936  -2.818  7.386   1.00 59.49  ? 136 VAL B CB  1 
ATOM   1029 C CG1 . VAL B 2 67  ? -8.374  -2.505  7.814   1.00 53.15  ? 136 VAL B CG1 1 
ATOM   1030 C CG2 . VAL B 2 67  ? -5.955  -2.554  8.513   1.00 54.29  ? 136 VAL B CG2 1 
ATOM   1031 N N   . VAL B 2 68  ? -8.915  -5.225  6.128   1.00 54.95  ? 137 VAL B N   1 
ATOM   1032 C CA  . VAL B 2 68  ? -10.009 -5.445  5.187   1.00 55.20  ? 137 VAL B CA  1 
ATOM   1033 C C   . VAL B 2 68  ? -11.262 -4.758  5.732   1.00 56.41  ? 137 VAL B C   1 
ATOM   1034 O O   . VAL B 2 68  ? -11.825 -5.186  6.732   1.00 55.64  ? 137 VAL B O   1 
ATOM   1035 C CB  . VAL B 2 68  ? -10.247 -6.943  4.950   1.00 58.38  ? 137 VAL B CB  1 
ATOM   1036 C CG1 . VAL B 2 68  ? -11.447 -7.146  4.045   1.00 58.23  ? 137 VAL B CG1 1 
ATOM   1037 C CG2 . VAL B 2 68  ? -9.003  -7.590  4.345   1.00 48.73  ? 137 VAL B CG2 1 
ATOM   1038 N N   . PRO B 2 69  ? -11.681 -3.658  5.089   1.00 57.38  ? 138 PRO B N   1 
ATOM   1039 C CA  . PRO B 2 69  ? -12.715 -2.797  5.680   1.00 58.42  ? 138 PRO B CA  1 
ATOM   1040 C C   . PRO B 2 69  ? -14.118 -3.412  5.722   1.00 58.50  ? 138 PRO B C   1 
ATOM   1041 O O   . PRO B 2 69  ? -14.924 -3.061  6.603   1.00 58.56  ? 138 PRO B O   1 
ATOM   1042 C CB  . PRO B 2 69  ? -12.707 -1.568  4.758   1.00 56.95  ? 138 PRO B CB  1 
ATOM   1043 C CG  . PRO B 2 69  ? -12.257 -2.120  3.426   1.00 56.19  ? 138 PRO B CG  1 
ATOM   1044 C CD  . PRO B 2 69  ? -11.181 -3.119  3.810   1.00 51.53  ? 138 PRO B CD  1 
ATOM   1045 N N   . ASP B 2 70  ? -14.430 -4.299  4.787   1.00 55.29  ? 139 ASP B N   1 
ATOM   1046 C CA  . ASP B 2 70  ? -15.788 -4.836  4.728   1.00 55.19  ? 139 ASP B CA  1 
ATOM   1047 C C   . ASP B 2 70  ? -15.857 -6.054  3.839   1.00 57.96  ? 139 ASP B C   1 
ATOM   1048 O O   . ASP B 2 70  ? -14.852 -6.449  3.234   1.00 53.85  ? 139 ASP B O   1 
ATOM   1049 C CB  . ASP B 2 70  ? -16.773 -3.771  4.234   1.00 49.49  ? 139 ASP B CB  1 
ATOM   1050 C CG  . ASP B 2 70  ? -16.307 -3.105  2.940   1.00 62.27  ? 139 ASP B CG  1 
ATOM   1051 O OD1 . ASP B 2 70  ? -15.980 -3.839  1.969   1.00 56.49  ? 139 ASP B OD1 1 
ATOM   1052 O OD2 . ASP B 2 70  ? -16.245 -1.851  2.913   1.00 61.43  ? 139 ASP B OD2 1 
ATOM   1053 N N   . TYR B 2 71  ? -17.056 -6.628  3.754   1.00 52.58  ? 140 TYR B N   1 
ATOM   1054 C CA  . TYR B 2 71  ? -17.273 -7.894  3.081   1.00 51.66  ? 140 TYR B CA  1 
ATOM   1055 C C   . TYR B 2 71  ? -17.118 -7.814  1.545   1.00 48.88  ? 140 TYR B C   1 
ATOM   1056 O O   . TYR B 2 71  ? -16.720 -8.788  0.903   1.00 56.03  ? 140 TYR B O   1 
ATOM   1057 C CB  . TYR B 2 71  ? -18.642 -8.473  3.494   1.00 47.16  ? 140 TYR B CB  1 
ATOM   1058 C CG  . TYR B 2 71  ? -18.969 -9.804  2.845   1.00 59.89  ? 140 TYR B CG  1 
ATOM   1059 C CD1 . TYR B 2 71  ? -18.317 -10.972 3.234   1.00 55.41  ? 140 TYR B CD1 1 
ATOM   1060 C CD2 . TYR B 2 71  ? -19.949 -9.892  1.843   1.00 58.57  ? 140 TYR B CD2 1 
ATOM   1061 C CE1 . TYR B 2 71  ? -18.617 -12.194 2.628   1.00 62.92  ? 140 TYR B CE1 1 
ATOM   1062 C CE2 . TYR B 2 71  ? -20.262 -11.108 1.243   1.00 58.82  ? 140 TYR B CE2 1 
ATOM   1063 C CZ  . TYR B 2 71  ? -19.593 -12.253 1.638   1.00 62.39  ? 140 TYR B CZ  1 
ATOM   1064 O OH  . TYR B 2 71  ? -19.904 -13.452 1.036   1.00 66.62  ? 140 TYR B OH  1 
ATOM   1065 N N   . GLY B 2 72  ? -17.443 -6.673  0.946   1.00 55.20  ? 141 GLY B N   1 
ATOM   1066 C CA  . GLY B 2 72  ? -17.236 -6.517  -0.494  1.00 49.07  ? 141 GLY B CA  1 
ATOM   1067 C C   . GLY B 2 72  ? -15.750 -6.547  -0.836  1.00 53.88  ? 141 GLY B C   1 
ATOM   1068 O O   . GLY B 2 72  ? -15.302 -7.275  -1.735  1.00 56.52  ? 141 GLY B O   1 
ATOM   1069 N N   . THR B 2 73  ? -14.971 -5.754  -0.104  1.00 51.53  ? 142 THR B N   1 
ATOM   1070 C CA  . THR B 2 73  ? -13.527 -5.759  -0.288  1.00 54.24  ? 142 THR B CA  1 
ATOM   1071 C C   . THR B 2 73  ? -13.059 -7.179  -0.023  1.00 53.46  ? 142 THR B C   1 
ATOM   1072 O O   . THR B 2 73  ? -12.341 -7.773  -0.832  1.00 48.07  ? 142 THR B O   1 
ATOM   1073 C CB  . THR B 2 73  ? -12.820 -4.807  0.683   1.00 52.31  ? 142 THR B CB  1 
ATOM   1074 O OG1 . THR B 2 73  ? -13.255 -3.461  0.448   1.00 57.80  ? 142 THR B OG1 1 
ATOM   1075 C CG2 . THR B 2 73  ? -11.332 -4.887  0.474   1.00 51.07  ? 142 THR B CG2 1 
ATOM   1076 N N   . TYR B 2 74  ? -13.509 -7.742  1.100   1.00 47.04  ? 143 TYR B N   1 
ATOM   1077 C CA  . TYR B 2 74  ? -13.094 -9.088  1.443   1.00 52.00  ? 143 TYR B CA  1 
ATOM   1078 C C   . TYR B 2 74  ? -13.281 -10.088 0.302   1.00 55.96  ? 143 TYR B C   1 
ATOM   1079 O O   . TYR B 2 74  ? -12.347 -10.819 -0.040  1.00 57.51  ? 143 TYR B O   1 
ATOM   1080 C CB  . TYR B 2 74  ? -13.778 -9.602  2.714   1.00 50.36  ? 143 TYR B CB  1 
ATOM   1081 C CG  . TYR B 2 74  ? -13.364 -11.031 3.034   1.00 63.22  ? 143 TYR B CG  1 
ATOM   1082 C CD1 . TYR B 2 74  ? -13.857 -12.103 2.294   1.00 64.29  ? 143 TYR B CD1 1 
ATOM   1083 C CD2 . TYR B 2 74  ? -12.460 -11.303 4.058   1.00 62.29  ? 143 TYR B CD2 1 
ATOM   1084 C CE1 . TYR B 2 74  ? -13.474 -13.403 2.571   1.00 73.02  ? 143 TYR B CE1 1 
ATOM   1085 C CE2 . TYR B 2 74  ? -12.062 -12.604 4.338   1.00 72.05  ? 143 TYR B CE2 1 
ATOM   1086 C CZ  . TYR B 2 74  ? -12.574 -13.648 3.595   1.00 78.41  ? 143 TYR B CZ  1 
ATOM   1087 O OH  . TYR B 2 74  ? -12.187 -14.942 3.877   1.00 83.11  ? 143 TYR B OH  1 
ATOM   1088 N N   . LYS B 2 75  ? -14.473 -10.127 -0.290  1.00 56.79  ? 144 LYS B N   1 
ATOM   1089 C CA  . LYS B 2 75  ? -14.767 -11.185 -1.252  1.00 57.40  ? 144 LYS B CA  1 
ATOM   1090 C C   . LYS B 2 75  ? -14.171 -10.862 -2.617  1.00 63.01  ? 144 LYS B C   1 
ATOM   1091 O O   . LYS B 2 75  ? -13.931 -11.756 -3.444  1.00 52.37  ? 144 LYS B O   1 
ATOM   1092 C CB  . LYS B 2 75  ? -16.274 -11.506 -1.319  1.00 57.07  ? 144 LYS B CB  1 
ATOM   1093 C CG  . LYS B 2 75  ? -17.080 -10.687 -2.303  1.00 68.63  ? 144 LYS B CG  1 
ATOM   1094 C CD  . LYS B 2 75  ? -18.565 -11.126 -2.312  1.00 79.09  ? 144 LYS B CD  1 
ATOM   1095 C CE  . LYS B 2 75  ? -19.356 -10.521 -3.483  1.00 78.23  ? 144 LYS B CE  1 
ATOM   1096 N NZ  . LYS B 2 75  ? -20.827 -10.467 -3.214  1.00 77.34  ? 144 LYS B NZ  1 
ATOM   1097 N N   . ASN B 2 76  ? -13.896 -9.581  -2.844  1.00 57.05  ? 145 ASN B N   1 
ATOM   1098 C CA  . ASN B 2 76  ? -13.153 -9.201  -4.035  1.00 60.44  ? 145 ASN B CA  1 
ATOM   1099 C C   . ASN B 2 76  ? -11.692 -9.666  -3.947  1.00 54.48  ? 145 ASN B C   1 
ATOM   1100 O O   . ASN B 2 76  ? -11.065 -9.992  -4.956  1.00 57.58  ? 145 ASN B O   1 
ATOM   1101 C CB  . ASN B 2 76  ? -13.218 -7.688  -4.251  1.00 56.72  ? 145 ASN B CB  1 
ATOM   1102 C CG  . ASN B 2 76  ? -12.624 -7.270  -5.578  1.00 61.85  ? 145 ASN B CG  1 
ATOM   1103 O OD1 . ASN B 2 76  ? -12.895 -7.886  -6.609  1.00 62.83  ? 145 ASN B OD1 1 
ATOM   1104 N ND2 . ASN B 2 76  ? -11.780 -6.235  -5.557  1.00 57.91  ? 145 ASN B ND2 1 
ATOM   1105 N N   . THR B 2 77  ? -11.121 -9.632  -2.750  1.00 57.69  ? 146 THR B N   1 
ATOM   1106 C CA  . THR B 2 77  ? -9.709  -10.031 -2.613  1.00 60.49  ? 146 THR B CA  1 
ATOM   1107 C C   . THR B 2 77  ? -9.403  -11.456 -2.105  1.00 63.61  ? 146 THR B C   1 
ATOM   1108 O O   . THR B 2 77  ? -8.268  -11.935 -2.238  1.00 58.91  ? 146 THR B O   1 
ATOM   1109 C CB  . THR B 2 77  ? -8.945  -9.002  -1.778  1.00 54.22  ? 146 THR B CB  1 
ATOM   1110 O OG1 . THR B 2 77  ? -9.501  -8.948  -0.460  1.00 49.05  ? 146 THR B OG1 1 
ATOM   1111 C CG2 . THR B 2 77  ? -9.083  -7.632  -2.417  1.00 51.49  ? 146 THR B CG2 1 
ATOM   1112 N N   . CYS B 2 78  ? -10.409 -12.144 -1.561  1.00 60.34  ? 147 CYS B N   1 
ATOM   1113 C CA  . CYS B 2 78  ? -10.161 -13.434 -0.916  1.00 58.76  ? 147 CYS B CA  1 
ATOM   1114 C C   . CYS B 2 78  ? -11.009 -14.559 -1.480  1.00 66.20  ? 147 CYS B C   1 
ATOM   1115 O O   . CYS B 2 78  ? -12.228 -14.443 -1.560  1.00 62.53  ? 147 CYS B O   1 
ATOM   1116 C CB  . CYS B 2 78  ? -10.401 -13.355 0.592   1.00 60.32  ? 147 CYS B CB  1 
ATOM   1117 S SG  . CYS B 2 78  ? -9.285  -12.272 1.510   1.00 59.45  ? 147 CYS B SG  1 
ATOM   1118 N N   . ASP B 2 79  ? -10.351 -15.649 -1.861  1.00 73.80  ? 148 ASP B N   1 
ATOM   1119 C CA  . ASP B 2 79  ? -11.034 -16.864 -2.271  1.00 68.38  ? 148 ASP B CA  1 
ATOM   1120 C C   . ASP B 2 79  ? -10.416 -18.072 -1.571  1.00 70.61  ? 148 ASP B C   1 
ATOM   1121 O O   . ASP B 2 79  ? -9.265  -18.434 -1.840  1.00 67.31  ? 148 ASP B O   1 
ATOM   1122 C CB  . ASP B 2 79  ? -10.936 -17.028 -3.781  1.00 69.57  ? 148 ASP B CB  1 
ATOM   1123 C CG  . ASP B 2 79  ? -11.713 -18.225 -4.284  1.00 76.99  ? 148 ASP B CG  1 
ATOM   1124 O OD1 . ASP B 2 79  ? -12.713 -18.598 -3.632  1.00 87.80  ? 148 ASP B OD1 1 
ATOM   1125 O OD2 . ASP B 2 79  ? -11.323 -18.789 -5.331  1.00 90.50  ? 148 ASP B OD2 1 
ATOM   1126 N N   . GLY B 2 80  ? -11.190 -18.715 -0.700  1.00 66.29  ? 149 GLY B N   1 
ATOM   1127 C CA  . GLY B 2 80  ? -10.656 -19.789 0.116   1.00 68.73  ? 149 GLY B CA  1 
ATOM   1128 C C   . GLY B 2 80  ? -9.646  -19.260 1.121   1.00 74.10  ? 149 GLY B C   1 
ATOM   1129 O O   . GLY B 2 80  ? -9.904  -18.267 1.805   1.00 76.42  ? 149 GLY B O   1 
ATOM   1130 N N   . ASN B 2 81  ? -8.502  -19.930 1.223   1.00 68.49  ? 150 ASN B N   1 
ATOM   1131 C CA  . ASN B 2 81  ? -7.410  -19.482 2.087   1.00 75.31  ? 150 ASN B CA  1 
ATOM   1132 C C   . ASN B 2 81  ? -6.445  -18.570 1.321   1.00 68.63  ? 150 ASN B C   1 
ATOM   1133 O O   . ASN B 2 81  ? -5.336  -18.281 1.775   1.00 68.17  ? 150 ASN B O   1 
ATOM   1134 C CB  . ASN B 2 81  ? -6.667  -20.661 2.737   1.00 74.65  ? 150 ASN B CB  1 
ATOM   1135 C CG  . ASN B 2 81  ? -5.633  -21.285 1.813   1.00 77.94  ? 150 ASN B CG  1 
ATOM   1136 O OD1 . ASN B 2 81  ? -5.850  -21.382 0.604   1.00 80.01  ? 150 ASN B OD1 1 
ATOM   1137 N ND2 . ASN B 2 81  ? -4.496  -21.703 2.378   1.00 68.68  ? 150 ASN B ND2 1 
ATOM   1138 N N   . THR B 2 82  ? -6.848  -18.185 0.116   1.00 67.29  ? 151 THR B N   1 
ATOM   1139 C CA  . THR B 2 82  ? -6.009  -17.355 -0.731  1.00 63.31  ? 151 THR B CA  1 
ATOM   1140 C C   . THR B 2 82  ? -6.443  -15.896 -0.810  1.00 68.03  ? 151 THR B C   1 
ATOM   1141 O O   . THR B 2 82  ? -7.599  -15.577 -1.092  1.00 59.99  ? 151 THR B O   1 
ATOM   1142 C CB  . THR B 2 82  ? -5.935  -17.904 -2.134  1.00 60.34  ? 151 THR B CB  1 
ATOM   1143 O OG1 . THR B 2 82  ? -5.636  -19.299 -2.066  1.00 69.25  ? 151 THR B OG1 1 
ATOM   1144 C CG2 . THR B 2 82  ? -4.847  -17.195 -2.895  1.00 63.62  ? 151 THR B CG2 1 
ATOM   1145 N N   . PHE B 2 83  ? -5.474  -15.024 -0.567  1.00 67.97  ? 152 PHE B N   1 
ATOM   1146 C CA  . PHE B 2 83  ? -5.627  -13.579 -0.611  1.00 62.59  ? 152 PHE B CA  1 
ATOM   1147 C C   . PHE B 2 83  ? -4.857  -13.094 -1.824  1.00 58.76  ? 152 PHE B C   1 
ATOM   1148 O O   . PHE B 2 83  ? -3.735  -13.512 -2.023  1.00 59.33  ? 152 PHE B O   1 
ATOM   1149 C CB  . PHE B 2 83  ? -5.003  -13.006 0.655   1.00 57.85  ? 152 PHE B CB  1 
ATOM   1150 C CG  . PHE B 2 83  ? -5.028  -11.505 0.741   1.00 61.93  ? 152 PHE B CG  1 
ATOM   1151 C CD1 . PHE B 2 83  ? -6.229  -10.817 0.876   1.00 57.22  ? 152 PHE B CD1 1 
ATOM   1152 C CD2 . PHE B 2 83  ? -3.841  -10.783 0.754   1.00 60.86  ? 152 PHE B CD2 1 
ATOM   1153 C CE1 . PHE B 2 83  ? -6.249  -9.436  0.981   1.00 61.88  ? 152 PHE B CE1 1 
ATOM   1154 C CE2 . PHE B 2 83  ? -3.849  -9.401  0.863   1.00 53.65  ? 152 PHE B CE2 1 
ATOM   1155 C CZ  . PHE B 2 83  ? -5.053  -8.723  0.975   1.00 62.16  ? 152 PHE B CZ  1 
ATOM   1156 N N   . THR B 2 84  ? -5.460  -12.241 -2.649  1.00 55.68  ? 153 THR B N   1 
ATOM   1157 C CA  . THR B 2 84  ? -4.783  -11.732 -3.838  1.00 50.52  ? 153 THR B CA  1 
ATOM   1158 C C   . THR B 2 84  ? -4.604  -10.223 -3.719  1.00 56.15  ? 153 THR B C   1 
ATOM   1159 O O   . THR B 2 84  ? -5.578  -9.481  -3.534  1.00 59.38  ? 153 THR B O   1 
ATOM   1160 C CB  . THR B 2 84  ? -5.586  -11.990 -5.124  1.00 67.33  ? 153 THR B CB  1 
ATOM   1161 O OG1 . THR B 2 84  ? -5.974  -13.370 -5.201  1.00 66.51  ? 153 THR B OG1 1 
ATOM   1162 C CG2 . THR B 2 84  ? -4.758  -11.607 -6.340  1.00 49.62  ? 153 THR B CG2 1 
ATOM   1163 N N   . TYR B 2 85  ? -3.358  -9.778  -3.784  1.00 56.93  ? 154 TYR B N   1 
ATOM   1164 C CA  . TYR B 2 85  ? -3.042  -8.375  -3.538  1.00 53.38  ? 154 TYR B CA  1 
ATOM   1165 C C   . TYR B 2 85  ? -1.683  -7.981  -4.153  1.00 51.59  ? 154 TYR B C   1 
ATOM   1166 O O   . TYR B 2 85  ? -0.776  -8.802  -4.251  1.00 50.41  ? 154 TYR B O   1 
ATOM   1167 C CB  . TYR B 2 85  ? -3.067  -8.186  -2.028  1.00 48.09  ? 154 TYR B CB  1 
ATOM   1168 C CG  . TYR B 2 85  ? -2.715  -6.835  -1.466  1.00 42.98  ? 154 TYR B CG  1 
ATOM   1169 C CD1 . TYR B 2 85  ? -3.601  -5.771  -1.548  1.00 46.52  ? 154 TYR B CD1 1 
ATOM   1170 C CD2 . TYR B 2 85  ? -1.536  -6.648  -0.780  1.00 45.33  ? 154 TYR B CD2 1 
ATOM   1171 C CE1 . TYR B 2 85  ? -3.296  -4.544  -0.988  1.00 36.95  ? 154 TYR B CE1 1 
ATOM   1172 C CE2 . TYR B 2 85  ? -1.219  -5.425  -0.230  1.00 44.73  ? 154 TYR B CE2 1 
ATOM   1173 C CZ  . TYR B 2 85  ? -2.095  -4.384  -0.338  1.00 37.69  ? 154 TYR B CZ  1 
ATOM   1174 O OH  . TYR B 2 85  ? -1.786  -3.167  0.219   1.00 44.81  ? 154 TYR B OH  1 
ATOM   1175 N N   . ALA B 2 86  ? -1.544  -6.714  -4.525  1.00 44.24  ? 155 ALA B N   1 
ATOM   1176 C CA  . ALA B 2 86  ? -0.348  -6.218  -5.192  1.00 52.27  ? 155 ALA B CA  1 
ATOM   1177 C C   . ALA B 2 86  ? 0.151   -7.148  -6.294  1.00 54.44  ? 155 ALA B C   1 
ATOM   1178 O O   . ALA B 2 86  ? 1.361   -7.330  -6.454  1.00 53.21  ? 155 ALA B O   1 
ATOM   1179 C CB  . ALA B 2 86  ? 0.780   -5.929  -4.170  1.00 52.37  ? 155 ALA B CB  1 
ATOM   1180 N N   . SER B 2 87  ? -0.769  -7.706  -7.072  1.00 51.63  ? 156 SER B N   1 
ATOM   1181 C CA  . SER B 2 87  ? -0.418  -8.631  -8.164  1.00 43.14  ? 156 SER B CA  1 
ATOM   1182 C C   . SER B 2 87  ? 0.265   -9.926  -7.705  1.00 52.40  ? 156 SER B C   1 
ATOM   1183 O O   . SER B 2 87  ? 1.063   -10.493 -8.426  1.00 59.47  ? 156 SER B O   1 
ATOM   1184 C CB  . SER B 2 87  ? 0.416   -7.938  -9.230  1.00 52.52  ? 156 SER B CB  1 
ATOM   1185 O OG  . SER B 2 87  ? -0.318  -6.878  -9.810  1.00 56.92  ? 156 SER B OG  1 
ATOM   1186 N N   . ALA B 2 88  ? -0.070  -10.397 -6.507  1.00 60.95  ? 157 ALA B N   1 
ATOM   1187 C CA  . ALA B 2 88  ? 0.524   -11.613 -5.972  1.00 60.39  ? 157 ALA B CA  1 
ATOM   1188 C C   . ALA B 2 88  ? -0.479  -12.417 -5.164  1.00 60.31  ? 157 ALA B C   1 
ATOM   1189 O O   . ALA B 2 88  ? -1.457  -11.876 -4.626  1.00 60.32  ? 157 ALA B O   1 
ATOM   1190 C CB  . ALA B 2 88  ? 1.738   -11.287 -5.108  1.00 48.86  ? 157 ALA B CB  1 
ATOM   1191 N N   . LEU B 2 89  ? -0.208  -13.713 -5.059  1.00 62.79  ? 158 LEU B N   1 
ATOM   1192 C CA  . LEU B 2 89  ? -0.997  -14.588 -4.217  1.00 65.53  ? 158 LEU B CA  1 
ATOM   1193 C C   . LEU B 2 89  ? -0.328  -14.722 -2.864  1.00 57.82  ? 158 LEU B C   1 
ATOM   1194 O O   . LEU B 2 89  ? 0.889   -14.843 -2.761  1.00 65.38  ? 158 LEU B O   1 
ATOM   1195 C CB  . LEU B 2 89  ? -1.192  -15.956 -4.888  1.00 68.29  ? 158 LEU B CB  1 
ATOM   1196 C CG  . LEU B 2 89  ? -1.906  -15.883 -6.240  1.00 67.35  ? 158 LEU B CG  1 
ATOM   1197 C CD1 . LEU B 2 89  ? -2.169  -17.277 -6.816  1.00 70.81  ? 158 LEU B CD1 1 
ATOM   1198 C CD2 . LEU B 2 89  ? -3.208  -15.086 -6.130  1.00 61.83  ? 158 LEU B CD2 1 
ATOM   1199 N N   . TRP B 2 90  ? -1.143  -14.673 -1.824  1.00 56.76  ? 159 TRP B N   1 
ATOM   1200 C CA  . TRP B 2 90  ? -0.703  -14.796 -0.447  1.00 56.64  ? 159 TRP B CA  1 
ATOM   1201 C C   . TRP B 2 90  ? -1.591  -15.849 0.210   1.00 70.21  ? 159 TRP B C   1 
ATOM   1202 O O   . TRP B 2 90  ? -2.808  -15.877 -0.009  1.00 67.31  ? 159 TRP B O   1 
ATOM   1203 C CB  . TRP B 2 90  ? -0.853  -13.461 0.293   1.00 59.55  ? 159 TRP B CB  1 
ATOM   1204 C CG  . TRP B 2 90  ? -0.237  -12.322 -0.437  1.00 58.79  ? 159 TRP B CG  1 
ATOM   1205 C CD1 . TRP B 2 90  ? -0.708  -11.729 -1.570  1.00 51.49  ? 159 TRP B CD1 1 
ATOM   1206 C CD2 . TRP B 2 90  ? 0.979   -11.650 -0.106  1.00 59.66  ? 159 TRP B CD2 1 
ATOM   1207 N NE1 . TRP B 2 90  ? 0.135   -10.733 -1.971  1.00 60.84  ? 159 TRP B NE1 1 
ATOM   1208 C CE2 . TRP B 2 90  ? 1.182   -10.657 -1.089  1.00 62.19  ? 159 TRP B CE2 1 
ATOM   1209 C CE3 . TRP B 2 90  ? 1.923   -11.796 0.917   1.00 64.06  ? 159 TRP B CE3 1 
ATOM   1210 C CZ2 . TRP B 2 90  ? 2.286   -9.810  -1.079  1.00 53.10  ? 159 TRP B CZ2 1 
ATOM   1211 C CZ3 . TRP B 2 90  ? 3.025   -10.944 0.934   1.00 63.22  ? 159 TRP B CZ3 1 
ATOM   1212 C CH2 . TRP B 2 90  ? 3.196   -9.964  -0.060  1.00 60.12  ? 159 TRP B CH2 1 
ATOM   1213 N N   . GLU B 2 91  ? -0.983  -16.719 1.008   1.00 67.41  ? 160 GLU B N   1 
ATOM   1214 C CA  . GLU B 2 91  ? -1.704  -17.795 1.661   1.00 63.66  ? 160 GLU B CA  1 
ATOM   1215 C C   . GLU B 2 91  ? -2.141  -17.300 3.026   1.00 65.33  ? 160 GLU B C   1 
ATOM   1216 O O   . GLU B 2 91  ? -1.316  -16.945 3.867   1.00 72.40  ? 160 GLU B O   1 
ATOM   1217 C CB  . GLU B 2 91  ? -0.798  -19.023 1.748   1.00 63.46  ? 160 GLU B CB  1 
ATOM   1218 C CG  . GLU B 2 91  ? -1.321  -20.161 2.590   1.00 85.03  ? 160 GLU B CG  1 
ATOM   1219 C CD  . GLU B 2 91  ? -0.289  -21.258 2.751   1.00 82.79  ? 160 GLU B CD  1 
ATOM   1220 O OE1 . GLU B 2 91  ? 0.004   -21.954 1.752   1.00 84.00  ? 160 GLU B OE1 1 
ATOM   1221 O OE2 . GLU B 2 91  ? 0.243   -21.409 3.873   1.00 79.82  ? 160 GLU B OE2 1 
ATOM   1222 N N   . ILE B 2 92  ? -3.443  -17.234 3.240   1.00 62.29  ? 161 ILE B N   1 
ATOM   1223 C CA  . ILE B 2 92  ? -3.950  -16.629 4.459   1.00 64.17  ? 161 ILE B CA  1 
ATOM   1224 C C   . ILE B 2 92  ? -3.537  -17.452 5.670   1.00 75.51  ? 161 ILE B C   1 
ATOM   1225 O O   . ILE B 2 92  ? -3.736  -18.665 5.711   1.00 83.11  ? 161 ILE B O   1 
ATOM   1226 C CB  . ILE B 2 92  ? -5.484  -16.445 4.428   1.00 57.50  ? 161 ILE B CB  1 
ATOM   1227 C CG1 . ILE B 2 92  ? -5.877  -15.449 3.333   1.00 58.14  ? 161 ILE B CG1 1 
ATOM   1228 C CG2 . ILE B 2 92  ? -6.002  -15.979 5.794   1.00 60.12  ? 161 ILE B CG2 1 
ATOM   1229 C CD1 . ILE B 2 92  ? -7.378  -15.100 3.284   1.00 52.35  ? 161 ILE B CD1 1 
ATOM   1230 N N   . GLN B 2 93  ? -2.940  -16.785 6.647   1.00 73.32  ? 162 GLN B N   1 
ATOM   1231 C CA  . GLN B 2 93  ? -2.537  -17.435 7.886   1.00 70.17  ? 162 GLN B CA  1 
ATOM   1232 C C   . GLN B 2 93  ? -3.609  -17.238 8.920   1.00 71.37  ? 162 GLN B C   1 
ATOM   1233 O O   . GLN B 2 93  ? -4.129  -18.198 9.486   1.00 78.59  ? 162 GLN B O   1 
ATOM   1234 C CB  . GLN B 2 93  ? -1.188  -16.921 8.375   1.00 72.88  ? 162 GLN B CB  1 
ATOM   1235 C CG  . GLN B 2 93  ? -0.065  -17.163 7.373   1.00 79.24  ? 162 GLN B CG  1 
ATOM   1236 C CD  . GLN B 2 93  ? 0.016   -18.611 6.897   1.00 78.59  ? 162 GLN B CD  1 
ATOM   1237 O OE1 . GLN B 2 93  ? 0.418   -18.871 5.768   1.00 74.09  ? 162 GLN B OE1 1 
ATOM   1238 N NE2 . GLN B 2 93  ? -0.358  -19.556 7.764   1.00 80.49  ? 162 GLN B NE2 1 
ATOM   1239 N N   . GLN B 2 94  ? -3.912  -15.982 9.208   1.00 73.89  ? 163 GLN B N   1 
ATOM   1240 C CA  . GLN B 2 94  ? -4.961  -15.698 10.175  1.00 61.21  ? 163 GLN B CA  1 
ATOM   1241 C C   . GLN B 2 94  ? -5.821  -14.533 9.754   1.00 60.43  ? 163 GLN B C   1 
ATOM   1242 O O   . GLN B 2 94  ? -5.471  -13.776 8.855   1.00 69.17  ? 163 GLN B O   1 
ATOM   1243 C CB  . GLN B 2 94  ? -4.368  -15.360 11.541  1.00 70.59  ? 163 GLN B CB  1 
ATOM   1244 C CG  . GLN B 2 94  ? -3.365  -16.355 12.073  1.00 80.76  ? 163 GLN B CG  1 
ATOM   1245 C CD  . GLN B 2 94  ? -2.729  -15.865 13.359  1.00 82.60  ? 163 GLN B CD  1 
ATOM   1246 O OE1 . GLN B 2 94  ? -3.058  -14.777 13.843  1.00 86.88  ? 163 GLN B OE1 1 
ATOM   1247 N NE2 . GLN B 2 94  ? -1.818  -16.657 13.920  1.00 77.82  ? 163 GLN B NE2 1 
ATOM   1248 N N   . VAL B 2 95  ? -6.947  -14.395 10.439  1.00 62.12  ? 164 VAL B N   1 
ATOM   1249 C CA  . VAL B 2 95  ? -7.811  -13.242 10.317  1.00 60.58  ? 164 VAL B CA  1 
ATOM   1250 C C   . VAL B 2 95  ? -8.145  -12.912 11.742  1.00 68.75  ? 164 VAL B C   1 
ATOM   1251 O O   . VAL B 2 95  ? -8.251  -13.811 12.567  1.00 72.30  ? 164 VAL B O   1 
ATOM   1252 C CB  . VAL B 2 95  ? -9.142  -13.597 9.632   1.00 61.62  ? 164 VAL B CB  1 
ATOM   1253 C CG1 . VAL B 2 95  ? -10.086 -12.381 9.626   1.00 59.01  ? 164 VAL B CG1 1 
ATOM   1254 C CG2 . VAL B 2 95  ? -8.911  -14.135 8.234   1.00 54.21  ? 164 VAL B CG2 1 
ATOM   1255 N N   . VAL B 2 96  ? -8.316  -11.635 12.050  1.00 61.95  ? 165 VAL B N   1 
ATOM   1256 C CA  . VAL B 2 96  ? -8.710  -11.262 13.397  1.00 65.50  ? 165 VAL B CA  1 
ATOM   1257 C C   . VAL B 2 96  ? -9.635  -10.060 13.299  1.00 65.09  ? 165 VAL B C   1 
ATOM   1258 O O   . VAL B 2 96  ? -9.407  -9.180  12.491  1.00 66.96  ? 165 VAL B O   1 
ATOM   1259 C CB  . VAL B 2 96  ? -7.465  -10.923 14.270  1.00 75.17  ? 165 VAL B CB  1 
ATOM   1260 C CG1 . VAL B 2 96  ? -6.482  -12.093 14.295  1.00 62.85  ? 165 VAL B CG1 1 
ATOM   1261 C CG2 . VAL B 2 96  ? -6.768  -9.679  13.750  1.00 66.88  ? 165 VAL B CG2 1 
ATOM   1262 N N   . ASP B 2 97  ? -10.695 -10.012 14.087  1.00 65.60  ? 166 ASP B N   1 
ATOM   1263 C CA  . ASP B 2 97  ? -11.584 -8.863  14.000  1.00 64.25  ? 166 ASP B CA  1 
ATOM   1264 C C   . ASP B 2 97  ? -10.969 -7.724  14.812  1.00 66.29  ? 166 ASP B C   1 
ATOM   1265 O O   . ASP B 2 97  ? -9.798  -7.782  15.180  1.00 73.48  ? 166 ASP B O   1 
ATOM   1266 C CB  . ASP B 2 97  ? -12.987 -9.201  14.490  1.00 70.33  ? 166 ASP B CB  1 
ATOM   1267 C CG  . ASP B 2 97  ? -13.035 -9.425  15.991  1.00 80.28  ? 166 ASP B CG  1 
ATOM   1268 O OD1 . ASP B 2 97  ? -12.079 -10.022 16.544  1.00 73.10  ? 166 ASP B OD1 1 
ATOM   1269 O OD2 . ASP B 2 97  ? -14.024 -8.985  16.617  1.00 85.09  ? 166 ASP B OD2 1 
ATOM   1270 N N   . ALA B 2 98  ? -11.752 -6.684  15.063  1.00 65.26  ? 167 ALA B N   1 
ATOM   1271 C CA  . ALA B 2 98  ? -11.258 -5.488  15.743  1.00 71.33  ? 167 ALA B CA  1 
ATOM   1272 C C   . ALA B 2 98  ? -11.032 -5.697  17.236  1.00 77.39  ? 167 ALA B C   1 
ATOM   1273 O O   . ALA B 2 98  ? -10.540 -4.805  17.935  1.00 79.53  ? 167 ALA B O   1 
ATOM   1274 C CB  . ALA B 2 98  ? -12.212 -4.321  15.506  1.00 71.14  ? 167 ALA B CB  1 
ATOM   1275 N N   . ASP B 2 99  ? -11.427 -6.866  17.726  1.00 83.43  ? 168 ASP B N   1 
ATOM   1276 C CA  . ASP B 2 99  ? -11.306 -7.188  19.146  1.00 83.48  ? 168 ASP B CA  1 
ATOM   1277 C C   . ASP B 2 99  ? -10.044 -7.979  19.419  1.00 81.91  ? 168 ASP B C   1 
ATOM   1278 O O   . ASP B 2 99  ? -9.811  -8.427  20.547  1.00 86.63  ? 168 ASP B O   1 
ATOM   1279 C CB  . ASP B 2 99  ? -12.542 -7.947  19.639  1.00 80.58  ? 168 ASP B CB  1 
ATOM   1280 C CG  . ASP B 2 99  ? -13.775 -7.072  19.660  1.00 82.62  ? 168 ASP B CG  1 
ATOM   1281 O OD1 . ASP B 2 99  ? -13.635 -5.895  20.047  1.00 84.20  ? 168 ASP B OD1 1 
ATOM   1282 O OD2 . ASP B 2 99  ? -14.870 -7.542  19.274  1.00 79.72  ? 168 ASP B OD2 1 
ATOM   1283 N N   . SER B 2 100 ? -9.241  -8.148  18.369  1.00 76.18  ? 169 SER B N   1 
ATOM   1284 C CA  . SER B 2 100 ? -8.049  -8.988  18.414  1.00 81.95  ? 169 SER B CA  1 
ATOM   1285 C C   . SER B 2 100 ? -8.467  -10.462 18.342  1.00 82.28  ? 169 SER B C   1 
ATOM   1286 O O   . SER B 2 100 ? -7.624  -11.358 18.270  1.00 81.13  ? 169 SER B O   1 
ATOM   1287 C CB  . SER B 2 100 ? -7.227  -8.707  19.683  1.00 79.43  ? 169 SER B CB  1 
ATOM   1288 O OG  . SER B 2 100 ? -7.418  -7.373  20.147  1.00 79.30  ? 169 SER B OG  1 
ATOM   1289 N N   . LYS B 2 101 ? -9.782  -10.690 18.363  1.00 81.68  ? 170 LYS B N   1 
ATOM   1290 C CA  . LYS B 2 101 ? -10.367 -12.026 18.394  1.00 78.55  ? 170 LYS B CA  1 
ATOM   1291 C C   . LYS B 2 101 ? -10.328 -12.719 17.035  1.00 75.71  ? 170 LYS B C   1 
ATOM   1292 O O   . LYS B 2 101 ? -10.809 -12.170 16.048  1.00 80.46  ? 170 LYS B O   1 
ATOM   1293 C CB  . LYS B 2 101 ? -11.809 -11.923 18.879  1.00 77.98  ? 170 LYS B CB  1 
ATOM   1294 C CG  . LYS B 2 101 ? -11.943 -11.297 20.256  1.00 86.91  ? 170 LYS B CG  1 
ATOM   1295 C CD  . LYS B 2 101 ? -11.519 -12.279 21.353  1.00 94.38  ? 170 LYS B CD  1 
ATOM   1296 C CE  . LYS B 2 101 ? -12.008 -11.837 22.735  1.00 99.74  ? 170 LYS B CE  1 
ATOM   1297 N NZ  . LYS B 2 101 ? -11.725 -12.846 23.809  1.00 93.87  ? 170 LYS B NZ  1 
ATOM   1298 N N   . ILE B 2 102 ? -9.751  -13.915 16.999  1.00 70.72  ? 171 ILE B N   1 
ATOM   1299 C CA  . ILE B 2 102 ? -9.633  -14.686 15.766  1.00 72.40  ? 171 ILE B CA  1 
ATOM   1300 C C   . ILE B 2 102 ? -10.969 -14.871 15.056  1.00 76.31  ? 171 ILE B C   1 
ATOM   1301 O O   . ILE B 2 102 ? -12.032 -14.670 15.643  1.00 71.11  ? 171 ILE B O   1 
ATOM   1302 C CB  . ILE B 2 102 ? -9.014  -16.072 16.028  1.00 75.81  ? 171 ILE B CB  1 
ATOM   1303 C CG1 . ILE B 2 102 ? -7.703  -15.932 16.803  1.00 83.19  ? 171 ILE B CG1 1 
ATOM   1304 C CG2 . ILE B 2 102 ? -8.787  -16.809 14.718  1.00 64.93  ? 171 ILE B CG2 1 
ATOM   1305 C CD1 . ILE B 2 102 ? -6.679  -15.057 16.113  1.00 86.79  ? 171 ILE B CD1 1 
ATOM   1306 N N   . VAL B 2 103 ? -10.900 -15.257 13.787  1.00 68.52  ? 172 VAL B N   1 
ATOM   1307 C CA  . VAL B 2 103 ? -12.088 -15.478 12.975  1.00 66.34  ? 172 VAL B CA  1 
ATOM   1308 C C   . VAL B 2 103 ? -11.789 -16.479 11.866  1.00 70.36  ? 172 VAL B C   1 
ATOM   1309 O O   . VAL B 2 103 ? -10.888 -16.268 11.056  1.00 68.89  ? 172 VAL B O   1 
ATOM   1310 C CB  . VAL B 2 103 ? -12.591 -14.165 12.345  1.00 64.37  ? 172 VAL B CB  1 
ATOM   1311 C CG1 . VAL B 2 103 ? -13.728 -14.442 11.374  1.00 68.97  ? 172 VAL B CG1 1 
ATOM   1312 C CG2 . VAL B 2 103 ? -13.032 -13.192 13.427  1.00 64.63  ? 172 VAL B CG2 1 
ATOM   1313 N N   . GLN B 2 104 ? -12.548 -17.570 11.835  1.00 71.12  ? 173 GLN B N   1 
ATOM   1314 C CA  . GLN B 2 104 ? -12.360 -18.602 10.823  1.00 66.83  ? 173 GLN B CA  1 
ATOM   1315 C C   . GLN B 2 104 ? -12.862 -18.128 9.463   1.00 70.76  ? 173 GLN B C   1 
ATOM   1316 O O   . GLN B 2 104 ? -13.801 -17.338 9.380   1.00 68.55  ? 173 GLN B O   1 
ATOM   1317 C CB  . GLN B 2 104 ? -13.074 -19.892 11.231  1.00 77.99  ? 173 GLN B CB  1 
ATOM   1318 N N   . LEU B 2 105 ? -12.229 -18.614 8.401   1.00 63.19  ? 174 LEU B N   1 
ATOM   1319 C CA  . LEU B 2 105 ? -12.609 -18.236 7.045   1.00 70.14  ? 174 LEU B CA  1 
ATOM   1320 C C   . LEU B 2 105 ? -14.051 -18.621 6.735   1.00 77.05  ? 174 LEU B C   1 
ATOM   1321 O O   . LEU B 2 105 ? -14.696 -18.009 5.885   1.00 81.25  ? 174 LEU B O   1 
ATOM   1322 C CB  . LEU B 2 105 ? -11.667 -18.882 6.028   1.00 71.83  ? 174 LEU B CB  1 
ATOM   1323 C CG  . LEU B 2 105 ? -10.194 -18.478 6.114   1.00 76.18  ? 174 LEU B CG  1 
ATOM   1324 C CD1 . LEU B 2 105 ? -9.400  -19.098 4.975   1.00 77.75  ? 174 LEU B CD1 1 
ATOM   1325 C CD2 . LEU B 2 105 ? -10.052 -16.965 6.110   1.00 70.65  ? 174 LEU B CD2 1 
ATOM   1326 N N   . SER B 2 106 ? -14.552 -19.637 7.429   1.00 74.58  ? 175 SER B N   1 
ATOM   1327 C CA  . SER B 2 106 ? -15.914 -20.101 7.222   1.00 69.04  ? 175 SER B CA  1 
ATOM   1328 C C   . SER B 2 106 ? -16.920 -19.208 7.936   1.00 61.74  ? 175 SER B C   1 
ATOM   1329 O O   . SER B 2 106 ? -18.072 -19.142 7.542   1.00 67.34  ? 175 SER B O   1 
ATOM   1330 C CB  . SER B 2 106 ? -16.071 -21.534 7.718   1.00 69.66  ? 175 SER B CB  1 
ATOM   1331 O OG  . SER B 2 106 ? -16.174 -21.529 9.129   1.00 77.17  ? 175 SER B OG  1 
ATOM   1332 N N   . GLU B 2 107 ? -16.513 -18.523 8.991   1.00 63.39  ? 176 GLU B N   1 
ATOM   1333 C CA  . GLU B 2 107 ? -17.443 -17.575 9.602   1.00 65.04  ? 176 GLU B CA  1 
ATOM   1334 C C   . GLU B 2 107 ? -17.652 -16.366 8.685   1.00 71.61  ? 176 GLU B C   1 
ATOM   1335 O O   . GLU B 2 107 ? -18.511 -15.523 8.965   1.00 65.29  ? 176 GLU B O   1 
ATOM   1336 C CB  . GLU B 2 107 ? -16.948 -17.033 10.944  1.00 73.12  ? 176 GLU B CB  1 
ATOM   1337 C CG  . GLU B 2 107 ? -16.438 -18.016 11.981  1.00 71.33  ? 176 GLU B CG  1 
ATOM   1338 C CD  . GLU B 2 107 ? -15.923 -17.272 13.214  1.00 65.63  ? 176 GLU B CD  1 
ATOM   1339 O OE1 . GLU B 2 107 ? -16.439 -16.165 13.495  1.00 72.96  ? 176 GLU B OE1 1 
ATOM   1340 O OE2 . GLU B 2 107 ? -15.005 -17.776 13.899  1.00 75.29  ? 176 GLU B OE2 1 
ATOM   1341 N N   . ILE B 2 108 ? -16.852 -16.232 7.625   1.00 62.41  ? 177 ILE B N   1 
ATOM   1342 C CA  . ILE B 2 108 ? -16.972 -15.019 6.822   1.00 70.21  ? 177 ILE B CA  1 
ATOM   1343 C C   . ILE B 2 108 ? -17.785 -15.357 5.573   1.00 67.69  ? 177 ILE B C   1 
ATOM   1344 O O   . ILE B 2 108 ? -17.244 -15.809 4.558   1.00 64.93  ? 177 ILE B O   1 
ATOM   1345 C CB  . ILE B 2 108 ? -15.556 -14.478 6.410   1.00 69.37  ? 177 ILE B CB  1 
ATOM   1346 C CG1 . ILE B 2 108 ? -14.609 -14.423 7.619   1.00 62.25  ? 177 ILE B CG1 1 
ATOM   1347 C CG2 . ILE B 2 108 ? -15.655 -13.112 5.734   1.00 53.32  ? 177 ILE B CG2 1 
ATOM   1348 C CD1 . ILE B 2 108 ? -13.138 -14.108 7.246   1.00 61.30  ? 177 ILE B CD1 1 
ATOM   1349 N N   . ASN B 2 109 ? -19.076 -15.035 5.628   1.00 65.34  ? 178 ASN B N   1 
ATOM   1350 C CA  . ASN B 2 109 ? -20.026 -15.439 4.597   1.00 64.81  ? 178 ASN B CA  1 
ATOM   1351 C C   . ASN B 2 109 ? -21.161 -14.457 4.644   1.00 62.21  ? 178 ASN B C   1 
ATOM   1352 O O   . ASN B 2 109 ? -21.349 -13.787 5.660   1.00 59.70  ? 178 ASN B O   1 
ATOM   1353 C CB  . ASN B 2 109 ? -20.542 -16.866 4.821   1.00 65.83  ? 178 ASN B CB  1 
ATOM   1354 C CG  . ASN B 2 109 ? -21.059 -17.079 6.228   1.00 71.21  ? 178 ASN B CG  1 
ATOM   1355 O OD1 . ASN B 2 109 ? -21.886 -16.308 6.725   1.00 74.31  ? 178 ASN B OD1 1 
ATOM   1356 N ND2 . ASN B 2 109 ? -20.554 -18.112 6.890   1.00 64.30  ? 178 ASN B ND2 1 
ATOM   1357 N N   . MET B 2 110 ? -21.917 -14.372 3.554   1.00 67.18  ? 179 MET B N   1 
ATOM   1358 C CA  . MET B 2 110 ? -22.861 -13.274 3.398   1.00 71.97  ? 179 MET B CA  1 
ATOM   1359 C C   . MET B 2 110 ? -23.844 -13.198 4.553   1.00 67.69  ? 179 MET B C   1 
ATOM   1360 O O   . MET B 2 110 ? -24.257 -12.113 4.965   1.00 70.14  ? 179 MET B O   1 
ATOM   1361 C CB  . MET B 2 110 ? -23.599 -13.343 2.062   1.00 72.25  ? 179 MET B CB  1 
ATOM   1362 C CG  . MET B 2 110 ? -24.375 -12.059 1.777   1.00 64.35  ? 179 MET B CG  1 
ATOM   1363 S SD  . MET B 2 110 ? -24.640 -11.779 0.026   1.00 80.41  ? 179 MET B SD  1 
ATOM   1364 C CE  . MET B 2 110 ? -23.004 -12.035 -0.664  1.00 75.12  ? 179 MET B CE  1 
ATOM   1365 N N   . ASP B 2 111 ? -24.197 -14.363 5.082   1.00 73.44  ? 180 ASP B N   1 
ATOM   1366 C CA  . ASP B 2 111 ? -25.150 -14.446 6.181   1.00 75.93  ? 180 ASP B CA  1 
ATOM   1367 C C   . ASP B 2 111 ? -24.542 -13.940 7.477   1.00 74.26  ? 180 ASP B C   1 
ATOM   1368 O O   . ASP B 2 111 ? -25.093 -13.052 8.135   1.00 76.01  ? 180 ASP B O   1 
ATOM   1369 C CB  . ASP B 2 111 ? -25.630 -15.892 6.363   1.00 78.46  ? 180 ASP B CB  1 
ATOM   1370 C CG  . ASP B 2 111 ? -25.925 -16.574 5.040   1.00 90.85  ? 180 ASP B CG  1 
ATOM   1371 O OD1 . ASP B 2 111 ? -24.963 -17.076 4.392   1.00 90.45  ? 180 ASP B OD1 1 
ATOM   1372 O OD2 . ASP B 2 111 ? -27.117 -16.581 4.645   1.00 75.76  ? 180 ASP B OD2 1 
ATOM   1373 N N   . ASN B 2 112 ? -23.399 -14.509 7.839   1.00 63.73  ? 181 ASN B N   1 
ATOM   1374 C CA  . ASN B 2 112 ? -22.812 -14.214 9.133   1.00 66.81  ? 181 ASN B CA  1 
ATOM   1375 C C   . ASN B 2 112 ? -22.082 -12.881 9.167   1.00 70.39  ? 181 ASN B C   1 
ATOM   1376 O O   . ASN B 2 112 ? -21.727 -12.404 10.238  1.00 66.15  ? 181 ASN B O   1 
ATOM   1377 C CB  . ASN B 2 112 ? -21.854 -15.327 9.567   1.00 70.04  ? 181 ASN B CB  1 
ATOM   1378 C CG  . ASN B 2 112 ? -21.426 -15.178 11.014  1.00 69.71  ? 181 ASN B CG  1 
ATOM   1379 O OD1 . ASN B 2 112 ? -22.220 -14.760 11.859  1.00 72.71  ? 181 ASN B OD1 1 
ATOM   1380 N ND2 . ASN B 2 112 ? -20.174 -15.503 11.305  1.00 69.07  ? 181 ASN B ND2 1 
ATOM   1381 N N   . SER B 2 113 ? -21.865 -12.291 7.991   1.00 75.46  ? 182 SER B N   1 
ATOM   1382 C CA  . SER B 2 113 ? -21.029 -11.093 7.842   1.00 67.73  ? 182 SER B CA  1 
ATOM   1383 C C   . SER B 2 113 ? -21.397 -9.909  8.750   1.00 66.84  ? 182 SER B C   1 
ATOM   1384 O O   . SER B 2 113 ? -20.520 -9.335  9.397   1.00 62.64  ? 182 SER B O   1 
ATOM   1385 C CB  . SER B 2 113 ? -20.967 -10.654 6.364   1.00 73.04  ? 182 SER B CB  1 
ATOM   1386 O OG  . SER B 2 113 ? -20.223 -9.457  6.199   1.00 70.16  ? 182 SER B OG  1 
ATOM   1387 N N   . PRO B 2 114 ? -22.687 -9.529  8.799   1.00 74.89  ? 183 PRO B N   1 
ATOM   1388 C CA  . PRO B 2 114 ? -23.047 -8.420  9.701   1.00 69.68  ? 183 PRO B CA  1 
ATOM   1389 C C   . PRO B 2 114 ? -22.837 -8.749  11.185  1.00 68.85  ? 183 PRO B C   1 
ATOM   1390 O O   . PRO B 2 114 ? -22.853 -7.845  12.021  1.00 71.56  ? 183 PRO B O   1 
ATOM   1391 C CB  . PRO B 2 114 ? -24.523 -8.137  9.374   1.00 58.38  ? 183 PRO B CB  1 
ATOM   1392 C CG  . PRO B 2 114 ? -24.997 -9.318  8.588   1.00 67.02  ? 183 PRO B CG  1 
ATOM   1393 C CD  . PRO B 2 114 ? -23.811 -9.952  7.941   1.00 73.14  ? 183 PRO B CD  1 
ATOM   1394 N N   . ASN B 2 115 ? -22.651 -10.030 11.498  1.00 62.46  ? 184 ASN B N   1 
ATOM   1395 C CA  . ASN B 2 115 ? -22.339 -10.479 12.865  1.00 75.09  ? 184 ASN B CA  1 
ATOM   1396 C C   . ASN B 2 115 ? -20.890 -10.240 13.317  1.00 74.04  ? 184 ASN B C   1 
ATOM   1397 O O   . ASN B 2 115 ? -20.536 -10.487 14.478  1.00 72.13  ? 184 ASN B O   1 
ATOM   1398 C CB  . ASN B 2 115 ? -22.651 -11.973 13.029  1.00 73.57  ? 184 ASN B CB  1 
ATOM   1399 C CG  . ASN B 2 115 ? -24.091 -12.313 12.703  1.00 71.48  ? 184 ASN B CG  1 
ATOM   1400 O OD1 . ASN B 2 115 ? -25.017 -11.681 13.226  1.00 64.34  ? 184 ASN B OD1 1 
ATOM   1401 N ND2 . ASN B 2 115 ? -24.291 -13.314 11.835  1.00 63.78  ? 184 ASN B ND2 1 
ATOM   1402 N N   . LEU B 2 116 ? -20.055 -9.766  12.401  1.00 73.77  ? 185 LEU B N   1 
ATOM   1403 C CA  . LEU B 2 116 ? -18.627 -9.630  12.668  1.00 73.55  ? 185 LEU B CA  1 
ATOM   1404 C C   . LEU B 2 116 ? -18.264 -8.195  13.031  1.00 74.18  ? 185 LEU B C   1 
ATOM   1405 O O   . LEU B 2 116 ? -18.935 -7.249  12.606  1.00 70.43  ? 185 LEU B O   1 
ATOM   1406 C CB  . LEU B 2 116 ? -17.812 -10.109 11.466  1.00 70.26  ? 185 LEU B CB  1 
ATOM   1407 C CG  . LEU B 2 116 ? -17.854 -11.617 11.255  1.00 70.46  ? 185 LEU B CG  1 
ATOM   1408 C CD1 . LEU B 2 116 ? -17.162 -12.007 9.965   1.00 56.82  ? 185 LEU B CD1 1 
ATOM   1409 C CD2 . LEU B 2 116 ? -17.223 -12.309 12.460  1.00 79.97  ? 185 LEU B CD2 1 
ATOM   1410 N N   . ALA B 2 117 ? -17.234 -8.026  13.853  1.00 67.37  ? 186 ALA B N   1 
ATOM   1411 C CA  . ALA B 2 117 ? -16.741 -6.677  14.101  1.00 80.94  ? 186 ALA B CA  1 
ATOM   1412 C C   . ALA B 2 117 ? -15.633 -6.365  13.100  1.00 75.08  ? 186 ALA B C   1 
ATOM   1413 O O   . ALA B 2 117 ? -14.503 -6.848  13.224  1.00 71.45  ? 186 ALA B O   1 
ATOM   1414 C CB  . ALA B 2 117 ? -16.219 -6.540  15.533  1.00 69.02  ? 186 ALA B CB  1 
ATOM   1415 N N   . TRP B 2 118 ? -15.977 -5.517  12.133  1.00 68.06  ? 187 TRP B N   1 
ATOM   1416 C CA  . TRP B 2 118 ? -15.071 -5.071  11.094  1.00 66.06  ? 187 TRP B CA  1 
ATOM   1417 C C   . TRP B 2 118 ? -14.348 -3.804  11.554  1.00 72.85  ? 187 TRP B C   1 
ATOM   1418 O O   . TRP B 2 118 ? -14.804 -3.123  12.473  1.00 70.52  ? 187 TRP B O   1 
ATOM   1419 C CB  . TRP B 2 118 ? -15.836 -4.810  9.794   1.00 60.76  ? 187 TRP B CB  1 
ATOM   1420 C CG  . TRP B 2 118 ? -16.468 -6.055  9.175   1.00 64.09  ? 187 TRP B CG  1 
ATOM   1421 C CD1 . TRP B 2 118 ? -17.665 -6.626  9.519   1.00 70.06  ? 187 TRP B CD1 1 
ATOM   1422 C CD2 . TRP B 2 118 ? -15.946 -6.852  8.096   1.00 62.86  ? 187 TRP B CD2 1 
ATOM   1423 N NE1 . TRP B 2 118 ? -17.904 -7.735  8.740   1.00 60.11  ? 187 TRP B NE1 1 
ATOM   1424 C CE2 . TRP B 2 118 ? -16.867 -7.892  7.859   1.00 59.17  ? 187 TRP B CE2 1 
ATOM   1425 C CE3 . TRP B 2 118 ? -14.780 -6.796  7.318   1.00 54.12  ? 187 TRP B CE3 1 
ATOM   1426 C CZ2 . TRP B 2 118 ? -16.667 -8.856  6.872   1.00 61.91  ? 187 TRP B CZ2 1 
ATOM   1427 C CZ3 . TRP B 2 118 ? -14.582 -7.757  6.352   1.00 52.82  ? 187 TRP B CZ3 1 
ATOM   1428 C CH2 . TRP B 2 118 ? -15.523 -8.771  6.131   1.00 54.14  ? 187 TRP B CH2 1 
ATOM   1429 N N   . PRO B 2 119 ? -13.204 -3.490  10.930  1.00 66.27  ? 188 PRO B N   1 
ATOM   1430 C CA  . PRO B 2 119 ? -12.596 -4.284  9.856   1.00 60.70  ? 188 PRO B CA  1 
ATOM   1431 C C   . PRO B 2 119 ? -11.907 -5.509  10.408  1.00 57.73  ? 188 PRO B C   1 
ATOM   1432 O O   . PRO B 2 119 ? -11.594 -5.552  11.599  1.00 56.26  ? 188 PRO B O   1 
ATOM   1433 C CB  . PRO B 2 119 ? -11.533 -3.338  9.290   1.00 63.09  ? 188 PRO B CB  1 
ATOM   1434 C CG  . PRO B 2 119 ? -11.133 -2.501  10.476  1.00 64.27  ? 188 PRO B CG  1 
ATOM   1435 C CD  . PRO B 2 119 ? -12.423 -2.274  11.227  1.00 68.82  ? 188 PRO B CD  1 
ATOM   1436 N N   . LEU B 2 120 ? -11.726 -6.502  9.546   1.00 52.15  ? 189 LEU B N   1 
ATOM   1437 C CA  . LEU B 2 120 ? -10.854 -7.625  9.801   1.00 50.99  ? 189 LEU B CA  1 
ATOM   1438 C C   . LEU B 2 120 ? -9.389  -7.310  9.469   1.00 60.15  ? 189 LEU B C   1 
ATOM   1439 O O   . LEU B 2 120 ? -9.087  -6.427  8.657   1.00 55.39  ? 189 LEU B O   1 
ATOM   1440 C CB  . LEU B 2 120 ? -11.299 -8.809  8.963   1.00 54.31  ? 189 LEU B CB  1 
ATOM   1441 C CG  . LEU B 2 120 ? -12.731 -9.265  9.169   1.00 57.08  ? 189 LEU B CG  1 
ATOM   1442 C CD1 . LEU B 2 120 ? -12.873 -10.645 8.538   1.00 56.80  ? 189 LEU B CD1 1 
ATOM   1443 C CD2 . LEU B 2 120 ? -13.054 -9.295  10.654  1.00 54.35  ? 189 LEU B CD2 1 
ATOM   1444 N N   . ILE B 2 121 ? -8.478  -8.052  10.082  1.00 55.43  ? 190 ILE B N   1 
ATOM   1445 C CA  . ILE B 2 121 ? -7.080  -8.004  9.688   1.00 49.32  ? 190 ILE B CA  1 
ATOM   1446 C C   . ILE B 2 121 ? -6.623  -9.366  9.236   1.00 52.91  ? 190 ILE B C   1 
ATOM   1447 O O   . ILE B 2 121 ? -6.673  -10.337 9.992   1.00 58.31  ? 190 ILE B O   1 
ATOM   1448 C CB  . ILE B 2 121 ? -6.159  -7.506  10.810  1.00 54.99  ? 190 ILE B CB  1 
ATOM   1449 C CG1 . ILE B 2 121 ? -6.533  -6.069  11.204  1.00 49.54  ? 190 ILE B CG1 1 
ATOM   1450 C CG2 . ILE B 2 121 ? -4.685  -7.641  10.373  1.00 53.17  ? 190 ILE B CG2 1 
ATOM   1451 C CD1 . ILE B 2 121 ? -5.642  -5.455  12.263  1.00 69.06  ? 190 ILE B CD1 1 
ATOM   1452 N N   . VAL B 2 122 ? -6.194  -9.418  7.979   1.00 55.89  ? 191 VAL B N   1 
ATOM   1453 C CA  . VAL B 2 122 ? -5.673  -10.621 7.379   1.00 53.45  ? 191 VAL B CA  1 
ATOM   1454 C C   . VAL B 2 122 ? -4.148  -10.619 7.479   1.00 59.50  ? 191 VAL B C   1 
ATOM   1455 O O   . VAL B 2 122 ? -3.497  -9.641  7.112   1.00 59.34  ? 191 VAL B O   1 
ATOM   1456 C CB  . VAL B 2 122 ? -6.077  -10.686 5.906   1.00 57.06  ? 191 VAL B CB  1 
ATOM   1457 C CG1 . VAL B 2 122 ? -5.511  -11.925 5.260   1.00 63.16  ? 191 VAL B CG1 1 
ATOM   1458 C CG2 . VAL B 2 122 ? -7.602  -10.653 5.785   1.00 65.30  ? 191 VAL B CG2 1 
ATOM   1459 N N   . THR B 2 123 ? -3.607  -11.711 8.004   1.00 59.22  ? 192 THR B N   1 
ATOM   1460 C CA  . THR B 2 123 ? -2.177  -11.978 8.070   1.00 61.56  ? 192 THR B CA  1 
ATOM   1461 C C   . THR B 2 123 ? -1.884  -13.148 7.139   1.00 63.84  ? 192 THR B C   1 
ATOM   1462 O O   . THR B 2 123 ? -2.493  -14.217 7.275   1.00 74.30  ? 192 THR B O   1 
ATOM   1463 C CB  . THR B 2 123 ? -1.779  -12.410 9.492   1.00 62.94  ? 192 THR B CB  1 
ATOM   1464 O OG1 . THR B 2 123 ? -2.159  -11.396 10.428  1.00 59.11  ? 192 THR B OG1 1 
ATOM   1465 C CG2 . THR B 2 123 ? -0.294  -12.671 9.590   1.00 60.96  ? 192 THR B CG2 1 
ATOM   1466 N N   . ALA B 2 124 ? -0.941  -12.972 6.220   1.00 60.56  ? 193 ALA B N   1 
ATOM   1467 C CA  . ALA B 2 124 ? -0.725  -13.965 5.178   1.00 60.42  ? 193 ALA B CA  1 
ATOM   1468 C C   . ALA B 2 124 ? 0.697   -14.010 4.647   1.00 65.86  ? 193 ALA B C   1 
ATOM   1469 O O   . ALA B 2 124 ? 1.420   -13.022 4.684   1.00 67.98  ? 193 ALA B O   1 
ATOM   1470 C CB  . ALA B 2 124 ? -1.711  -13.736 4.024   1.00 71.33  ? 193 ALA B CB  1 
ATOM   1471 N N   . LEU B 2 125 ? 1.088   -15.163 4.122   1.00 62.66  ? 194 LEU B N   1 
ATOM   1472 C CA  . LEU B 2 125 ? 2.437   -15.339 3.628   1.00 67.60  ? 194 LEU B CA  1 
ATOM   1473 C C   . LEU B 2 125 ? 2.454   -15.339 2.121   1.00 63.98  ? 194 LEU B C   1 
ATOM   1474 O O   . LEU B 2 125 ? 1.531   -15.798 1.472   1.00 71.50  ? 194 LEU B O   1 
ATOM   1475 C CB  . LEU B 2 125 ? 3.037   -16.648 4.131   1.00 65.60  ? 194 LEU B CB  1 
ATOM   1476 C CG  . LEU B 2 125 ? 2.846   -17.019 5.594   1.00 77.47  ? 194 LEU B CG  1 
ATOM   1477 C CD1 . LEU B 2 125 ? 3.932   -18.022 5.991   1.00 76.98  ? 194 LEU B CD1 1 
ATOM   1478 C CD2 . LEU B 2 125 ? 2.864   -15.791 6.504   1.00 76.08  ? 194 LEU B CD2 1 
ATOM   1479 N N   . ARG B 2 126 ? 3.524   -14.833 1.550   1.00 66.92  ? 195 ARG B N   1 
ATOM   1480 C CA  . ARG B 2 126 ? 3.594   -14.777 0.113   1.00 66.62  ? 195 ARG B CA  1 
ATOM   1481 C C   . ARG B 2 126 ? 3.735   -16.185 -0.471  1.00 74.02  ? 195 ARG B C   1 
ATOM   1482 O O   . ARG B 2 126 ? 4.401   -17.053 0.108   1.00 73.18  ? 195 ARG B O   1 
ATOM   1483 C CB  . ARG B 2 126 ? 4.748   -13.874 -0.300  1.00 56.72  ? 195 ARG B CB  1 
ATOM   1484 C CG  . ARG B 2 126 ? 4.616   -13.322 -1.689  1.00 58.14  ? 195 ARG B CG  1 
ATOM   1485 C CD  . ARG B 2 126 ? 5.697   -12.310 -1.980  1.00 57.76  ? 195 ARG B CD  1 
ATOM   1486 N NE  . ARG B 2 126 ? 5.681   -11.945 -3.391  1.00 65.92  ? 195 ARG B NE  1 
ATOM   1487 C CZ  . ARG B 2 126 ? 5.368   -10.741 -3.859  1.00 60.42  ? 195 ARG B CZ  1 
ATOM   1488 N NH1 . ARG B 2 126 ? 5.064   -9.759  -3.023  1.00 63.05  ? 195 ARG B NH1 1 
ATOM   1489 N NH2 . ARG B 2 126 ? 5.376   -10.517 -5.169  1.00 63.90  ? 195 ARG B NH2 1 
ATOM   1490 N N   . ALA B 2 127 ? 3.056   -16.418 -1.590  1.00 70.92  ? 196 ALA B N   1 
ATOM   1491 C CA  . ALA B 2 127 ? 3.353   -17.547 -2.460  1.00 77.79  ? 196 ALA B CA  1 
ATOM   1492 C C   . ALA B 2 127 ? 4.417   -17.089 -3.491  1.00 86.64  ? 196 ALA B C   1 
ATOM   1493 O O   . ALA B 2 127 ? 4.370   -15.942 -3.940  1.00 88.75  ? 196 ALA B O   1 
ATOM   1494 C CB  . ALA B 2 127 ? 2.096   -18.016 -3.138  1.00 72.44  ? 196 ALA B CB  1 
HETATM 1495 O O   . HOH C 3 .   ? 11.923  12.883  8.055   1.00 47.75  ? 101 HOH A O   1 
HETATM 1496 O O   . HOH C 3 .   ? 14.514  11.815  -2.208  1.00 39.48  ? 102 HOH A O   1 
HETATM 1497 O O   . HOH C 3 .   ? 12.677  17.194  -2.698  1.00 47.72  ? 103 HOH A O   1 
HETATM 1498 O O   . HOH D 3 .   ? -26.561 -16.048 2.435   1.00 61.36  ? 301 HOH B O   1 
HETATM 1499 O O   . HOH D 3 .   ? -11.910 -11.025 -6.988  1.00 56.01  ? 302 HOH B O   1 
HETATM 1500 O O   . HOH D 3 .   ? 1.049   2.579   -11.684 1.00 50.27  ? 303 HOH B O   1 
HETATM 1501 O O   . HOH D 3 .   ? -3.476  -0.939  -0.151  1.00 36.99  ? 304 HOH B O   1 
HETATM 1502 O O   . HOH D 3 .   ? 1.975   19.278  -8.536  1.00 45.42  ? 305 HOH B O   1 
# 
